data_2RPA
#
_entry.id   2RPA
#
_entity_poly.entity_id   1
_entity_poly.type   'polypeptide(L)'
_entity_poly.pdbx_seq_one_letter_code
;GSDHMTMSLQMIVENVKLAREYALLGNYDSAMVYYQGVLDQMNKYLYSVKDTHLRQKWQQVWQEINVEAKQVKDIMKT
;
_entity_poly.pdbx_strand_id   A
#
# COMPACT_ATOMS: atom_id res chain seq x y z
N SER A 2 -15.11 -6.64 6.42
CA SER A 2 -15.25 -6.81 4.98
C SER A 2 -16.37 -5.94 4.44
N ASP A 3 -16.01 -4.83 3.81
CA ASP A 3 -16.99 -3.91 3.25
C ASP A 3 -16.47 -3.31 1.94
N HIS A 4 -17.37 -3.17 0.97
CA HIS A 4 -17.01 -2.61 -0.33
C HIS A 4 -17.63 -1.22 -0.51
N MET A 5 -16.79 -0.28 -0.94
CA MET A 5 -17.24 1.10 -1.16
C MET A 5 -17.18 1.47 -2.64
N THR A 6 -17.51 2.72 -2.94
CA THR A 6 -17.48 3.21 -4.31
C THR A 6 -16.19 2.79 -5.01
N MET A 7 -16.33 2.15 -6.17
CA MET A 7 -15.17 1.70 -6.94
C MET A 7 -14.02 2.70 -6.82
N SER A 8 -12.97 2.29 -6.12
CA SER A 8 -11.81 3.15 -5.92
C SER A 8 -10.66 2.37 -5.28
N LEU A 9 -9.52 3.03 -5.13
CA LEU A 9 -8.35 2.41 -4.53
C LEU A 9 -8.23 2.76 -3.05
N GLN A 10 -9.26 3.43 -2.53
CA GLN A 10 -9.27 3.84 -1.13
C GLN A 10 -9.11 2.64 -0.22
N MET A 11 -9.93 1.62 -0.43
CA MET A 11 -9.88 0.40 0.37
C MET A 11 -8.47 -0.19 0.38
N ILE A 12 -7.66 0.22 -0.59
CA ILE A 12 -6.30 -0.27 -0.69
C ILE A 12 -5.32 0.68 0.00
N VAL A 13 -5.19 1.89 -0.53
CA VAL A 13 -4.30 2.88 0.05
C VAL A 13 -4.61 3.12 1.52
N GLU A 14 -5.89 2.99 1.87
CA GLU A 14 -6.32 3.19 3.25
C GLU A 14 -5.56 2.27 4.20
N ASN A 15 -5.29 1.05 3.74
CA ASN A 15 -4.57 0.08 4.55
C ASN A 15 -3.20 0.61 4.96
N VAL A 16 -2.57 1.36 4.06
CA VAL A 16 -1.26 1.94 4.32
C VAL A 16 -1.27 2.77 5.60
N LYS A 17 -2.24 3.66 5.71
CA LYS A 17 -2.36 4.52 6.88
C LYS A 17 -2.42 3.69 8.16
N LEU A 18 -3.04 2.53 8.07
CA LEU A 18 -3.17 1.64 9.22
C LEU A 18 -1.83 1.01 9.57
N ALA A 19 -1.12 0.52 8.55
CA ALA A 19 0.18 -0.11 8.75
C ALA A 19 1.20 0.91 9.26
N ARG A 20 1.12 2.13 8.74
CA ARG A 20 2.04 3.19 9.15
C ARG A 20 1.86 3.54 10.63
N GLU A 21 0.63 3.43 11.11
CA GLU A 21 0.33 3.72 12.50
C GLU A 21 0.93 2.67 13.42
N TYR A 22 0.98 1.43 12.96
CA TYR A 22 1.53 0.34 13.74
C TYR A 22 3.05 0.45 13.85
N ALA A 23 3.69 0.84 12.75
CA ALA A 23 5.14 0.99 12.73
C ALA A 23 5.60 2.01 13.77
N LEU A 24 4.76 3.02 14.01
CA LEU A 24 5.08 4.05 14.99
C LEU A 24 4.95 3.53 16.41
N LEU A 25 3.79 2.97 16.72
CA LEU A 25 3.52 2.42 18.04
C LEU A 25 4.64 1.48 18.48
N GLY A 26 5.13 0.68 17.53
CA GLY A 26 6.19 -0.25 17.83
C GLY A 26 6.02 -1.58 17.10
N ASN A 27 4.84 -1.80 16.55
CA ASN A 27 4.55 -3.03 15.81
C ASN A 27 4.83 -2.85 14.32
N TYR A 28 6.08 -3.09 13.92
CA TYR A 28 6.48 -2.96 12.54
C TYR A 28 6.11 -4.21 11.74
N ASP A 29 6.25 -5.37 12.37
CA ASP A 29 5.93 -6.64 11.73
C ASP A 29 4.52 -6.62 11.16
N SER A 30 3.60 -5.97 11.87
CA SER A 30 2.22 -5.87 11.42
C SER A 30 2.09 -4.96 10.21
N ALA A 31 3.00 -3.99 10.12
CA ALA A 31 2.99 -3.04 9.00
C ALA A 31 3.48 -3.71 7.72
N MET A 32 4.42 -4.64 7.86
CA MET A 32 4.98 -5.34 6.71
C MET A 32 3.90 -6.16 6.00
N VAL A 33 3.26 -7.05 6.75
CA VAL A 33 2.20 -7.90 6.20
C VAL A 33 1.13 -7.06 5.51
N TYR A 34 0.81 -5.92 6.11
CA TYR A 34 -0.20 -5.02 5.56
C TYR A 34 0.30 -4.35 4.29
N TYR A 35 1.48 -3.76 4.36
CA TYR A 35 2.07 -3.08 3.21
C TYR A 35 2.15 -4.01 2.01
N GLN A 36 2.72 -5.20 2.22
CA GLN A 36 2.86 -6.18 1.15
C GLN A 36 1.51 -6.46 0.50
N GLY A 37 0.44 -6.41 1.30
CA GLY A 37 -0.88 -6.67 0.78
C GLY A 37 -1.40 -5.52 -0.07
N VAL A 38 -1.28 -4.30 0.45
CA VAL A 38 -1.75 -3.12 -0.27
C VAL A 38 -1.11 -3.02 -1.65
N LEU A 39 0.22 -3.11 -1.68
CA LEU A 39 0.95 -3.03 -2.94
C LEU A 39 0.46 -4.09 -3.92
N ASP A 40 0.19 -5.29 -3.42
CA ASP A 40 -0.29 -6.38 -4.25
C ASP A 40 -1.68 -6.07 -4.80
N GLN A 41 -2.56 -5.58 -3.95
CA GLN A 41 -3.92 -5.24 -4.35
C GLN A 41 -3.92 -4.01 -5.27
N MET A 42 -2.97 -3.11 -5.05
CA MET A 42 -2.86 -1.90 -5.85
C MET A 42 -2.54 -2.24 -7.30
N ASN A 43 -1.54 -3.10 -7.50
CA ASN A 43 -1.14 -3.50 -8.84
C ASN A 43 -2.32 -4.04 -9.63
N LYS A 44 -3.08 -4.93 -9.01
CA LYS A 44 -4.25 -5.52 -9.65
C LYS A 44 -5.18 -4.44 -10.21
N TYR A 45 -5.27 -3.33 -9.49
CA TYR A 45 -6.11 -2.22 -9.91
C TYR A 45 -5.53 -1.52 -11.14
N LEU A 46 -4.28 -1.10 -11.03
CA LEU A 46 -3.61 -0.42 -12.14
C LEU A 46 -3.67 -1.24 -13.41
N TYR A 47 -3.64 -2.56 -13.26
CA TYR A 47 -3.70 -3.47 -14.39
C TYR A 47 -5.11 -3.54 -14.97
N SER A 48 -6.10 -3.37 -14.09
CA SER A 48 -7.50 -3.42 -14.52
C SER A 48 -7.95 -2.06 -15.05
N VAL A 49 -6.99 -1.18 -15.30
CA VAL A 49 -7.28 0.15 -15.81
C VAL A 49 -7.20 0.18 -17.33
N LYS A 50 -7.92 1.11 -17.94
CA LYS A 50 -7.94 1.25 -19.40
C LYS A 50 -7.28 2.56 -19.82
N ASP A 51 -7.13 3.48 -18.88
CA ASP A 51 -6.51 4.77 -19.15
C ASP A 51 -5.06 4.81 -18.66
N THR A 52 -4.14 5.06 -19.58
CA THR A 52 -2.73 5.10 -19.25
C THR A 52 -2.43 6.22 -18.25
N HIS A 53 -3.11 7.35 -18.42
CA HIS A 53 -2.92 8.50 -17.53
C HIS A 53 -3.41 8.17 -16.12
N LEU A 54 -4.41 7.30 -16.03
CA LEU A 54 -4.96 6.91 -14.74
C LEU A 54 -3.99 6.00 -13.98
N ARG A 55 -3.55 4.94 -14.64
CA ARG A 55 -2.62 3.99 -14.03
C ARG A 55 -1.22 4.60 -13.94
N GLN A 56 -0.89 5.47 -14.89
CA GLN A 56 0.42 6.12 -14.91
C GLN A 56 0.70 6.81 -13.59
N LYS A 57 -0.33 7.44 -13.02
CA LYS A 57 -0.19 8.16 -11.76
C LYS A 57 0.05 7.18 -10.61
N TRP A 58 -0.77 6.13 -10.54
CA TRP A 58 -0.63 5.13 -9.49
C TRP A 58 0.75 4.48 -9.53
N GLN A 59 1.30 4.33 -10.73
CA GLN A 59 2.60 3.72 -10.91
C GLN A 59 3.67 4.50 -10.14
N GLN A 60 3.55 5.82 -10.14
CA GLN A 60 4.50 6.68 -9.45
C GLN A 60 4.33 6.58 -7.94
N VAL A 61 3.13 6.91 -7.46
CA VAL A 61 2.83 6.85 -6.04
C VAL A 61 3.09 5.46 -5.48
N TRP A 62 2.73 4.44 -6.25
CA TRP A 62 2.93 3.06 -5.82
C TRP A 62 4.37 2.82 -5.40
N GLN A 63 5.31 3.44 -6.11
CA GLN A 63 6.72 3.30 -5.79
C GLN A 63 7.03 3.83 -4.40
N GLU A 64 6.47 4.98 -4.07
CA GLU A 64 6.69 5.59 -2.76
C GLU A 64 6.29 4.64 -1.64
N ILE A 65 5.12 4.02 -1.80
CA ILE A 65 4.61 3.08 -0.80
C ILE A 65 5.56 1.89 -0.63
N ASN A 66 6.12 1.43 -1.74
CA ASN A 66 7.04 0.30 -1.71
C ASN A 66 8.33 0.67 -0.99
N VAL A 67 8.72 1.93 -1.09
CA VAL A 67 9.93 2.42 -0.44
C VAL A 67 9.75 2.53 1.07
N GLU A 68 8.72 3.28 1.47
CA GLU A 68 8.43 3.47 2.89
C GLU A 68 8.30 2.13 3.60
N ALA A 69 7.65 1.18 2.94
CA ALA A 69 7.46 -0.15 3.51
C ALA A 69 8.79 -0.81 3.82
N LYS A 70 9.80 -0.49 3.02
CA LYS A 70 11.14 -1.06 3.22
C LYS A 70 11.83 -0.41 4.41
N GLN A 71 11.74 0.91 4.49
CA GLN A 71 12.36 1.66 5.58
C GLN A 71 11.93 1.11 6.93
N VAL A 72 10.64 0.82 7.06
CA VAL A 72 10.09 0.30 8.30
C VAL A 72 10.87 -0.93 8.77
N LYS A 73 11.32 -1.73 7.81
CA LYS A 73 12.09 -2.94 8.12
C LYS A 73 13.41 -2.58 8.81
N ASP A 74 13.98 -1.44 8.44
CA ASP A 74 15.23 -0.99 9.03
C ASP A 74 15.01 -0.47 10.46
N ILE A 75 14.16 0.53 10.58
CA ILE A 75 13.86 1.12 11.88
C ILE A 75 13.48 0.05 12.90
N MET A 76 12.67 -0.91 12.44
CA MET A 76 12.23 -2.00 13.32
C MET A 76 13.40 -2.92 13.67
N LYS A 77 14.47 -2.82 12.92
CA LYS A 77 15.65 -3.63 13.16
C LYS A 77 16.63 -2.93 14.09
N THR A 78 16.95 -3.57 15.21
CA THR A 78 17.87 -3.00 16.19
C THR A 78 19.09 -3.89 16.37
N SER A 2 -18.67 -12.29 -13.75
CA SER A 2 -17.75 -11.47 -12.98
C SER A 2 -18.04 -11.56 -11.49
N ASP A 3 -17.04 -11.27 -10.68
CA ASP A 3 -17.18 -11.32 -9.22
C ASP A 3 -16.85 -9.97 -8.59
N HIS A 4 -15.74 -9.37 -9.04
CA HIS A 4 -15.32 -8.08 -8.51
C HIS A 4 -16.34 -7.00 -8.83
N MET A 5 -16.89 -6.38 -7.80
CA MET A 5 -17.88 -5.33 -7.97
C MET A 5 -17.37 -4.01 -7.42
N THR A 6 -16.87 -4.03 -6.19
CA THR A 6 -16.34 -2.83 -5.54
C THR A 6 -15.14 -2.29 -6.31
N MET A 7 -15.36 -1.21 -7.06
CA MET A 7 -14.30 -0.58 -7.82
C MET A 7 -13.73 0.62 -7.09
N SER A 8 -13.06 0.37 -5.97
CA SER A 8 -12.46 1.44 -5.17
C SER A 8 -10.98 1.18 -4.94
N LEU A 9 -10.20 2.26 -4.91
CA LEU A 9 -8.76 2.16 -4.69
C LEU A 9 -8.38 2.74 -3.33
N GLN A 10 -9.27 3.52 -2.74
CA GLN A 10 -9.02 4.13 -1.45
C GLN A 10 -8.91 3.07 -0.35
N MET A 11 -9.84 2.11 -0.37
CA MET A 11 -9.85 1.05 0.62
C MET A 11 -8.48 0.35 0.67
N ILE A 12 -7.69 0.53 -0.38
CA ILE A 12 -6.38 -0.08 -0.44
C ILE A 12 -5.31 0.85 0.12
N VAL A 13 -5.10 1.99 -0.54
CA VAL A 13 -4.11 2.96 -0.11
C VAL A 13 -4.34 3.37 1.34
N GLU A 14 -5.61 3.39 1.74
CA GLU A 14 -5.96 3.76 3.11
C GLU A 14 -5.36 2.79 4.11
N ASN A 15 -5.32 1.51 3.76
CA ASN A 15 -4.76 0.49 4.63
C ASN A 15 -3.35 0.85 5.05
N VAL A 16 -2.62 1.53 4.18
CA VAL A 16 -1.26 1.95 4.47
C VAL A 16 -1.18 2.72 5.78
N LYS A 17 -2.17 3.58 6.02
CA LYS A 17 -2.22 4.38 7.23
C LYS A 17 -2.29 3.48 8.46
N LEU A 18 -2.92 2.33 8.33
CA LEU A 18 -3.05 1.39 9.43
C LEU A 18 -1.71 0.75 9.76
N ALA A 19 -0.92 0.47 8.73
CA ALA A 19 0.39 -0.14 8.91
C ALA A 19 1.41 0.90 9.39
N ARG A 20 1.28 2.12 8.90
CA ARG A 20 2.19 3.19 9.27
C ARG A 20 2.08 3.52 10.76
N GLU A 21 0.88 3.35 11.30
CA GLU A 21 0.62 3.62 12.71
C GLU A 21 1.23 2.52 13.59
N TYR A 22 1.03 1.28 13.19
CA TYR A 22 1.55 0.14 13.94
C TYR A 22 3.06 0.24 14.10
N ALA A 23 3.74 0.68 13.05
CA ALA A 23 5.19 0.83 13.08
C ALA A 23 5.63 1.71 14.24
N LEU A 24 4.91 2.80 14.46
CA LEU A 24 5.23 3.73 15.55
C LEU A 24 4.95 3.09 16.90
N LEU A 25 3.72 2.59 17.08
CA LEU A 25 3.32 1.95 18.33
C LEU A 25 4.37 0.93 18.77
N GLY A 26 5.08 0.36 17.81
CA GLY A 26 6.10 -0.63 18.12
C GLY A 26 5.94 -1.91 17.32
N ASN A 27 4.77 -2.09 16.72
CA ASN A 27 4.50 -3.28 15.92
C ASN A 27 4.80 -3.02 14.44
N TYR A 28 6.02 -3.32 14.04
CA TYR A 28 6.45 -3.12 12.66
C TYR A 28 6.18 -4.37 11.83
N ASP A 29 6.39 -5.54 12.43
CA ASP A 29 6.17 -6.81 11.75
C ASP A 29 4.79 -6.85 11.10
N SER A 30 3.80 -6.26 11.79
CA SER A 30 2.44 -6.24 11.28
C SER A 30 2.30 -5.26 10.12
N ALA A 31 3.08 -4.19 10.18
CA ALA A 31 3.06 -3.17 9.12
C ALA A 31 3.44 -3.77 7.77
N MET A 32 4.52 -4.55 7.75
CA MET A 32 4.99 -5.17 6.52
C MET A 32 3.91 -6.08 5.93
N VAL A 33 3.11 -6.69 6.80
CA VAL A 33 2.04 -7.58 6.36
C VAL A 33 1.00 -6.82 5.54
N TYR A 34 0.57 -5.68 6.07
CA TYR A 34 -0.43 -4.85 5.39
C TYR A 34 0.16 -4.20 4.14
N TYR A 35 1.36 -3.65 4.28
CA TYR A 35 2.04 -2.99 3.17
C TYR A 35 2.14 -3.93 1.97
N GLN A 36 2.65 -5.13 2.21
CA GLN A 36 2.81 -6.11 1.15
C GLN A 36 1.49 -6.36 0.43
N GLY A 37 0.39 -6.33 1.19
CA GLY A 37 -0.91 -6.55 0.59
C GLY A 37 -1.39 -5.36 -0.22
N VAL A 38 -1.19 -4.16 0.32
CA VAL A 38 -1.61 -2.93 -0.36
C VAL A 38 -0.96 -2.83 -1.74
N LEU A 39 0.35 -3.00 -1.80
CA LEU A 39 1.08 -2.94 -3.06
C LEU A 39 0.54 -3.96 -4.06
N ASP A 40 0.36 -5.18 -3.59
CA ASP A 40 -0.16 -6.26 -4.44
C ASP A 40 -1.53 -5.90 -5.00
N GLN A 41 -2.44 -5.54 -4.11
CA GLN A 41 -3.80 -5.17 -4.51
C GLN A 41 -3.79 -3.96 -5.44
N MET A 42 -2.92 -3.00 -5.14
CA MET A 42 -2.80 -1.80 -5.95
C MET A 42 -2.47 -2.14 -7.39
N ASN A 43 -1.44 -2.96 -7.58
CA ASN A 43 -1.03 -3.37 -8.91
C ASN A 43 -2.19 -3.97 -9.70
N LYS A 44 -2.89 -4.91 -9.07
CA LYS A 44 -4.04 -5.56 -9.70
C LYS A 44 -5.02 -4.53 -10.24
N TYR A 45 -5.13 -3.40 -9.55
CA TYR A 45 -6.04 -2.34 -9.95
C TYR A 45 -5.52 -1.61 -11.18
N LEU A 46 -4.28 -1.14 -11.11
CA LEU A 46 -3.67 -0.43 -12.23
C LEU A 46 -3.70 -1.28 -13.49
N TYR A 47 -3.60 -2.58 -13.32
CA TYR A 47 -3.62 -3.51 -14.45
C TYR A 47 -5.01 -3.57 -15.08
N SER A 48 -6.04 -3.36 -14.26
CA SER A 48 -7.41 -3.39 -14.74
C SER A 48 -7.84 -2.03 -15.25
N VAL A 49 -6.91 -1.07 -15.24
CA VAL A 49 -7.19 0.28 -15.71
C VAL A 49 -7.32 0.33 -17.23
N LYS A 50 -8.10 1.28 -17.71
CA LYS A 50 -8.31 1.44 -19.15
C LYS A 50 -7.53 2.64 -19.69
N ASP A 51 -7.46 3.69 -18.89
CA ASP A 51 -6.74 4.90 -19.29
C ASP A 51 -5.29 4.84 -18.84
N THR A 52 -4.39 4.68 -19.79
CA THR A 52 -2.95 4.61 -19.49
C THR A 52 -2.53 5.76 -18.58
N HIS A 53 -3.16 6.91 -18.75
CA HIS A 53 -2.85 8.08 -17.95
C HIS A 53 -3.28 7.88 -16.49
N LEU A 54 -4.33 7.09 -16.31
CA LEU A 54 -4.85 6.82 -14.97
C LEU A 54 -3.91 5.89 -14.20
N ARG A 55 -3.52 4.79 -14.84
CA ARG A 55 -2.61 3.83 -14.21
C ARG A 55 -1.23 4.42 -14.03
N GLN A 56 -0.70 5.03 -15.09
CA GLN A 56 0.62 5.65 -15.04
C GLN A 56 0.74 6.61 -13.86
N LYS A 57 -0.38 7.22 -13.49
CA LYS A 57 -0.40 8.16 -12.38
C LYS A 57 -0.26 7.44 -11.05
N TRP A 58 -0.96 6.32 -10.90
CA TRP A 58 -0.90 5.54 -9.68
C TRP A 58 0.44 4.81 -9.56
N GLN A 59 0.99 4.41 -10.70
CA GLN A 59 2.27 3.71 -10.71
C GLN A 59 3.35 4.52 -10.01
N GLN A 60 3.25 5.86 -10.13
CA GLN A 60 4.22 6.75 -9.51
C GLN A 60 4.11 6.70 -7.99
N VAL A 61 2.89 6.63 -7.49
CA VAL A 61 2.65 6.57 -6.05
C VAL A 61 3.02 5.20 -5.48
N TRP A 62 2.72 4.15 -6.25
CA TRP A 62 3.02 2.79 -5.82
C TRP A 62 4.49 2.65 -5.44
N GLN A 63 5.37 3.26 -6.23
CA GLN A 63 6.80 3.21 -5.98
C GLN A 63 7.13 3.78 -4.60
N GLU A 64 6.48 4.88 -4.25
CA GLU A 64 6.69 5.53 -2.97
C GLU A 64 6.14 4.69 -1.82
N ILE A 65 5.06 3.97 -2.11
CA ILE A 65 4.43 3.11 -1.10
C ILE A 65 5.27 1.87 -0.83
N ASN A 66 5.91 1.36 -1.87
CA ASN A 66 6.75 0.17 -1.74
C ASN A 66 8.02 0.49 -0.95
N VAL A 67 8.66 1.61 -1.29
CA VAL A 67 9.87 2.02 -0.62
C VAL A 67 9.62 2.35 0.85
N GLU A 68 8.42 2.86 1.12
CA GLU A 68 8.05 3.23 2.48
C GLU A 68 8.16 2.02 3.42
N ALA A 69 7.58 0.89 2.99
CA ALA A 69 7.61 -0.33 3.79
C ALA A 69 9.05 -0.72 4.13
N LYS A 70 9.98 -0.38 3.24
CA LYS A 70 11.38 -0.70 3.45
C LYS A 70 11.94 0.04 4.66
N GLN A 71 11.56 1.31 4.79
CA GLN A 71 12.02 2.13 5.91
C GLN A 71 11.65 1.49 7.25
N VAL A 72 10.42 0.99 7.33
CA VAL A 72 9.94 0.36 8.55
C VAL A 72 10.86 -0.78 8.97
N LYS A 73 11.38 -1.52 8.00
CA LYS A 73 12.27 -2.64 8.26
C LYS A 73 13.54 -2.15 8.98
N ASP A 74 13.97 -0.94 8.66
CA ASP A 74 15.16 -0.37 9.27
C ASP A 74 14.87 0.11 10.69
N ILE A 75 13.89 1.00 10.82
CA ILE A 75 13.52 1.53 12.13
C ILE A 75 13.21 0.39 13.12
N MET A 76 12.53 -0.64 12.63
CA MET A 76 12.18 -1.78 13.47
C MET A 76 13.42 -2.56 13.87
N LYS A 77 13.33 -3.28 14.98
CA LYS A 77 14.45 -4.08 15.48
C LYS A 77 14.35 -5.53 15.00
N THR A 78 15.35 -5.96 14.25
CA THR A 78 15.37 -7.32 13.72
C THR A 78 16.47 -8.15 14.39
N SER A 2 -29.08 5.54 -8.72
CA SER A 2 -28.13 6.35 -9.49
C SER A 2 -26.87 6.61 -8.66
N ASP A 3 -25.89 5.73 -8.78
CA ASP A 3 -24.64 5.88 -8.05
C ASP A 3 -23.44 5.83 -9.01
N HIS A 4 -23.02 7.00 -9.48
CA HIS A 4 -21.90 7.10 -10.40
C HIS A 4 -20.76 6.17 -9.96
N MET A 5 -19.85 5.89 -10.89
CA MET A 5 -18.71 5.02 -10.60
C MET A 5 -17.86 5.60 -9.48
N THR A 6 -16.75 4.90 -9.17
CA THR A 6 -15.85 5.35 -8.12
C THR A 6 -14.60 4.48 -8.07
N MET A 7 -13.46 5.10 -7.82
CA MET A 7 -12.19 4.38 -7.74
C MET A 7 -12.09 3.62 -6.43
N SER A 8 -11.89 2.31 -6.52
CA SER A 8 -11.77 1.47 -5.33
C SER A 8 -10.34 1.43 -4.83
N LEU A 9 -9.61 2.53 -5.04
CA LEU A 9 -8.22 2.62 -4.60
C LEU A 9 -8.13 3.13 -3.17
N GLN A 10 -9.00 4.08 -2.83
CA GLN A 10 -9.01 4.66 -1.48
C GLN A 10 -8.97 3.56 -0.42
N MET A 11 -9.82 2.54 -0.59
CA MET A 11 -9.87 1.43 0.34
C MET A 11 -8.51 0.74 0.46
N ILE A 12 -7.71 0.87 -0.59
CA ILE A 12 -6.38 0.26 -0.61
C ILE A 12 -5.34 1.19 0.02
N VAL A 13 -5.11 2.33 -0.63
CA VAL A 13 -4.14 3.30 -0.14
C VAL A 13 -4.38 3.61 1.34
N GLU A 14 -5.64 3.56 1.76
CA GLU A 14 -5.98 3.83 3.15
C GLU A 14 -5.42 2.75 4.07
N ASN A 15 -5.32 1.53 3.56
CA ASN A 15 -4.81 0.42 4.33
C ASN A 15 -3.40 0.71 4.84
N VAL A 16 -2.65 1.48 4.07
CA VAL A 16 -1.28 1.85 4.44
C VAL A 16 -1.25 2.61 5.77
N LYS A 17 -2.10 3.62 5.87
CA LYS A 17 -2.18 4.43 7.09
C LYS A 17 -2.30 3.54 8.33
N LEU A 18 -2.93 2.38 8.15
CA LEU A 18 -3.12 1.44 9.26
C LEU A 18 -1.79 0.81 9.66
N ALA A 19 -1.05 0.32 8.67
CA ALA A 19 0.24 -0.32 8.92
C ALA A 19 1.20 0.66 9.60
N ARG A 20 1.31 1.86 9.03
CA ARG A 20 2.20 2.88 9.58
C ARG A 20 1.93 3.11 11.05
N GLU A 21 0.65 3.12 11.42
CA GLU A 21 0.26 3.33 12.81
C GLU A 21 0.87 2.27 13.71
N TYR A 22 0.98 1.05 13.20
CA TYR A 22 1.56 -0.05 13.96
C TYR A 22 3.06 0.10 14.10
N ALA A 23 3.70 0.56 13.03
CA ALA A 23 5.15 0.75 13.03
C ALA A 23 5.58 1.70 14.15
N LEU A 24 4.79 2.75 14.37
CA LEU A 24 5.09 3.72 15.41
C LEU A 24 4.91 3.10 16.80
N LEU A 25 3.74 2.51 17.03
CA LEU A 25 3.44 1.88 18.30
C LEU A 25 4.55 0.91 18.72
N GLY A 26 5.08 0.18 17.74
CA GLY A 26 6.14 -0.77 18.01
C GLY A 26 5.97 -2.06 17.24
N ASN A 27 4.84 -2.20 16.54
CA ASN A 27 4.57 -3.40 15.77
C ASN A 27 4.86 -3.17 14.28
N TYR A 28 6.12 -3.36 13.91
CA TYR A 28 6.52 -3.17 12.52
C TYR A 28 6.23 -4.42 11.69
N ASP A 29 6.42 -5.58 12.30
CA ASP A 29 6.18 -6.85 11.62
C ASP A 29 4.75 -6.91 11.09
N SER A 30 3.82 -6.35 11.85
CA SER A 30 2.41 -6.35 11.45
C SER A 30 2.17 -5.39 10.30
N ALA A 31 3.00 -4.34 10.22
CA ALA A 31 2.88 -3.35 9.15
C ALA A 31 3.38 -3.91 7.83
N MET A 32 4.41 -4.75 7.90
CA MET A 32 4.97 -5.35 6.70
C MET A 32 3.92 -6.12 5.92
N VAL A 33 3.26 -7.07 6.58
CA VAL A 33 2.23 -7.88 5.95
C VAL A 33 1.17 -6.99 5.29
N TYR A 34 0.84 -5.88 5.94
CA TYR A 34 -0.16 -4.96 5.42
C TYR A 34 0.38 -4.22 4.19
N TYR A 35 1.58 -3.68 4.32
CA TYR A 35 2.20 -2.94 3.22
C TYR A 35 2.27 -3.81 1.96
N GLN A 36 2.75 -5.03 2.11
CA GLN A 36 2.87 -5.95 0.99
C GLN A 36 1.51 -6.16 0.31
N GLY A 37 0.47 -6.30 1.12
CA GLY A 37 -0.86 -6.51 0.59
C GLY A 37 -1.36 -5.33 -0.22
N VAL A 38 -1.19 -4.13 0.34
CA VAL A 38 -1.62 -2.90 -0.33
C VAL A 38 -1.00 -2.80 -1.72
N LEU A 39 0.33 -2.86 -1.78
CA LEU A 39 1.04 -2.77 -3.05
C LEU A 39 0.54 -3.82 -4.04
N ASP A 40 0.35 -5.04 -3.55
CA ASP A 40 -0.14 -6.13 -4.40
C ASP A 40 -1.54 -5.83 -4.91
N GLN A 41 -2.40 -5.35 -4.01
CA GLN A 41 -3.78 -5.03 -4.38
C GLN A 41 -3.83 -3.83 -5.31
N MET A 42 -2.87 -2.91 -5.15
CA MET A 42 -2.81 -1.71 -5.97
C MET A 42 -2.52 -2.07 -7.43
N ASN A 43 -1.48 -2.87 -7.64
CA ASN A 43 -1.10 -3.30 -8.99
C ASN A 43 -2.29 -3.92 -9.71
N LYS A 44 -2.95 -4.87 -9.06
CA LYS A 44 -4.10 -5.55 -9.63
C LYS A 44 -5.12 -4.54 -10.14
N TYR A 45 -5.24 -3.42 -9.44
CA TYR A 45 -6.19 -2.39 -9.83
C TYR A 45 -5.74 -1.68 -11.10
N LEU A 46 -4.51 -1.18 -11.09
CA LEU A 46 -3.96 -0.48 -12.24
C LEU A 46 -4.02 -1.36 -13.50
N TYR A 47 -3.81 -2.66 -13.31
CA TYR A 47 -3.85 -3.60 -14.42
C TYR A 47 -5.25 -3.69 -15.01
N SER A 48 -6.25 -3.45 -14.17
CA SER A 48 -7.64 -3.51 -14.61
C SER A 48 -8.11 -2.15 -15.14
N VAL A 49 -7.16 -1.23 -15.26
CA VAL A 49 -7.48 0.12 -15.76
C VAL A 49 -7.51 0.14 -17.28
N LYS A 50 -8.20 1.13 -17.84
CA LYS A 50 -8.30 1.27 -19.28
C LYS A 50 -7.52 2.48 -19.78
N ASP A 51 -7.43 3.50 -18.93
CA ASP A 51 -6.70 4.72 -19.28
C ASP A 51 -5.25 4.63 -18.82
N THR A 52 -4.35 4.48 -19.78
CA THR A 52 -2.92 4.38 -19.48
C THR A 52 -2.46 5.54 -18.60
N HIS A 53 -3.03 6.72 -18.83
CA HIS A 53 -2.68 7.91 -18.06
C HIS A 53 -3.17 7.78 -16.62
N LEU A 54 -4.25 7.03 -16.44
CA LEU A 54 -4.82 6.83 -15.10
C LEU A 54 -3.94 5.90 -14.27
N ARG A 55 -3.61 4.74 -14.83
CA ARG A 55 -2.77 3.77 -14.15
C ARG A 55 -1.37 4.31 -13.94
N GLN A 56 -0.79 4.87 -15.00
CA GLN A 56 0.56 5.43 -14.93
C GLN A 56 0.68 6.41 -13.77
N LYS A 57 -0.41 7.12 -13.48
CA LYS A 57 -0.43 8.10 -12.41
C LYS A 57 -0.26 7.41 -11.06
N TRP A 58 -0.97 6.31 -10.86
CA TRP A 58 -0.89 5.56 -9.60
C TRP A 58 0.43 4.81 -9.50
N GLN A 59 0.94 4.35 -10.64
CA GLN A 59 2.20 3.62 -10.66
C GLN A 59 3.32 4.43 -10.03
N GLN A 60 3.30 5.75 -10.25
CA GLN A 60 4.31 6.64 -9.69
C GLN A 60 4.24 6.65 -8.17
N VAL A 61 3.03 6.65 -7.63
CA VAL A 61 2.82 6.66 -6.19
C VAL A 61 3.15 5.30 -5.57
N TRP A 62 2.85 4.24 -6.32
CA TRP A 62 3.11 2.88 -5.85
C TRP A 62 4.57 2.72 -5.42
N GLN A 63 5.46 3.44 -6.09
CA GLN A 63 6.89 3.39 -5.77
C GLN A 63 7.15 3.93 -4.37
N GLU A 64 6.46 5.02 -4.03
CA GLU A 64 6.62 5.65 -2.72
C GLU A 64 6.10 4.74 -1.61
N ILE A 65 5.05 3.99 -1.92
CA ILE A 65 4.45 3.08 -0.94
C ILE A 65 5.38 1.90 -0.65
N ASN A 66 6.08 1.44 -1.69
CA ASN A 66 7.00 0.31 -1.54
C ASN A 66 8.23 0.71 -0.72
N VAL A 67 8.85 1.83 -1.12
CA VAL A 67 10.03 2.32 -0.43
C VAL A 67 9.73 2.61 1.04
N GLU A 68 8.51 3.06 1.31
CA GLU A 68 8.10 3.37 2.67
C GLU A 68 8.16 2.14 3.56
N ALA A 69 7.65 1.02 3.05
CA ALA A 69 7.65 -0.23 3.79
C ALA A 69 9.07 -0.66 4.14
N LYS A 70 10.02 -0.32 3.27
CA LYS A 70 11.42 -0.67 3.49
C LYS A 70 11.99 0.09 4.68
N GLN A 71 11.65 1.37 4.78
CA GLN A 71 12.14 2.22 5.87
C GLN A 71 11.79 1.60 7.22
N VAL A 72 10.56 1.11 7.35
CA VAL A 72 10.10 0.49 8.59
C VAL A 72 11.02 -0.65 9.00
N LYS A 73 11.53 -1.38 8.00
CA LYS A 73 12.42 -2.51 8.26
C LYS A 73 13.64 -2.07 9.05
N ASP A 74 14.09 -0.84 8.82
CA ASP A 74 15.25 -0.29 9.53
C ASP A 74 14.87 0.17 10.93
N ILE A 75 13.92 1.10 11.00
CA ILE A 75 13.47 1.62 12.29
C ILE A 75 13.12 0.49 13.25
N MET A 76 12.55 -0.59 12.71
CA MET A 76 12.17 -1.74 13.51
C MET A 76 13.39 -2.54 13.94
N LYS A 77 13.35 -3.07 15.15
CA LYS A 77 14.45 -3.86 15.68
C LYS A 77 14.04 -5.31 15.92
N THR A 78 14.93 -6.09 16.50
CA THR A 78 14.64 -7.49 16.79
C THR A 78 14.83 -7.80 18.27
N SER A 2 -20.09 -8.48 -0.62
CA SER A 2 -21.10 -7.75 -1.38
C SER A 2 -20.83 -7.85 -2.89
N ASP A 3 -21.76 -7.33 -3.69
CA ASP A 3 -21.62 -7.37 -5.14
C ASP A 3 -20.40 -6.57 -5.58
N HIS A 4 -19.89 -6.90 -6.76
CA HIS A 4 -18.71 -6.21 -7.30
C HIS A 4 -19.12 -5.21 -8.38
N MET A 5 -19.23 -3.95 -7.99
CA MET A 5 -19.61 -2.90 -8.93
C MET A 5 -18.45 -1.93 -9.16
N THR A 6 -17.95 -1.34 -8.07
CA THR A 6 -16.85 -0.40 -8.15
C THR A 6 -15.98 -0.46 -6.90
N MET A 7 -14.77 -1.00 -7.05
CA MET A 7 -13.84 -1.12 -5.92
C MET A 7 -12.86 0.05 -5.91
N SER A 8 -13.23 1.11 -5.20
CA SER A 8 -12.39 2.30 -5.10
C SER A 8 -10.99 1.94 -4.59
N LEU A 9 -9.98 2.55 -5.19
CA LEU A 9 -8.60 2.29 -4.79
C LEU A 9 -8.35 2.75 -3.35
N GLN A 10 -9.21 3.62 -2.86
CA GLN A 10 -9.08 4.14 -1.50
C GLN A 10 -9.02 3.00 -0.49
N MET A 11 -9.95 2.05 -0.62
CA MET A 11 -10.00 0.91 0.28
C MET A 11 -8.64 0.22 0.38
N ILE A 12 -7.78 0.50 -0.59
CA ILE A 12 -6.44 -0.09 -0.61
C ILE A 12 -5.42 0.86 0.02
N VAL A 13 -5.21 2.00 -0.61
CA VAL A 13 -4.26 2.99 -0.11
C VAL A 13 -4.53 3.32 1.35
N GLU A 14 -5.80 3.27 1.74
CA GLU A 14 -6.19 3.57 3.11
C GLU A 14 -5.56 2.58 4.08
N ASN A 15 -5.52 1.31 3.70
CA ASN A 15 -4.93 0.28 4.53
C ASN A 15 -3.51 0.64 4.93
N VAL A 16 -2.82 1.35 4.05
CA VAL A 16 -1.44 1.77 4.32
C VAL A 16 -1.34 2.55 5.62
N LYS A 17 -2.33 3.42 5.85
CA LYS A 17 -2.36 4.23 7.07
C LYS A 17 -2.42 3.35 8.31
N LEU A 18 -3.06 2.18 8.17
CA LEU A 18 -3.19 1.25 9.28
C LEU A 18 -1.83 0.66 9.66
N ALA A 19 -1.03 0.36 8.65
CA ALA A 19 0.30 -0.21 8.88
C ALA A 19 1.24 0.82 9.50
N ARG A 20 1.25 2.02 8.92
CA ARG A 20 2.11 3.09 9.41
C ARG A 20 1.92 3.30 10.91
N GLU A 21 0.67 3.34 11.34
CA GLU A 21 0.34 3.54 12.75
C GLU A 21 0.95 2.43 13.60
N TYR A 22 0.99 1.22 13.05
CA TYR A 22 1.54 0.07 13.77
C TYR A 22 3.06 0.18 13.89
N ALA A 23 3.68 0.82 12.90
CA ALA A 23 5.12 0.99 12.89
C ALA A 23 5.56 1.96 13.99
N LEU A 24 4.82 3.04 14.14
CA LEU A 24 5.13 4.05 15.15
C LEU A 24 4.95 3.48 16.55
N LEU A 25 3.78 2.93 16.82
CA LEU A 25 3.48 2.35 18.13
C LEU A 25 4.58 1.38 18.54
N GLY A 26 5.07 0.60 17.58
CA GLY A 26 6.12 -0.37 17.88
C GLY A 26 5.93 -1.67 17.12
N ASN A 27 4.78 -1.81 16.46
CA ASN A 27 4.48 -3.02 15.71
C ASN A 27 4.82 -2.84 14.23
N TYR A 28 6.07 -3.10 13.88
CA TYR A 28 6.52 -2.96 12.50
C TYR A 28 6.25 -4.24 11.71
N ASP A 29 6.43 -5.38 12.37
CA ASP A 29 6.20 -6.67 11.73
C ASP A 29 4.80 -6.72 11.09
N SER A 30 3.82 -6.12 11.77
CA SER A 30 2.46 -6.10 11.28
C SER A 30 2.30 -5.12 10.13
N ALA A 31 3.11 -4.06 10.15
CA ALA A 31 3.06 -3.04 9.11
C ALA A 31 3.41 -3.64 7.75
N MET A 32 4.50 -4.41 7.71
CA MET A 32 4.94 -5.04 6.47
C MET A 32 3.85 -5.94 5.89
N VAL A 33 3.09 -6.59 6.77
CA VAL A 33 2.02 -7.47 6.35
C VAL A 33 0.98 -6.73 5.52
N TYR A 34 0.56 -5.56 6.02
CA TYR A 34 -0.43 -4.75 5.33
C TYR A 34 0.15 -4.12 4.08
N TYR A 35 1.35 -3.55 4.21
CA TYR A 35 2.03 -2.91 3.09
C TYR A 35 2.16 -3.87 1.91
N GLN A 36 2.76 -5.04 2.17
CA GLN A 36 2.95 -6.04 1.14
C GLN A 36 1.63 -6.36 0.43
N GLY A 37 0.54 -6.35 1.20
CA GLY A 37 -0.76 -6.64 0.63
C GLY A 37 -1.29 -5.49 -0.21
N VAL A 38 -1.28 -4.29 0.35
CA VAL A 38 -1.76 -3.10 -0.35
C VAL A 38 -1.11 -2.98 -1.73
N LEU A 39 0.22 -3.05 -1.76
CA LEU A 39 0.96 -2.95 -3.00
C LEU A 39 0.48 -3.99 -4.01
N ASP A 40 0.37 -5.24 -3.56
CA ASP A 40 -0.07 -6.33 -4.41
C ASP A 40 -1.42 -6.01 -5.04
N GLN A 41 -2.33 -5.48 -4.23
CA GLN A 41 -3.67 -5.13 -4.70
C GLN A 41 -3.62 -3.90 -5.60
N MET A 42 -2.75 -2.96 -5.26
CA MET A 42 -2.60 -1.73 -6.04
C MET A 42 -2.33 -2.05 -7.50
N ASN A 43 -1.35 -2.92 -7.74
CA ASN A 43 -0.99 -3.30 -9.10
C ASN A 43 -2.21 -3.80 -9.87
N LYS A 44 -2.97 -4.70 -9.24
CA LYS A 44 -4.16 -5.26 -9.87
C LYS A 44 -5.07 -4.15 -10.38
N TYR A 45 -5.15 -3.06 -9.63
CA TYR A 45 -5.99 -1.93 -10.01
C TYR A 45 -5.44 -1.23 -11.24
N LEU A 46 -4.15 -0.91 -11.21
CA LEU A 46 -3.50 -0.24 -12.32
C LEU A 46 -3.57 -1.09 -13.58
N TYR A 47 -3.54 -2.41 -13.39
CA TYR A 47 -3.59 -3.33 -14.52
C TYR A 47 -5.03 -3.60 -14.94
N SER A 48 -5.97 -2.99 -14.22
CA SER A 48 -7.38 -3.17 -14.52
C SER A 48 -7.96 -1.93 -15.19
N VAL A 49 -7.33 -0.79 -14.94
CA VAL A 49 -7.78 0.48 -15.52
C VAL A 49 -7.26 0.64 -16.95
N LYS A 50 -8.19 0.71 -17.90
CA LYS A 50 -7.83 0.88 -19.30
C LYS A 50 -7.13 2.22 -19.53
N ASP A 51 -7.54 3.23 -18.78
CA ASP A 51 -6.96 4.56 -18.89
C ASP A 51 -5.50 4.57 -18.41
N THR A 52 -4.58 4.35 -19.34
CA THR A 52 -3.16 4.34 -19.01
C THR A 52 -2.78 5.52 -18.12
N HIS A 53 -3.17 6.72 -18.56
CA HIS A 53 -2.87 7.94 -17.80
C HIS A 53 -3.30 7.79 -16.35
N LEU A 54 -4.33 6.98 -16.12
CA LEU A 54 -4.83 6.74 -14.77
C LEU A 54 -3.87 5.89 -13.96
N ARG A 55 -3.50 4.75 -14.51
CA ARG A 55 -2.59 3.83 -13.84
C ARG A 55 -1.19 4.44 -13.73
N GLN A 56 -0.85 5.29 -14.70
CA GLN A 56 0.46 5.94 -14.70
C GLN A 56 0.65 6.80 -13.45
N LYS A 57 -0.44 7.41 -12.99
CA LYS A 57 -0.41 8.25 -11.81
C LYS A 57 -0.24 7.42 -10.54
N TRP A 58 -0.94 6.29 -10.49
CA TRP A 58 -0.87 5.39 -9.34
C TRP A 58 0.46 4.65 -9.31
N GLN A 59 0.99 4.34 -10.48
CA GLN A 59 2.27 3.63 -10.57
C GLN A 59 3.37 4.39 -9.84
N GLN A 60 3.52 5.67 -10.16
CA GLN A 60 4.54 6.50 -9.54
C GLN A 60 4.39 6.49 -8.02
N VAL A 61 3.14 6.48 -7.56
CA VAL A 61 2.85 6.47 -6.13
C VAL A 61 3.16 5.11 -5.52
N TRP A 62 2.91 4.05 -6.29
CA TRP A 62 3.16 2.69 -5.82
C TRP A 62 4.59 2.54 -5.34
N GLN A 63 5.50 3.25 -5.98
CA GLN A 63 6.92 3.19 -5.62
C GLN A 63 7.16 3.83 -4.26
N GLU A 64 6.50 4.95 -4.00
CA GLU A 64 6.63 5.66 -2.74
C GLU A 64 6.15 4.80 -1.58
N ILE A 65 5.17 3.95 -1.84
CA ILE A 65 4.62 3.08 -0.82
C ILE A 65 5.48 1.82 -0.65
N ASN A 66 6.03 1.35 -1.75
CA ASN A 66 6.87 0.16 -1.73
C ASN A 66 8.22 0.46 -1.09
N VAL A 67 8.68 1.70 -1.24
CA VAL A 67 9.95 2.12 -0.68
C VAL A 67 9.82 2.42 0.81
N GLU A 68 8.78 3.17 1.17
CA GLU A 68 8.55 3.53 2.57
C GLU A 68 8.37 2.28 3.43
N ALA A 69 7.81 1.23 2.82
CA ALA A 69 7.58 -0.02 3.53
C ALA A 69 8.90 -0.68 3.94
N LYS A 70 9.92 -0.48 3.12
CA LYS A 70 11.23 -1.05 3.38
C LYS A 70 11.91 -0.36 4.57
N GLN A 71 11.74 0.96 4.66
CA GLN A 71 12.32 1.73 5.74
C GLN A 71 11.90 1.17 7.09
N VAL A 72 10.61 0.85 7.22
CA VAL A 72 10.08 0.32 8.47
C VAL A 72 10.87 -0.91 8.91
N LYS A 73 11.34 -1.69 7.96
CA LYS A 73 12.11 -2.89 8.25
C LYS A 73 13.39 -2.53 9.00
N ASP A 74 13.95 -1.37 8.68
CA ASP A 74 15.17 -0.90 9.33
C ASP A 74 14.89 -0.37 10.73
N ILE A 75 14.04 0.65 10.79
CA ILE A 75 13.68 1.25 12.07
C ILE A 75 13.26 0.20 13.08
N MET A 76 12.52 -0.79 12.62
CA MET A 76 12.05 -1.87 13.49
C MET A 76 13.21 -2.72 13.98
N LYS A 77 13.05 -3.34 15.14
CA LYS A 77 14.08 -4.18 15.71
C LYS A 77 13.54 -5.57 16.07
N THR A 78 14.42 -6.56 16.11
CA THR A 78 14.03 -7.91 16.43
C THR A 78 14.52 -8.32 17.82
N SER A 2 -12.78 -7.74 2.16
CA SER A 2 -12.17 -9.06 2.20
C SER A 2 -11.34 -9.33 0.95
N ASP A 3 -10.06 -8.99 1.02
CA ASP A 3 -9.16 -9.19 -0.11
C ASP A 3 -9.81 -8.76 -1.42
N HIS A 4 -10.51 -7.63 -1.38
CA HIS A 4 -11.19 -7.11 -2.55
C HIS A 4 -10.48 -5.87 -3.09
N MET A 5 -10.13 -5.90 -4.38
CA MET A 5 -9.45 -4.77 -5.02
C MET A 5 -10.30 -4.18 -6.13
N THR A 6 -11.59 -4.49 -6.12
CA THR A 6 -12.51 -3.99 -7.13
C THR A 6 -13.00 -2.59 -6.79
N MET A 7 -12.83 -2.21 -5.52
CA MET A 7 -13.26 -0.89 -5.07
C MET A 7 -12.21 0.18 -5.40
N SER A 8 -12.56 1.44 -5.16
CA SER A 8 -11.65 2.54 -5.44
C SER A 8 -10.27 2.27 -4.85
N LEU A 9 -9.25 2.90 -5.42
CA LEU A 9 -7.88 2.74 -4.95
C LEU A 9 -7.74 3.12 -3.49
N GLN A 10 -8.64 4.00 -3.03
CA GLN A 10 -8.62 4.45 -1.65
C GLN A 10 -8.66 3.26 -0.69
N MET A 11 -9.62 2.37 -0.90
CA MET A 11 -9.76 1.20 -0.05
C MET A 11 -8.44 0.46 0.08
N ILE A 12 -7.52 0.74 -0.83
CA ILE A 12 -6.21 0.10 -0.81
C ILE A 12 -5.18 0.96 -0.07
N VAL A 13 -4.91 2.15 -0.61
CA VAL A 13 -3.96 3.06 0.00
C VAL A 13 -4.27 3.27 1.48
N GLU A 14 -5.56 3.36 1.80
CA GLU A 14 -5.99 3.57 3.18
C GLU A 14 -5.42 2.48 4.10
N ASN A 15 -5.25 1.28 3.54
CA ASN A 15 -4.72 0.16 4.31
C ASN A 15 -3.31 0.46 4.81
N VAL A 16 -2.60 1.32 4.07
CA VAL A 16 -1.24 1.69 4.43
C VAL A 16 -1.22 2.60 5.66
N LYS A 17 -2.27 3.39 5.81
CA LYS A 17 -2.39 4.30 6.95
C LYS A 17 -2.39 3.53 8.27
N LEU A 18 -3.08 2.40 8.28
CA LEU A 18 -3.17 1.57 9.47
C LEU A 18 -1.83 0.90 9.77
N ALA A 19 -1.12 0.52 8.71
CA ALA A 19 0.18 -0.12 8.86
C ALA A 19 1.22 0.85 9.39
N ARG A 20 1.30 2.03 8.78
CA ARG A 20 2.25 3.04 9.20
C ARG A 20 2.12 3.34 10.69
N GLU A 21 0.89 3.43 11.16
CA GLU A 21 0.63 3.72 12.57
C GLU A 21 1.28 2.66 13.46
N TYR A 22 1.27 1.41 13.00
CA TYR A 22 1.87 0.31 13.76
C TYR A 22 3.39 0.46 13.83
N ALA A 23 4.00 0.79 12.70
CA ALA A 23 5.44 0.97 12.64
C ALA A 23 5.91 2.00 13.66
N LEU A 24 5.12 3.05 13.83
CA LEU A 24 5.46 4.12 14.78
C LEU A 24 5.27 3.65 16.22
N LEU A 25 4.06 3.14 16.52
CA LEU A 25 3.76 2.66 17.86
C LEU A 25 4.84 1.71 18.35
N GLY A 26 5.45 0.97 17.44
CA GLY A 26 6.50 0.03 17.80
C GLY A 26 6.36 -1.30 17.10
N ASN A 27 5.19 -1.54 16.50
CA ASN A 27 4.93 -2.78 15.79
C ASN A 27 5.17 -2.61 14.29
N TYR A 28 6.31 -3.11 13.82
CA TYR A 28 6.65 -3.02 12.40
C TYR A 28 6.31 -4.31 11.67
N ASP A 29 6.51 -5.44 12.35
CA ASP A 29 6.22 -6.74 11.77
C ASP A 29 4.76 -6.83 11.32
N SER A 30 3.88 -6.19 12.08
CA SER A 30 2.46 -6.20 11.78
C SER A 30 2.16 -5.33 10.56
N ALA A 31 2.99 -4.31 10.35
CA ALA A 31 2.81 -3.39 9.23
C ALA A 31 3.22 -4.05 7.92
N MET A 32 4.24 -4.91 7.99
CA MET A 32 4.73 -5.61 6.81
C MET A 32 3.59 -6.33 6.09
N VAL A 33 2.86 -7.15 6.84
CA VAL A 33 1.74 -7.90 6.27
C VAL A 33 0.78 -6.98 5.54
N TYR A 34 0.53 -5.80 6.11
CA TYR A 34 -0.38 -4.83 5.50
C TYR A 34 0.24 -4.24 4.23
N TYR A 35 1.47 -3.74 4.35
CA TYR A 35 2.16 -3.14 3.22
C TYR A 35 2.23 -4.11 2.04
N GLN A 36 2.63 -5.34 2.33
CA GLN A 36 2.74 -6.36 1.29
C GLN A 36 1.41 -6.58 0.61
N GLY A 37 0.32 -6.46 1.36
CA GLY A 37 -1.01 -6.64 0.80
C GLY A 37 -1.43 -5.47 -0.06
N VAL A 38 -1.26 -4.27 0.45
CA VAL A 38 -1.63 -3.06 -0.28
C VAL A 38 -0.92 -3.00 -1.63
N LEU A 39 0.38 -3.23 -1.62
CA LEU A 39 1.18 -3.20 -2.83
C LEU A 39 0.71 -4.26 -3.82
N ASP A 40 0.46 -5.46 -3.32
CA ASP A 40 0.00 -6.57 -4.15
C ASP A 40 -1.35 -6.24 -4.79
N GLN A 41 -2.31 -5.82 -3.96
CA GLN A 41 -3.64 -5.47 -4.45
C GLN A 41 -3.58 -4.27 -5.38
N MET A 42 -2.76 -3.29 -5.02
CA MET A 42 -2.61 -2.07 -5.82
C MET A 42 -2.32 -2.42 -7.27
N ASN A 43 -1.32 -3.27 -7.49
CA ASN A 43 -0.94 -3.68 -8.83
C ASN A 43 -2.12 -4.24 -9.59
N LYS A 44 -2.84 -5.17 -8.97
CA LYS A 44 -4.01 -5.78 -9.58
C LYS A 44 -4.98 -4.72 -10.09
N TYR A 45 -5.03 -3.59 -9.39
CA TYR A 45 -5.92 -2.50 -9.76
C TYR A 45 -5.41 -1.79 -11.01
N LEU A 46 -4.14 -1.36 -10.98
CA LEU A 46 -3.53 -0.67 -12.10
C LEU A 46 -3.61 -1.52 -13.37
N TYR A 47 -3.39 -2.82 -13.21
CA TYR A 47 -3.42 -3.74 -14.34
C TYR A 47 -4.82 -3.80 -14.95
N SER A 48 -5.82 -3.40 -14.17
CA SER A 48 -7.20 -3.40 -14.64
C SER A 48 -7.57 -2.06 -15.26
N VAL A 49 -6.64 -1.11 -15.19
CA VAL A 49 -6.86 0.21 -15.76
C VAL A 49 -6.79 0.18 -17.27
N LYS A 50 -7.58 1.04 -17.91
CA LYS A 50 -7.61 1.11 -19.37
C LYS A 50 -6.96 2.40 -19.86
N ASP A 51 -6.96 3.43 -19.01
CA ASP A 51 -6.37 4.72 -19.36
C ASP A 51 -4.96 4.82 -18.81
N THR A 52 -3.98 4.79 -19.71
CA THR A 52 -2.57 4.88 -19.32
C THR A 52 -2.35 6.03 -18.35
N HIS A 53 -3.10 7.11 -18.54
CA HIS A 53 -2.99 8.29 -17.68
C HIS A 53 -3.49 7.99 -16.28
N LEU A 54 -4.50 7.11 -16.19
CA LEU A 54 -5.07 6.74 -14.90
C LEU A 54 -4.09 5.90 -14.10
N ARG A 55 -3.56 4.85 -14.72
CA ARG A 55 -2.61 3.96 -14.05
C ARG A 55 -1.25 4.64 -13.90
N GLN A 56 -0.93 5.53 -14.84
CA GLN A 56 0.34 6.24 -14.81
C GLN A 56 0.50 7.03 -13.52
N LYS A 57 -0.61 7.57 -13.03
CA LYS A 57 -0.59 8.34 -11.79
C LYS A 57 -0.35 7.44 -10.59
N TRP A 58 -1.12 6.36 -10.50
CA TRP A 58 -0.99 5.42 -9.39
C TRP A 58 0.43 4.83 -9.34
N GLN A 59 1.02 4.64 -10.51
CA GLN A 59 2.38 4.09 -10.59
C GLN A 59 3.36 4.94 -9.79
N GLN A 60 3.13 6.25 -9.76
CA GLN A 60 3.99 7.16 -9.03
C GLN A 60 3.82 6.99 -7.53
N VAL A 61 2.56 6.86 -7.10
CA VAL A 61 2.25 6.69 -5.68
C VAL A 61 2.73 5.34 -5.17
N TRP A 62 2.57 4.32 -6.00
CA TRP A 62 2.98 2.96 -5.64
C TRP A 62 4.43 2.93 -5.18
N GLN A 63 5.26 3.77 -5.81
CA GLN A 63 6.67 3.84 -5.47
C GLN A 63 6.86 4.39 -4.06
N GLU A 64 6.13 5.45 -3.73
CA GLU A 64 6.22 6.08 -2.42
C GLU A 64 5.72 5.13 -1.34
N ILE A 65 4.73 4.30 -1.69
CA ILE A 65 4.16 3.35 -0.74
C ILE A 65 5.08 2.14 -0.56
N ASN A 66 5.71 1.71 -1.65
CA ASN A 66 6.62 0.57 -1.61
C ASN A 66 7.89 0.92 -0.87
N VAL A 67 8.53 2.02 -1.28
CA VAL A 67 9.77 2.46 -0.65
C VAL A 67 9.61 2.60 0.85
N GLU A 68 8.43 3.06 1.27
CA GLU A 68 8.14 3.25 2.69
C GLU A 68 8.16 1.91 3.42
N ALA A 69 7.45 0.94 2.87
CA ALA A 69 7.38 -0.39 3.48
C ALA A 69 8.78 -0.94 3.76
N LYS A 70 9.74 -0.56 2.92
CA LYS A 70 11.11 -1.01 3.08
C LYS A 70 11.79 -0.30 4.25
N GLN A 71 11.33 0.91 4.55
CA GLN A 71 11.89 1.69 5.65
C GLN A 71 11.43 1.14 7.00
N VAL A 72 10.14 0.80 7.08
CA VAL A 72 9.58 0.26 8.31
C VAL A 72 10.20 -1.08 8.66
N LYS A 73 10.44 -1.90 7.65
CA LYS A 73 11.05 -3.21 7.85
C LYS A 73 12.49 -3.09 8.32
N ASP A 74 13.17 -2.05 7.87
CA ASP A 74 14.56 -1.80 8.25
C ASP A 74 14.64 -1.22 9.65
N ILE A 75 13.95 -0.10 9.87
CA ILE A 75 13.95 0.55 11.17
C ILE A 75 13.64 -0.45 12.28
N MET A 76 12.71 -1.36 12.02
CA MET A 76 12.32 -2.36 13.00
C MET A 76 13.48 -3.32 13.28
N LYS A 77 13.53 -3.82 14.50
CA LYS A 77 14.59 -4.75 14.91
C LYS A 77 14.08 -6.19 14.87
N THR A 78 14.95 -7.10 14.43
CA THR A 78 14.60 -8.51 14.35
C THR A 78 15.01 -9.26 15.61
N SER A 2 -26.51 -2.58 5.19
CA SER A 2 -25.35 -2.76 6.06
C SER A 2 -24.22 -3.46 5.31
N ASP A 3 -23.27 -2.68 4.81
CA ASP A 3 -22.14 -3.22 4.07
C ASP A 3 -21.03 -2.18 3.94
N HIS A 4 -19.83 -2.64 3.58
CA HIS A 4 -18.69 -1.74 3.42
C HIS A 4 -18.70 -1.10 2.03
N MET A 5 -18.73 0.23 1.99
CA MET A 5 -18.74 0.96 0.73
C MET A 5 -17.32 1.16 0.21
N THR A 6 -16.84 0.18 -0.55
CA THR A 6 -15.50 0.24 -1.12
C THR A 6 -15.36 1.41 -2.08
N MET A 7 -14.44 2.32 -1.78
CA MET A 7 -14.21 3.48 -2.62
C MET A 7 -13.13 3.20 -3.66
N SER A 8 -12.88 4.18 -4.52
CA SER A 8 -11.87 4.03 -5.57
C SER A 8 -10.48 3.88 -4.97
N LEU A 9 -9.86 2.73 -5.20
CA LEU A 9 -8.53 2.46 -4.67
C LEU A 9 -8.39 2.96 -3.24
N GLN A 10 -9.51 3.04 -2.53
CA GLN A 10 -9.52 3.51 -1.15
C GLN A 10 -9.23 2.37 -0.19
N MET A 11 -10.03 1.30 -0.29
CA MET A 11 -9.86 0.14 0.58
C MET A 11 -8.42 -0.38 0.52
N ILE A 12 -7.68 0.06 -0.49
CA ILE A 12 -6.30 -0.36 -0.66
C ILE A 12 -5.33 0.63 0.01
N VAL A 13 -5.30 1.85 -0.51
CA VAL A 13 -4.43 2.89 0.04
C VAL A 13 -4.73 3.13 1.51
N GLU A 14 -5.99 2.96 1.89
CA GLU A 14 -6.41 3.17 3.27
C GLU A 14 -5.62 2.26 4.22
N ASN A 15 -5.40 1.02 3.79
CA ASN A 15 -4.66 0.06 4.61
C ASN A 15 -3.30 0.61 5.00
N VAL A 16 -2.69 1.37 4.09
CA VAL A 16 -1.38 1.96 4.33
C VAL A 16 -1.38 2.78 5.62
N LYS A 17 -2.36 3.66 5.74
CA LYS A 17 -2.48 4.52 6.92
C LYS A 17 -2.52 3.68 8.19
N LEU A 18 -3.13 2.51 8.11
CA LEU A 18 -3.23 1.61 9.26
C LEU A 18 -1.88 0.99 9.59
N ALA A 19 -1.18 0.56 8.55
CA ALA A 19 0.14 -0.06 8.73
C ALA A 19 1.15 0.97 9.25
N ARG A 20 1.24 2.10 8.57
CA ARG A 20 2.17 3.15 8.96
C ARG A 20 1.98 3.54 10.42
N GLU A 21 0.75 3.44 10.90
CA GLU A 21 0.43 3.78 12.28
C GLU A 21 1.03 2.75 13.24
N TYR A 22 1.03 1.48 12.81
CA TYR A 22 1.57 0.40 13.63
C TYR A 22 3.09 0.49 13.72
N ALA A 23 3.71 0.90 12.62
CA ALA A 23 5.17 1.02 12.58
C ALA A 23 5.66 1.97 13.67
N LEU A 24 4.94 3.07 13.87
CA LEU A 24 5.31 4.06 14.87
C LEU A 24 5.02 3.53 16.28
N LEU A 25 3.79 3.10 16.49
CA LEU A 25 3.37 2.58 17.79
C LEU A 25 4.40 1.59 18.33
N GLY A 26 5.13 0.95 17.42
CA GLY A 26 6.14 -0.01 17.83
C GLY A 26 5.98 -1.36 17.15
N ASN A 27 4.88 -1.51 16.41
CA ASN A 27 4.60 -2.76 15.71
C ASN A 27 4.88 -2.62 14.22
N TYR A 28 6.08 -3.03 13.80
CA TYR A 28 6.47 -2.94 12.40
C TYR A 28 6.09 -4.22 11.65
N ASP A 29 6.27 -5.36 12.30
CA ASP A 29 5.94 -6.65 11.69
C ASP A 29 4.53 -6.63 11.13
N SER A 30 3.61 -6.00 11.86
CA SER A 30 2.22 -5.92 11.44
C SER A 30 2.07 -5.00 10.23
N ALA A 31 2.96 -4.01 10.13
CA ALA A 31 2.93 -3.06 9.02
C ALA A 31 3.41 -3.70 7.74
N MET A 32 4.37 -4.62 7.85
CA MET A 32 4.92 -5.30 6.68
C MET A 32 3.85 -6.12 5.98
N VAL A 33 3.22 -7.03 6.72
CA VAL A 33 2.17 -7.88 6.17
C VAL A 33 1.09 -7.03 5.49
N TYR A 34 0.75 -5.90 6.11
CA TYR A 34 -0.27 -5.01 5.57
C TYR A 34 0.22 -4.33 4.31
N TYR A 35 1.42 -3.76 4.37
CA TYR A 35 2.01 -3.06 3.24
C TYR A 35 2.06 -3.98 2.00
N GLN A 36 2.65 -5.15 2.18
CA GLN A 36 2.76 -6.11 1.08
C GLN A 36 1.40 -6.36 0.44
N GLY A 37 0.35 -6.32 1.25
CA GLY A 37 -0.99 -6.54 0.74
C GLY A 37 -1.50 -5.38 -0.09
N VAL A 38 -1.27 -4.16 0.40
CA VAL A 38 -1.71 -2.95 -0.29
C VAL A 38 -1.08 -2.86 -1.68
N LEU A 39 0.23 -3.05 -1.73
CA LEU A 39 0.97 -2.98 -2.99
C LEU A 39 0.50 -4.06 -3.94
N ASP A 40 0.39 -5.29 -3.44
CA ASP A 40 -0.04 -6.42 -4.24
C ASP A 40 -1.41 -6.16 -4.86
N GLN A 41 -2.32 -5.60 -4.05
CA GLN A 41 -3.68 -5.31 -4.51
C GLN A 41 -3.68 -4.07 -5.42
N MET A 42 -2.80 -3.13 -5.12
CA MET A 42 -2.70 -1.90 -5.91
C MET A 42 -2.44 -2.22 -7.38
N ASN A 43 -1.44 -3.06 -7.63
CA ASN A 43 -1.10 -3.44 -9.00
C ASN A 43 -2.31 -4.01 -9.73
N LYS A 44 -2.98 -4.97 -9.08
CA LYS A 44 -4.16 -5.60 -9.66
C LYS A 44 -5.17 -4.54 -10.11
N TYR A 45 -5.20 -3.42 -9.41
CA TYR A 45 -6.12 -2.34 -9.73
C TYR A 45 -5.68 -1.61 -10.99
N LEU A 46 -4.43 -1.17 -11.00
CA LEU A 46 -3.88 -0.45 -12.15
C LEU A 46 -3.97 -1.29 -13.42
N TYR A 47 -3.86 -2.61 -13.25
CA TYR A 47 -3.93 -3.53 -14.38
C TYR A 47 -5.34 -3.55 -14.98
N SER A 48 -6.33 -3.22 -14.16
CA SER A 48 -7.71 -3.20 -14.60
C SER A 48 -8.07 -1.86 -15.23
N VAL A 49 -7.11 -0.93 -15.20
CA VAL A 49 -7.32 0.39 -15.78
C VAL A 49 -7.20 0.36 -17.29
N LYS A 50 -7.89 1.29 -17.96
CA LYS A 50 -7.86 1.38 -19.42
C LYS A 50 -7.15 2.65 -19.88
N ASP A 51 -7.02 3.61 -18.97
CA ASP A 51 -6.36 4.87 -19.28
C ASP A 51 -4.97 4.93 -18.66
N THR A 52 -3.95 4.72 -19.49
CA THR A 52 -2.57 4.74 -19.03
C THR A 52 -2.31 5.97 -18.15
N HIS A 53 -2.95 7.08 -18.48
CA HIS A 53 -2.79 8.32 -17.72
C HIS A 53 -3.25 8.14 -16.28
N LEU A 54 -4.30 7.35 -16.10
CA LEU A 54 -4.85 7.10 -14.77
C LEU A 54 -3.92 6.18 -13.97
N ARG A 55 -3.57 5.04 -14.56
CA ARG A 55 -2.68 4.08 -13.90
C ARG A 55 -1.29 4.66 -13.74
N GLN A 56 -0.90 5.53 -14.67
CA GLN A 56 0.42 6.15 -14.63
C GLN A 56 0.61 6.95 -13.35
N LYS A 57 -0.46 7.58 -12.88
CA LYS A 57 -0.42 8.38 -11.67
C LYS A 57 -0.19 7.50 -10.44
N TRP A 58 -0.89 6.38 -10.39
CA TRP A 58 -0.77 5.44 -9.28
C TRP A 58 0.57 4.70 -9.33
N GLN A 59 1.03 4.43 -10.55
CA GLN A 59 2.29 3.72 -10.74
C GLN A 59 3.43 4.44 -10.03
N GLN A 60 3.53 5.76 -10.26
CA GLN A 60 4.57 6.56 -9.64
C GLN A 60 4.45 6.54 -8.12
N VAL A 61 3.21 6.49 -7.63
CA VAL A 61 2.96 6.47 -6.20
C VAL A 61 3.30 5.11 -5.60
N TRP A 62 3.06 4.05 -6.38
CA TRP A 62 3.33 2.69 -5.92
C TRP A 62 4.77 2.56 -5.43
N GLN A 63 5.67 3.34 -6.02
CA GLN A 63 7.08 3.32 -5.64
C GLN A 63 7.27 3.86 -4.23
N GLU A 64 6.52 4.90 -3.90
CA GLU A 64 6.61 5.51 -2.57
C GLU A 64 6.22 4.52 -1.49
N ILE A 65 5.07 3.87 -1.67
CA ILE A 65 4.58 2.90 -0.70
C ILE A 65 5.61 1.80 -0.45
N ASN A 66 6.32 1.41 -1.51
CA ASN A 66 7.34 0.37 -1.41
C ASN A 66 8.52 0.85 -0.55
N VAL A 67 8.87 2.12 -0.70
CA VAL A 67 9.96 2.70 0.05
C VAL A 67 9.63 2.78 1.54
N GLU A 68 8.47 3.34 1.84
CA GLU A 68 8.02 3.49 3.23
C GLU A 68 7.90 2.13 3.90
N ALA A 69 7.54 1.11 3.12
CA ALA A 69 7.39 -0.24 3.63
C ALA A 69 8.75 -0.91 3.83
N LYS A 70 9.70 -0.57 2.96
CA LYS A 70 11.05 -1.13 3.03
C LYS A 70 11.83 -0.51 4.18
N GLN A 71 11.78 0.82 4.28
CA GLN A 71 12.48 1.53 5.33
C GLN A 71 12.07 1.04 6.71
N VAL A 72 10.79 0.67 6.83
CA VAL A 72 10.26 0.18 8.10
C VAL A 72 11.05 -1.03 8.60
N LYS A 73 11.51 -1.85 7.66
CA LYS A 73 12.29 -3.04 8.00
C LYS A 73 13.54 -2.66 8.79
N ASP A 74 14.09 -1.50 8.48
CA ASP A 74 15.30 -1.03 9.16
C ASP A 74 14.95 -0.39 10.50
N ILE A 75 14.03 0.57 10.47
CA ILE A 75 13.60 1.26 11.68
C ILE A 75 13.10 0.27 12.73
N MET A 76 12.86 -0.97 12.31
CA MET A 76 12.38 -2.01 13.21
C MET A 76 13.51 -2.96 13.59
N LYS A 77 14.74 -2.50 13.42
CA LYS A 77 15.92 -3.30 13.75
C LYS A 77 16.82 -2.57 14.74
N THR A 78 17.97 -3.17 15.03
CA THR A 78 18.94 -2.57 15.95
C THR A 78 20.04 -1.84 15.21
N SER A 2 -17.39 -13.00 0.88
CA SER A 2 -16.92 -12.49 -0.40
C SER A 2 -18.10 -12.05 -1.28
N ASP A 3 -18.29 -10.74 -1.38
CA ASP A 3 -19.37 -10.18 -2.18
C ASP A 3 -18.87 -9.04 -3.06
N HIS A 4 -19.33 -9.02 -4.31
CA HIS A 4 -18.92 -7.98 -5.25
C HIS A 4 -19.45 -6.62 -4.82
N MET A 5 -18.52 -5.72 -4.48
CA MET A 5 -18.89 -4.37 -4.05
C MET A 5 -18.12 -3.32 -4.85
N THR A 6 -18.35 -2.05 -4.52
CA THR A 6 -17.69 -0.96 -5.21
C THR A 6 -16.18 -1.01 -5.02
N MET A 7 -15.46 -1.39 -6.08
CA MET A 7 -14.01 -1.49 -6.02
C MET A 7 -13.37 -0.10 -6.08
N SER A 8 -12.98 0.41 -4.93
CA SER A 8 -12.36 1.73 -4.84
C SER A 8 -10.92 1.63 -4.34
N LEU A 9 -9.99 2.21 -5.09
CA LEU A 9 -8.58 2.18 -4.73
C LEU A 9 -8.37 2.75 -3.34
N GLN A 10 -9.33 3.54 -2.87
CA GLN A 10 -9.25 4.14 -1.54
C GLN A 10 -9.15 3.07 -0.47
N MET A 11 -9.98 2.04 -0.60
CA MET A 11 -9.99 0.94 0.37
C MET A 11 -8.61 0.32 0.50
N ILE A 12 -7.76 0.55 -0.49
CA ILE A 12 -6.41 0.01 -0.49
C ILE A 12 -5.43 0.99 0.15
N VAL A 13 -5.25 2.14 -0.48
CA VAL A 13 -4.35 3.16 0.04
C VAL A 13 -4.62 3.46 1.50
N GLU A 14 -5.90 3.40 1.88
CA GLU A 14 -6.31 3.65 3.26
C GLU A 14 -5.69 2.63 4.21
N ASN A 15 -5.49 1.41 3.71
CA ASN A 15 -4.93 0.34 4.51
C ASN A 15 -3.50 0.69 4.94
N VAL A 16 -2.79 1.40 4.08
CA VAL A 16 -1.41 1.81 4.37
C VAL A 16 -1.34 2.62 5.66
N LYS A 17 -2.21 3.63 5.77
CA LYS A 17 -2.24 4.49 6.94
C LYS A 17 -2.28 3.66 8.22
N LEU A 18 -2.97 2.52 8.16
CA LEU A 18 -3.08 1.64 9.32
C LEU A 18 -1.75 0.97 9.62
N ALA A 19 -1.11 0.45 8.59
CA ALA A 19 0.18 -0.21 8.74
C ALA A 19 1.24 0.75 9.28
N ARG A 20 1.20 1.99 8.79
CA ARG A 20 2.16 3.00 9.23
C ARG A 20 2.04 3.26 10.73
N GLU A 21 0.81 3.39 11.21
CA GLU A 21 0.56 3.64 12.63
C GLU A 21 1.18 2.54 13.48
N TYR A 22 1.08 1.30 13.01
CA TYR A 22 1.62 0.17 13.73
C TYR A 22 3.14 0.27 13.86
N ALA A 23 3.79 0.68 12.78
CA ALA A 23 5.24 0.83 12.77
C ALA A 23 5.69 1.86 13.80
N LEU A 24 4.93 2.94 13.92
CA LEU A 24 5.25 4.00 14.87
C LEU A 24 5.04 3.53 16.31
N LEU A 25 3.84 3.03 16.59
CA LEU A 25 3.50 2.54 17.92
C LEU A 25 4.57 1.56 18.42
N GLY A 26 5.04 0.70 17.53
CA GLY A 26 6.05 -0.27 17.89
C GLY A 26 5.92 -1.57 17.13
N ASN A 27 4.77 -1.76 16.49
CA ASN A 27 4.51 -2.97 15.71
C ASN A 27 4.87 -2.76 14.24
N TYR A 28 6.04 -3.24 13.85
CA TYR A 28 6.50 -3.10 12.47
C TYR A 28 6.14 -4.33 11.66
N ASP A 29 6.33 -5.51 12.25
CA ASP A 29 6.01 -6.76 11.57
C ASP A 29 4.60 -6.74 11.00
N SER A 30 3.66 -6.21 11.78
CA SER A 30 2.27 -6.13 11.36
C SER A 30 2.12 -5.19 10.17
N ALA A 31 3.01 -4.21 10.07
CA ALA A 31 2.98 -3.25 8.98
C ALA A 31 3.47 -3.87 7.68
N MET A 32 4.43 -4.78 7.80
CA MET A 32 5.00 -5.45 6.63
C MET A 32 3.91 -6.23 5.88
N VAL A 33 3.24 -7.14 6.58
CA VAL A 33 2.18 -7.94 5.98
C VAL A 33 1.13 -7.06 5.33
N TYR A 34 0.84 -5.93 5.96
CA TYR A 34 -0.15 -4.99 5.44
C TYR A 34 0.35 -4.30 4.19
N TYR A 35 1.55 -3.73 4.27
CA TYR A 35 2.15 -3.04 3.14
C TYR A 35 2.21 -3.93 1.91
N GLN A 36 2.82 -5.11 2.08
CA GLN A 36 2.94 -6.06 0.98
C GLN A 36 1.59 -6.32 0.33
N GLY A 37 0.53 -6.28 1.13
CA GLY A 37 -0.80 -6.51 0.61
C GLY A 37 -1.32 -5.34 -0.20
N VAL A 38 -1.14 -4.13 0.32
CA VAL A 38 -1.59 -2.92 -0.37
C VAL A 38 -0.90 -2.77 -1.71
N LEU A 39 0.41 -2.96 -1.73
CA LEU A 39 1.19 -2.85 -2.96
C LEU A 39 0.75 -3.88 -3.98
N ASP A 40 0.44 -5.08 -3.51
CA ASP A 40 0.00 -6.16 -4.39
C ASP A 40 -1.38 -5.86 -4.97
N GLN A 41 -2.30 -5.41 -4.13
CA GLN A 41 -3.65 -5.09 -4.56
C GLN A 41 -3.65 -3.85 -5.46
N MET A 42 -2.78 -2.90 -5.14
CA MET A 42 -2.68 -1.67 -5.92
C MET A 42 -2.37 -1.98 -7.39
N ASN A 43 -1.37 -2.82 -7.62
CA ASN A 43 -0.98 -3.20 -8.97
C ASN A 43 -2.17 -3.74 -9.75
N LYS A 44 -2.92 -4.65 -9.11
CA LYS A 44 -4.08 -5.24 -9.75
C LYS A 44 -5.03 -4.17 -10.29
N TYR A 45 -5.20 -3.10 -9.53
CA TYR A 45 -6.07 -1.99 -9.93
C TYR A 45 -5.53 -1.31 -11.19
N LEU A 46 -4.24 -0.99 -11.19
CA LEU A 46 -3.61 -0.34 -12.33
C LEU A 46 -3.61 -1.26 -13.55
N TYR A 47 -3.45 -2.55 -13.30
CA TYR A 47 -3.42 -3.54 -14.38
C TYR A 47 -4.84 -3.81 -14.89
N SER A 48 -5.83 -3.28 -14.18
CA SER A 48 -7.23 -3.47 -14.56
C SER A 48 -7.77 -2.24 -15.30
N VAL A 49 -7.33 -1.06 -14.88
CA VAL A 49 -7.77 0.18 -15.50
C VAL A 49 -7.08 0.39 -16.84
N LYS A 50 -7.88 0.43 -17.91
CA LYS A 50 -7.34 0.62 -19.25
C LYS A 50 -6.67 1.99 -19.37
N ASP A 51 -7.30 3.01 -18.81
CA ASP A 51 -6.77 4.36 -18.86
C ASP A 51 -5.29 4.38 -18.43
N THR A 52 -4.40 4.19 -19.40
CA THR A 52 -2.97 4.17 -19.14
C THR A 52 -2.55 5.41 -18.35
N HIS A 53 -3.22 6.52 -18.60
CA HIS A 53 -2.92 7.78 -17.93
C HIS A 53 -3.33 7.71 -16.46
N LEU A 54 -4.36 6.92 -16.18
CA LEU A 54 -4.87 6.76 -14.81
C LEU A 54 -3.90 5.94 -13.97
N ARG A 55 -3.55 4.76 -14.47
CA ARG A 55 -2.63 3.87 -13.76
C ARG A 55 -1.26 4.51 -13.61
N GLN A 56 -0.90 5.36 -14.58
CA GLN A 56 0.39 6.03 -14.56
C GLN A 56 0.52 6.92 -13.33
N LYS A 57 -0.59 7.55 -12.94
CA LYS A 57 -0.60 8.43 -11.77
C LYS A 57 -0.39 7.63 -10.49
N TRP A 58 -1.04 6.48 -10.39
CA TRP A 58 -0.93 5.63 -9.22
C TRP A 58 0.43 4.94 -9.18
N GLN A 59 0.95 4.60 -10.36
CA GLN A 59 2.24 3.93 -10.47
C GLN A 59 3.33 4.74 -9.76
N GLN A 60 3.32 6.06 -9.98
CA GLN A 60 4.30 6.94 -9.36
C GLN A 60 4.23 6.85 -7.84
N VAL A 61 3.02 6.81 -7.31
CA VAL A 61 2.82 6.74 -5.86
C VAL A 61 3.15 5.34 -5.34
N TRP A 62 2.82 4.32 -6.13
CA TRP A 62 3.08 2.95 -5.75
C TRP A 62 4.55 2.75 -5.36
N GLN A 63 5.45 3.31 -6.17
CA GLN A 63 6.87 3.20 -5.91
C GLN A 63 7.22 3.73 -4.53
N GLU A 64 6.61 4.86 -4.16
CA GLU A 64 6.85 5.46 -2.86
C GLU A 64 6.33 4.58 -1.73
N ILE A 65 5.12 4.08 -1.91
CA ILE A 65 4.50 3.21 -0.91
C ILE A 65 5.35 1.97 -0.66
N ASN A 66 5.99 1.48 -1.71
CA ASN A 66 6.83 0.29 -1.61
C ASN A 66 8.13 0.60 -0.88
N VAL A 67 8.65 1.81 -1.09
CA VAL A 67 9.89 2.23 -0.46
C VAL A 67 9.69 2.44 1.05
N GLU A 68 8.69 3.24 1.40
CA GLU A 68 8.40 3.53 2.79
C GLU A 68 8.24 2.24 3.59
N ALA A 69 7.57 1.26 2.99
CA ALA A 69 7.36 -0.03 3.64
C ALA A 69 8.68 -0.71 3.96
N LYS A 70 9.68 -0.47 3.12
CA LYS A 70 11.00 -1.06 3.30
C LYS A 70 11.71 -0.43 4.50
N GLN A 71 11.64 0.88 4.60
CA GLN A 71 12.28 1.59 5.70
C GLN A 71 11.82 1.05 7.04
N VAL A 72 10.52 0.81 7.17
CA VAL A 72 9.95 0.28 8.41
C VAL A 72 10.66 -1.00 8.83
N LYS A 73 11.09 -1.80 7.86
CA LYS A 73 11.78 -3.05 8.12
C LYS A 73 13.13 -2.78 8.79
N ASP A 74 13.75 -1.67 8.44
CA ASP A 74 15.04 -1.30 9.01
C ASP A 74 14.88 -0.69 10.40
N ILE A 75 14.01 0.30 10.50
CA ILE A 75 13.75 0.97 11.77
C ILE A 75 13.34 -0.03 12.85
N MET A 76 12.84 -1.18 12.41
CA MET A 76 12.42 -2.23 13.33
C MET A 76 13.58 -3.17 13.67
N LYS A 77 13.57 -3.71 14.88
CA LYS A 77 14.62 -4.62 15.32
C LYS A 77 14.81 -5.75 14.31
N THR A 78 16.05 -5.98 13.90
CA THR A 78 16.37 -7.02 12.94
C THR A 78 15.89 -8.39 13.44
N SER A 2 -22.59 -5.58 -6.31
CA SER A 2 -22.74 -5.60 -4.87
C SER A 2 -21.71 -6.52 -4.22
N ASP A 3 -21.73 -7.79 -4.62
CA ASP A 3 -20.80 -8.77 -4.08
C ASP A 3 -19.44 -8.14 -3.84
N HIS A 4 -18.73 -7.81 -4.91
CA HIS A 4 -17.41 -7.21 -4.82
C HIS A 4 -17.46 -5.74 -5.20
N MET A 5 -17.76 -4.88 -4.22
CA MET A 5 -17.83 -3.45 -4.46
C MET A 5 -16.50 -2.77 -4.15
N THR A 6 -15.43 -3.57 -4.10
CA THR A 6 -14.10 -3.05 -3.81
C THR A 6 -13.42 -2.55 -5.08
N MET A 7 -14.19 -1.91 -5.95
CA MET A 7 -13.65 -1.38 -7.21
C MET A 7 -12.79 -0.15 -6.94
N SER A 8 -12.97 0.47 -5.79
CA SER A 8 -12.22 1.66 -5.43
C SER A 8 -10.75 1.32 -5.15
N LEU A 9 -9.93 2.35 -5.02
CA LEU A 9 -8.51 2.16 -4.75
C LEU A 9 -8.14 2.67 -3.36
N GLN A 10 -8.93 3.62 -2.86
CA GLN A 10 -8.69 4.19 -1.54
C GLN A 10 -8.61 3.10 -0.48
N MET A 11 -9.55 2.17 -0.52
CA MET A 11 -9.58 1.07 0.44
C MET A 11 -8.22 0.38 0.52
N ILE A 12 -7.39 0.61 -0.49
CA ILE A 12 -6.06 0.01 -0.53
C ILE A 12 -5.01 0.97 -0.02
N VAL A 13 -4.81 2.07 -0.75
CA VAL A 13 -3.83 3.08 -0.37
C VAL A 13 -4.02 3.52 1.09
N GLU A 14 -5.28 3.51 1.52
CA GLU A 14 -5.61 3.90 2.90
C GLU A 14 -5.03 2.91 3.90
N ASN A 15 -4.97 1.64 3.50
CA ASN A 15 -4.45 0.59 4.37
C ASN A 15 -3.06 0.96 4.90
N VAL A 16 -2.30 1.69 4.08
CA VAL A 16 -0.95 2.10 4.46
C VAL A 16 -0.97 2.87 5.78
N LYS A 17 -1.93 3.78 5.92
CA LYS A 17 -2.06 4.58 7.12
C LYS A 17 -2.21 3.69 8.36
N LEU A 18 -2.90 2.57 8.19
CA LEU A 18 -3.11 1.63 9.28
C LEU A 18 -1.81 0.91 9.65
N ALA A 19 -1.04 0.54 8.63
CA ALA A 19 0.23 -0.14 8.84
C ALA A 19 1.26 0.79 9.45
N ARG A 20 1.39 1.99 8.88
CA ARG A 20 2.35 2.97 9.37
C ARG A 20 2.17 3.21 10.86
N GLU A 21 0.92 3.31 11.29
CA GLU A 21 0.61 3.55 12.70
C GLU A 21 1.17 2.41 13.57
N TYR A 22 1.05 1.19 13.07
CA TYR A 22 1.54 0.02 13.81
C TYR A 22 3.06 0.05 13.92
N ALA A 23 3.71 0.65 12.93
CA ALA A 23 5.16 0.73 12.92
C ALA A 23 5.66 1.72 13.99
N LEU A 24 4.96 2.84 14.12
CA LEU A 24 5.33 3.85 15.11
C LEU A 24 5.12 3.33 16.52
N LEU A 25 3.92 2.82 16.79
CA LEU A 25 3.59 2.30 18.12
C LEU A 25 4.65 1.30 18.58
N GLY A 26 5.00 0.36 17.71
CA GLY A 26 6.00 -0.64 18.05
C GLY A 26 5.82 -1.92 17.26
N ASN A 27 4.67 -2.07 16.61
CA ASN A 27 4.39 -3.26 15.82
C ASN A 27 4.76 -3.04 14.36
N TYR A 28 6.00 -3.36 14.02
CA TYR A 28 6.49 -3.20 12.65
C TYR A 28 6.09 -4.39 11.79
N ASP A 29 6.23 -5.58 12.34
CA ASP A 29 5.89 -6.81 11.63
C ASP A 29 4.48 -6.71 11.03
N SER A 30 3.55 -6.19 11.83
CA SER A 30 2.17 -6.05 11.39
C SER A 30 2.07 -5.11 10.20
N ALA A 31 2.94 -4.11 10.17
CA ALA A 31 2.95 -3.14 9.08
C ALA A 31 3.34 -3.79 7.77
N MET A 32 4.36 -4.64 7.82
CA MET A 32 4.83 -5.34 6.62
C MET A 32 3.73 -6.23 6.04
N VAL A 33 2.91 -6.78 6.91
CA VAL A 33 1.81 -7.65 6.49
C VAL A 33 0.81 -6.89 5.62
N TYR A 34 0.40 -5.72 6.10
CA TYR A 34 -0.55 -4.88 5.38
C TYR A 34 0.09 -4.27 4.13
N TYR A 35 1.31 -3.80 4.28
CA TYR A 35 2.03 -3.19 3.17
C TYR A 35 2.11 -4.14 1.98
N GLN A 36 2.63 -5.34 2.22
CA GLN A 36 2.76 -6.34 1.17
C GLN A 36 1.43 -6.54 0.44
N GLY A 37 0.33 -6.46 1.19
CA GLY A 37 -0.97 -6.64 0.60
C GLY A 37 -1.41 -5.44 -0.22
N VAL A 38 -1.05 -4.25 0.25
CA VAL A 38 -1.41 -3.02 -0.45
C VAL A 38 -0.73 -2.94 -1.81
N LEU A 39 0.57 -3.22 -1.83
CA LEU A 39 1.34 -3.19 -3.07
C LEU A 39 0.81 -4.22 -4.07
N ASP A 40 0.48 -5.41 -3.56
CA ASP A 40 -0.04 -6.48 -4.40
C ASP A 40 -1.40 -6.12 -4.97
N GLN A 41 -2.31 -5.70 -4.08
CA GLN A 41 -3.66 -5.33 -4.49
C GLN A 41 -3.63 -4.09 -5.39
N MET A 42 -2.76 -3.15 -5.07
CA MET A 42 -2.64 -1.92 -5.84
C MET A 42 -2.35 -2.23 -7.31
N ASN A 43 -1.36 -3.09 -7.53
CA ASN A 43 -0.97 -3.47 -8.90
C ASN A 43 -2.18 -3.99 -9.68
N LYS A 44 -2.94 -4.88 -9.04
CA LYS A 44 -4.12 -5.46 -9.67
C LYS A 44 -5.04 -4.37 -10.20
N TYR A 45 -5.15 -3.28 -9.46
CA TYR A 45 -6.00 -2.16 -9.85
C TYR A 45 -5.42 -1.44 -11.06
N LEU A 46 -4.12 -1.15 -11.01
CA LEU A 46 -3.44 -0.46 -12.10
C LEU A 46 -3.50 -1.29 -13.39
N TYR A 47 -3.49 -2.61 -13.24
CA TYR A 47 -3.54 -3.50 -14.39
C TYR A 47 -4.96 -3.61 -14.93
N SER A 48 -5.94 -3.36 -14.07
CA SER A 48 -7.34 -3.43 -14.46
C SER A 48 -7.81 -2.10 -15.03
N VAL A 49 -6.87 -1.17 -15.19
CA VAL A 49 -7.19 0.15 -15.73
C VAL A 49 -7.24 0.11 -17.25
N LYS A 50 -8.05 0.99 -17.84
CA LYS A 50 -8.17 1.07 -19.29
C LYS A 50 -7.47 2.29 -19.84
N ASP A 51 -7.30 3.31 -18.99
CA ASP A 51 -6.63 4.54 -19.39
C ASP A 51 -5.22 4.60 -18.83
N THR A 52 -4.24 4.26 -19.66
CA THR A 52 -2.84 4.27 -19.24
C THR A 52 -2.52 5.51 -18.42
N HIS A 53 -3.23 6.60 -18.71
CA HIS A 53 -3.03 7.86 -17.99
C HIS A 53 -3.44 7.73 -16.53
N LEU A 54 -4.55 7.03 -16.29
CA LEU A 54 -5.04 6.84 -14.94
C LEU A 54 -4.10 5.95 -14.13
N ARG A 55 -3.76 4.80 -14.70
CA ARG A 55 -2.86 3.86 -14.03
C ARG A 55 -1.44 4.41 -13.99
N GLN A 56 -1.09 5.22 -14.98
CA GLN A 56 0.24 5.81 -15.04
C GLN A 56 0.51 6.70 -13.83
N LYS A 57 -0.53 7.39 -13.38
CA LYS A 57 -0.41 8.28 -12.22
C LYS A 57 -0.22 7.49 -10.94
N TRP A 58 -1.01 6.43 -10.78
CA TRP A 58 -0.91 5.58 -9.59
C TRP A 58 0.49 4.98 -9.46
N GLN A 59 1.11 4.68 -10.60
CA GLN A 59 2.45 4.10 -10.60
C GLN A 59 3.42 4.98 -9.82
N GLN A 60 3.16 6.29 -9.81
CA GLN A 60 4.01 7.23 -9.10
C GLN A 60 3.85 7.09 -7.59
N VAL A 61 2.60 6.93 -7.14
CA VAL A 61 2.32 6.79 -5.72
C VAL A 61 2.72 5.40 -5.22
N TRP A 62 2.54 4.39 -6.07
CA TRP A 62 2.89 3.03 -5.70
C TRP A 62 4.37 2.92 -5.34
N GLN A 63 5.21 3.66 -6.07
CA GLN A 63 6.64 3.64 -5.81
C GLN A 63 6.95 4.11 -4.39
N GLU A 64 6.26 5.15 -3.95
CA GLU A 64 6.47 5.69 -2.60
C GLU A 64 6.03 4.69 -1.55
N ILE A 65 4.86 4.09 -1.75
CA ILE A 65 4.32 3.11 -0.80
C ILE A 65 5.29 1.95 -0.62
N ASN A 66 5.81 1.44 -1.73
CA ASN A 66 6.75 0.32 -1.68
C ASN A 66 8.00 0.69 -0.89
N VAL A 67 8.45 1.92 -1.05
CA VAL A 67 9.64 2.40 -0.35
C VAL A 67 9.36 2.55 1.15
N GLU A 68 8.17 3.04 1.48
CA GLU A 68 7.79 3.23 2.87
C GLU A 68 7.91 1.94 3.65
N ALA A 69 7.47 0.83 3.05
CA ALA A 69 7.53 -0.47 3.70
C ALA A 69 8.98 -0.89 3.92
N LYS A 70 9.87 -0.46 3.04
CA LYS A 70 11.29 -0.79 3.13
C LYS A 70 11.92 -0.12 4.35
N GLN A 71 11.64 1.17 4.51
CA GLN A 71 12.18 1.93 5.63
C GLN A 71 11.83 1.27 6.96
N VAL A 72 10.54 1.05 7.19
CA VAL A 72 10.09 0.42 8.42
C VAL A 72 10.88 -0.84 8.73
N LYS A 73 11.28 -1.56 7.68
CA LYS A 73 12.05 -2.79 7.83
C LYS A 73 13.30 -2.53 8.66
N ASP A 74 13.86 -1.34 8.54
CA ASP A 74 15.06 -0.97 9.28
C ASP A 74 14.71 -0.52 10.69
N ILE A 75 13.79 0.42 10.81
CA ILE A 75 13.37 0.93 12.10
C ILE A 75 12.85 -0.19 13.00
N MET A 76 12.61 -1.35 12.39
CA MET A 76 12.12 -2.51 13.13
C MET A 76 13.24 -3.51 13.37
N LYS A 77 14.48 -3.07 13.20
CA LYS A 77 15.64 -3.93 13.39
C LYS A 77 15.60 -4.58 14.78
N THR A 78 16.27 -5.73 14.90
CA THR A 78 16.32 -6.44 16.17
C THR A 78 17.58 -6.09 16.96
N SER A 2 -19.14 -14.10 2.50
CA SER A 2 -17.72 -14.44 2.53
C SER A 2 -17.09 -14.25 1.16
N ASP A 3 -16.80 -13.00 0.80
CA ASP A 3 -16.19 -12.70 -0.49
C ASP A 3 -15.59 -11.29 -0.47
N HIS A 4 -14.41 -11.15 -1.09
CA HIS A 4 -13.73 -9.87 -1.15
C HIS A 4 -14.73 -8.73 -1.30
N MET A 5 -14.52 -7.66 -0.54
CA MET A 5 -15.41 -6.50 -0.59
C MET A 5 -14.70 -5.31 -1.23
N THR A 6 -13.44 -5.09 -0.83
CA THR A 6 -12.66 -3.98 -1.36
C THR A 6 -12.78 -3.89 -2.88
N MET A 7 -13.41 -2.82 -3.36
CA MET A 7 -13.59 -2.61 -4.78
C MET A 7 -13.21 -1.20 -5.19
N SER A 8 -12.03 -0.76 -4.77
CA SER A 8 -11.55 0.58 -5.07
C SER A 8 -10.09 0.75 -4.65
N LEU A 9 -9.50 1.87 -5.03
CA LEU A 9 -8.11 2.16 -4.69
C LEU A 9 -7.98 2.66 -3.26
N GLN A 10 -9.09 3.18 -2.72
CA GLN A 10 -9.11 3.69 -1.35
C GLN A 10 -8.91 2.56 -0.35
N MET A 11 -9.80 1.58 -0.36
CA MET A 11 -9.71 0.45 0.55
C MET A 11 -8.30 -0.12 0.57
N ILE A 12 -7.52 0.20 -0.46
CA ILE A 12 -6.15 -0.28 -0.56
C ILE A 12 -5.17 0.68 0.11
N VAL A 13 -5.06 1.89 -0.45
CA VAL A 13 -4.18 2.91 0.09
C VAL A 13 -4.50 3.20 1.55
N GLU A 14 -5.78 3.27 1.86
CA GLU A 14 -6.22 3.55 3.23
C GLU A 14 -5.57 2.58 4.21
N ASN A 15 -5.51 1.30 3.83
CA ASN A 15 -4.91 0.28 4.69
C ASN A 15 -3.50 0.68 5.11
N VAL A 16 -2.80 1.39 4.22
CA VAL A 16 -1.44 1.83 4.49
C VAL A 16 -1.38 2.64 5.78
N LYS A 17 -2.36 3.51 5.97
CA LYS A 17 -2.43 4.35 7.16
C LYS A 17 -2.39 3.51 8.42
N LEU A 18 -2.98 2.32 8.35
CA LEU A 18 -3.02 1.41 9.50
C LEU A 18 -1.63 0.86 9.80
N ALA A 19 -0.91 0.49 8.74
CA ALA A 19 0.44 -0.06 8.89
C ALA A 19 1.43 1.03 9.29
N ARG A 20 1.15 2.25 8.88
CA ARG A 20 2.02 3.39 9.19
C ARG A 20 1.99 3.68 10.69
N GLU A 21 0.83 3.54 11.30
CA GLU A 21 0.69 3.80 12.73
C GLU A 21 1.31 2.67 13.56
N TYR A 22 1.06 1.43 13.15
CA TYR A 22 1.58 0.28 13.84
C TYR A 22 3.11 0.33 13.91
N ALA A 23 3.72 0.79 12.82
CA ALA A 23 5.17 0.90 12.76
C ALA A 23 5.71 1.81 13.86
N LEU A 24 4.96 2.86 14.17
CA LEU A 24 5.36 3.80 15.20
C LEU A 24 5.17 3.20 16.59
N LEU A 25 3.96 2.72 16.86
CA LEU A 25 3.65 2.12 18.16
C LEU A 25 4.73 1.11 18.57
N GLY A 26 5.33 0.47 17.57
CA GLY A 26 6.38 -0.51 17.85
C GLY A 26 6.15 -1.81 17.13
N ASN A 27 4.98 -1.96 16.51
CA ASN A 27 4.65 -3.18 15.79
C ASN A 27 4.89 -3.00 14.29
N TYR A 28 6.14 -3.19 13.87
CA TYR A 28 6.51 -3.04 12.47
C TYR A 28 6.16 -4.30 11.68
N ASP A 29 6.43 -5.45 12.28
CA ASP A 29 6.13 -6.74 11.65
C ASP A 29 4.67 -6.80 11.20
N SER A 30 3.79 -6.24 12.02
CA SER A 30 2.36 -6.24 11.70
C SER A 30 2.05 -5.30 10.54
N ALA A 31 2.85 -4.26 10.40
CA ALA A 31 2.67 -3.30 9.33
C ALA A 31 3.11 -3.88 7.98
N MET A 32 4.14 -4.71 8.01
CA MET A 32 4.65 -5.33 6.79
C MET A 32 3.53 -6.03 6.03
N VAL A 33 2.79 -6.90 6.72
CA VAL A 33 1.69 -7.62 6.11
C VAL A 33 0.72 -6.67 5.42
N TYR A 34 0.54 -5.49 6.00
CA TYR A 34 -0.37 -4.49 5.45
C TYR A 34 0.21 -3.90 4.17
N TYR A 35 1.45 -3.43 4.26
CA TYR A 35 2.12 -2.83 3.11
C TYR A 35 2.11 -3.77 1.91
N GLN A 36 2.62 -4.98 2.13
CA GLN A 36 2.68 -5.98 1.06
C GLN A 36 1.31 -6.19 0.43
N GLY A 37 0.27 -6.14 1.26
CA GLY A 37 -1.08 -6.33 0.77
C GLY A 37 -1.54 -5.17 -0.09
N VAL A 38 -1.30 -3.94 0.38
CA VAL A 38 -1.70 -2.75 -0.36
C VAL A 38 -1.07 -2.73 -1.75
N LEU A 39 0.23 -2.98 -1.81
CA LEU A 39 0.95 -2.99 -3.08
C LEU A 39 0.43 -4.09 -4.00
N ASP A 40 0.32 -5.29 -3.46
CA ASP A 40 -0.17 -6.43 -4.23
C ASP A 40 -1.54 -6.14 -4.81
N GLN A 41 -2.44 -5.62 -3.98
CA GLN A 41 -3.79 -5.29 -4.41
C GLN A 41 -3.79 -4.09 -5.35
N MET A 42 -2.90 -3.14 -5.09
CA MET A 42 -2.79 -1.94 -5.91
C MET A 42 -2.51 -2.30 -7.36
N ASN A 43 -1.51 -3.16 -7.58
CA ASN A 43 -1.13 -3.58 -8.91
C ASN A 43 -2.34 -4.15 -9.66
N LYS A 44 -3.04 -5.07 -9.02
CA LYS A 44 -4.22 -5.70 -9.62
C LYS A 44 -5.20 -4.65 -10.11
N TYR A 45 -5.24 -3.51 -9.41
CA TYR A 45 -6.15 -2.42 -9.78
C TYR A 45 -5.65 -1.72 -11.04
N LEU A 46 -4.37 -1.34 -11.04
CA LEU A 46 -3.78 -0.66 -12.19
C LEU A 46 -3.86 -1.52 -13.44
N TYR A 47 -3.63 -2.81 -13.28
CA TYR A 47 -3.69 -3.75 -14.40
C TYR A 47 -5.08 -3.80 -15.00
N SER A 48 -6.06 -3.28 -14.27
CA SER A 48 -7.44 -3.27 -14.72
C SER A 48 -7.83 -1.90 -15.27
N VAL A 49 -6.83 -1.02 -15.40
CA VAL A 49 -7.06 0.33 -15.91
C VAL A 49 -6.94 0.36 -17.43
N LYS A 50 -7.75 1.21 -18.05
CA LYS A 50 -7.74 1.35 -19.51
C LYS A 50 -7.05 2.64 -19.93
N ASP A 51 -7.08 3.63 -19.04
CA ASP A 51 -6.46 4.92 -19.33
C ASP A 51 -5.02 4.95 -18.81
N THR A 52 -4.07 4.79 -19.73
CA THR A 52 -2.65 4.80 -19.36
C THR A 52 -2.31 6.02 -18.51
N HIS A 53 -3.02 7.11 -18.73
CA HIS A 53 -2.80 8.34 -17.98
C HIS A 53 -3.21 8.17 -16.52
N LEU A 54 -4.30 7.43 -16.30
CA LEU A 54 -4.80 7.19 -14.96
C LEU A 54 -3.89 6.22 -14.20
N ARG A 55 -3.61 5.08 -14.80
CA ARG A 55 -2.75 4.08 -14.19
C ARG A 55 -1.33 4.60 -14.01
N GLN A 56 -0.89 5.41 -14.97
CA GLN A 56 0.45 5.98 -14.92
C GLN A 56 0.66 6.77 -13.63
N LYS A 57 -0.41 7.37 -13.12
CA LYS A 57 -0.34 8.15 -11.89
C LYS A 57 -0.15 7.23 -10.69
N TRP A 58 -0.90 6.13 -10.65
CA TRP A 58 -0.80 5.19 -9.55
C TRP A 58 0.56 4.51 -9.53
N GLN A 59 1.13 4.29 -10.70
CA GLN A 59 2.43 3.65 -10.82
C GLN A 59 3.50 4.46 -10.08
N GLN A 60 3.38 5.78 -10.14
CA GLN A 60 4.34 6.66 -9.48
C GLN A 60 4.18 6.59 -7.97
N VAL A 61 2.97 6.85 -7.49
CA VAL A 61 2.69 6.81 -6.06
C VAL A 61 2.99 5.43 -5.48
N TRP A 62 2.72 4.40 -6.26
CA TRP A 62 2.95 3.03 -5.82
C TRP A 62 4.40 2.84 -5.36
N GLN A 63 5.31 3.55 -6.02
CA GLN A 63 6.73 3.46 -5.69
C GLN A 63 6.99 3.95 -4.27
N GLU A 64 6.36 5.07 -3.90
CA GLU A 64 6.51 5.63 -2.58
C GLU A 64 6.00 4.67 -1.50
N ILE A 65 4.97 3.92 -1.85
CA ILE A 65 4.37 2.97 -0.91
C ILE A 65 5.28 1.77 -0.71
N ASN A 66 5.93 1.32 -1.79
CA ASN A 66 6.83 0.18 -1.73
C ASN A 66 8.12 0.55 -0.99
N VAL A 67 8.70 1.68 -1.35
CA VAL A 67 9.93 2.15 -0.72
C VAL A 67 9.71 2.44 0.76
N GLU A 68 8.51 2.89 1.09
CA GLU A 68 8.17 3.21 2.48
C GLU A 68 8.26 1.97 3.36
N ALA A 69 7.65 0.88 2.90
CA ALA A 69 7.66 -0.37 3.65
C ALA A 69 9.08 -0.80 3.99
N LYS A 70 10.01 -0.49 3.10
CA LYS A 70 11.42 -0.84 3.30
C LYS A 70 11.99 -0.11 4.52
N GLN A 71 11.69 1.18 4.63
CA GLN A 71 12.17 1.99 5.74
C GLN A 71 11.79 1.36 7.07
N VAL A 72 10.50 1.02 7.21
CA VAL A 72 10.01 0.41 8.44
C VAL A 72 10.87 -0.78 8.85
N LYS A 73 11.36 -1.51 7.86
CA LYS A 73 12.19 -2.68 8.10
C LYS A 73 13.49 -2.29 8.79
N ASP A 74 13.99 -1.10 8.46
CA ASP A 74 15.23 -0.60 9.05
C ASP A 74 14.98 -0.06 10.45
N ILE A 75 14.01 0.83 10.57
CA ILE A 75 13.67 1.43 11.86
C ILE A 75 13.33 0.36 12.89
N MET A 76 12.72 -0.73 12.42
CA MET A 76 12.34 -1.83 13.30
C MET A 76 13.56 -2.68 13.66
N LYS A 77 13.50 -3.32 14.82
CA LYS A 77 14.60 -4.18 15.28
C LYS A 77 14.44 -5.60 14.75
N THR A 78 15.55 -6.31 14.62
CA THR A 78 15.54 -7.67 14.12
C THR A 78 15.12 -8.65 15.23
N SER A 2 -23.16 -13.11 -0.52
CA SER A 2 -22.69 -13.09 -1.90
C SER A 2 -21.28 -12.51 -1.99
N ASP A 3 -20.37 -13.24 -2.62
CA ASP A 3 -18.99 -12.78 -2.77
C ASP A 3 -18.95 -11.44 -3.51
N HIS A 4 -17.85 -10.70 -3.30
CA HIS A 4 -17.68 -9.41 -3.94
C HIS A 4 -16.22 -9.11 -4.18
N MET A 5 -15.88 -8.72 -5.41
CA MET A 5 -14.51 -8.41 -5.77
C MET A 5 -14.19 -6.94 -5.52
N THR A 6 -13.45 -6.68 -4.45
CA THR A 6 -13.07 -5.31 -4.09
C THR A 6 -12.65 -4.52 -5.32
N MET A 7 -13.43 -3.48 -5.64
CA MET A 7 -13.14 -2.65 -6.80
C MET A 7 -13.00 -1.18 -6.38
N SER A 8 -12.01 -0.91 -5.53
CA SER A 8 -11.77 0.45 -5.06
C SER A 8 -10.30 0.66 -4.73
N LEU A 9 -9.89 1.92 -4.67
CA LEU A 9 -8.50 2.26 -4.37
C LEU A 9 -8.35 2.75 -2.94
N GLN A 10 -9.47 3.19 -2.35
CA GLN A 10 -9.46 3.68 -0.98
C GLN A 10 -9.17 2.55 0.00
N MET A 11 -9.99 1.51 -0.03
CA MET A 11 -9.81 0.36 0.86
C MET A 11 -8.38 -0.17 0.77
N ILE A 12 -7.67 0.23 -0.27
CA ILE A 12 -6.29 -0.21 -0.47
C ILE A 12 -5.31 0.76 0.16
N VAL A 13 -5.25 1.98 -0.37
CA VAL A 13 -4.35 3.00 0.15
C VAL A 13 -4.61 3.27 1.63
N GLU A 14 -5.87 3.12 2.03
CA GLU A 14 -6.26 3.34 3.42
C GLU A 14 -5.53 2.38 4.35
N ASN A 15 -5.37 1.15 3.90
CA ASN A 15 -4.69 0.12 4.68
C ASN A 15 -3.29 0.57 5.08
N VAL A 16 -2.65 1.33 4.19
CA VAL A 16 -1.30 1.83 4.44
C VAL A 16 -1.26 2.67 5.71
N LYS A 17 -2.24 3.55 5.86
CA LYS A 17 -2.32 4.42 7.04
C LYS A 17 -2.34 3.59 8.32
N LEU A 18 -2.97 2.43 8.26
CA LEU A 18 -3.06 1.55 9.42
C LEU A 18 -1.71 0.92 9.73
N ALA A 19 -0.96 0.59 8.68
CA ALA A 19 0.35 -0.02 8.85
C ALA A 19 1.39 1.03 9.29
N ARG A 20 1.29 2.22 8.72
CA ARG A 20 2.21 3.30 9.05
C ARG A 20 2.12 3.65 10.53
N GLU A 21 0.93 3.52 11.10
CA GLU A 21 0.71 3.83 12.51
C GLU A 21 1.32 2.75 13.40
N TYR A 22 1.12 1.49 13.02
CA TYR A 22 1.65 0.38 13.79
C TYR A 22 3.17 0.45 13.90
N ALA A 23 3.81 0.82 12.80
CA ALA A 23 5.27 0.94 12.77
C ALA A 23 5.77 1.86 13.87
N LEU A 24 5.01 2.92 14.14
CA LEU A 24 5.37 3.88 15.17
C LEU A 24 5.13 3.31 16.56
N LEU A 25 3.93 2.81 16.79
CA LEU A 25 3.56 2.22 18.07
C LEU A 25 4.61 1.21 18.53
N GLY A 26 5.18 0.49 17.56
CA GLY A 26 6.20 -0.50 17.88
C GLY A 26 5.99 -1.79 17.12
N ASN A 27 4.80 -1.96 16.54
CA ASN A 27 4.48 -3.16 15.78
C ASN A 27 4.77 -2.96 14.29
N TYR A 28 6.03 -3.18 13.91
CA TYR A 28 6.44 -3.04 12.52
C TYR A 28 6.07 -4.27 11.70
N ASP A 29 6.26 -5.44 12.31
CA ASP A 29 5.95 -6.70 11.64
C ASP A 29 4.54 -6.69 11.07
N SER A 30 3.61 -6.11 11.82
CA SER A 30 2.22 -6.03 11.40
C SER A 30 2.05 -5.08 10.22
N ALA A 31 2.94 -4.09 10.14
CA ALA A 31 2.91 -3.12 9.06
C ALA A 31 3.41 -3.73 7.75
N MET A 32 4.37 -4.63 7.86
CA MET A 32 4.94 -5.29 6.69
C MET A 32 3.86 -6.06 5.93
N VAL A 33 3.20 -6.98 6.63
CA VAL A 33 2.15 -7.79 6.02
C VAL A 33 1.07 -6.92 5.39
N TYR A 34 0.79 -5.78 6.03
CA TYR A 34 -0.22 -4.86 5.53
C TYR A 34 0.26 -4.16 4.27
N TYR A 35 1.44 -3.55 4.34
CA TYR A 35 2.02 -2.84 3.20
C TYR A 35 2.10 -3.76 1.97
N GLN A 36 2.59 -4.98 2.19
CA GLN A 36 2.73 -5.94 1.11
C GLN A 36 1.37 -6.22 0.45
N GLY A 37 0.32 -6.20 1.26
CA GLY A 37 -1.01 -6.44 0.74
C GLY A 37 -1.53 -5.29 -0.10
N VAL A 38 -1.30 -4.07 0.38
CA VAL A 38 -1.75 -2.89 -0.34
C VAL A 38 -1.12 -2.79 -1.72
N LEU A 39 0.17 -3.10 -1.80
CA LEU A 39 0.91 -3.06 -3.06
C LEU A 39 0.37 -4.10 -4.03
N ASP A 40 0.11 -5.30 -3.52
CA ASP A 40 -0.41 -6.39 -4.34
C ASP A 40 -1.78 -6.04 -4.90
N GLN A 41 -2.67 -5.54 -4.04
CA GLN A 41 -4.02 -5.17 -4.44
C GLN A 41 -3.99 -3.93 -5.35
N MET A 42 -3.04 -3.05 -5.09
CA MET A 42 -2.91 -1.83 -5.88
C MET A 42 -2.55 -2.15 -7.33
N ASN A 43 -1.52 -2.97 -7.50
CA ASN A 43 -1.08 -3.36 -8.84
C ASN A 43 -2.23 -3.94 -9.65
N LYS A 44 -2.96 -4.87 -9.04
CA LYS A 44 -4.10 -5.50 -9.70
C LYS A 44 -5.06 -4.45 -10.27
N TYR A 45 -5.22 -3.35 -9.54
CA TYR A 45 -6.10 -2.28 -9.96
C TYR A 45 -5.55 -1.57 -11.19
N LEU A 46 -4.30 -1.14 -11.12
CA LEU A 46 -3.65 -0.46 -12.23
C LEU A 46 -3.65 -1.33 -13.47
N TYR A 47 -3.56 -2.64 -13.28
CA TYR A 47 -3.55 -3.58 -14.40
C TYR A 47 -4.90 -3.62 -15.08
N SER A 48 -5.96 -3.33 -14.33
CA SER A 48 -7.31 -3.35 -14.87
C SER A 48 -7.72 -1.95 -15.32
N VAL A 49 -6.74 -1.07 -15.48
CA VAL A 49 -7.00 0.30 -15.92
C VAL A 49 -7.10 0.38 -17.43
N LYS A 50 -7.90 1.33 -17.91
CA LYS A 50 -8.10 1.52 -19.34
C LYS A 50 -7.33 2.75 -19.84
N ASP A 51 -7.18 3.74 -18.97
CA ASP A 51 -6.47 4.96 -19.31
C ASP A 51 -5.01 4.88 -18.87
N THR A 52 -4.11 4.74 -19.83
CA THR A 52 -2.69 4.66 -19.53
C THR A 52 -2.25 5.76 -18.57
N HIS A 53 -2.81 6.95 -18.76
CA HIS A 53 -2.49 8.08 -17.91
C HIS A 53 -2.96 7.85 -16.48
N LEU A 54 -4.04 7.09 -16.34
CA LEU A 54 -4.60 6.79 -15.02
C LEU A 54 -3.71 5.81 -14.27
N ARG A 55 -3.39 4.70 -14.91
CA ARG A 55 -2.54 3.68 -14.30
C ARG A 55 -1.14 4.22 -14.04
N GLN A 56 -0.60 4.94 -15.02
CA GLN A 56 0.74 5.52 -14.89
C GLN A 56 0.81 6.50 -13.73
N LYS A 57 -0.30 7.19 -13.47
CA LYS A 57 -0.37 8.15 -12.39
C LYS A 57 -0.26 7.45 -11.03
N TRP A 58 -0.96 6.33 -10.89
CA TRP A 58 -0.94 5.57 -9.64
C TRP A 58 0.40 4.87 -9.45
N GLN A 59 1.01 4.45 -10.56
CA GLN A 59 2.29 3.76 -10.52
C GLN A 59 3.34 4.61 -9.80
N GLN A 60 3.21 5.94 -9.92
CA GLN A 60 4.14 6.86 -9.29
C GLN A 60 3.99 6.82 -7.77
N VAL A 61 2.75 6.69 -7.31
CA VAL A 61 2.47 6.63 -5.87
C VAL A 61 2.89 5.29 -5.28
N TRP A 62 2.68 4.22 -6.04
CA TRP A 62 3.03 2.89 -5.59
C TRP A 62 4.49 2.82 -5.17
N GLN A 63 5.33 3.59 -5.84
CA GLN A 63 6.77 3.61 -5.53
C GLN A 63 7.00 4.16 -4.13
N GLU A 64 6.21 5.16 -3.75
CA GLU A 64 6.33 5.78 -2.43
C GLU A 64 5.86 4.82 -1.34
N ILE A 65 4.86 4.02 -1.66
CA ILE A 65 4.31 3.06 -0.71
C ILE A 65 5.27 1.89 -0.49
N ASN A 66 5.80 1.35 -1.58
CA ASN A 66 6.74 0.24 -1.52
C ASN A 66 8.02 0.64 -0.79
N VAL A 67 8.64 1.73 -1.25
CA VAL A 67 9.86 2.23 -0.65
C VAL A 67 9.67 2.53 0.84
N GLU A 68 8.49 3.03 1.18
CA GLU A 68 8.17 3.36 2.57
C GLU A 68 8.24 2.12 3.45
N ALA A 69 7.61 1.04 3.00
CA ALA A 69 7.59 -0.22 3.74
C ALA A 69 9.00 -0.74 3.96
N LYS A 70 9.89 -0.45 3.01
CA LYS A 70 11.28 -0.90 3.09
C LYS A 70 11.98 -0.26 4.29
N GLN A 71 11.77 1.04 4.46
CA GLN A 71 12.38 1.77 5.56
C GLN A 71 11.99 1.16 6.91
N VAL A 72 10.70 0.91 7.07
CA VAL A 72 10.18 0.33 8.30
C VAL A 72 10.97 -0.90 8.70
N LYS A 73 11.43 -1.66 7.71
CA LYS A 73 12.21 -2.87 7.97
C LYS A 73 13.47 -2.54 8.76
N ASP A 74 14.03 -1.36 8.53
CA ASP A 74 15.23 -0.92 9.21
C ASP A 74 14.90 -0.36 10.59
N ILE A 75 13.96 0.58 10.64
CA ILE A 75 13.55 1.19 11.89
C ILE A 75 13.06 0.15 12.88
N MET A 76 12.82 -1.07 12.39
CA MET A 76 12.36 -2.17 13.23
C MET A 76 13.50 -3.13 13.55
N LYS A 77 14.74 -2.65 13.41
CA LYS A 77 15.91 -3.47 13.68
C LYS A 77 16.34 -3.34 15.13
N THR A 78 17.04 -4.35 15.64
CA THR A 78 17.52 -4.34 17.01
C THR A 78 18.25 -3.04 17.33
N SER A 2 -15.59 -3.49 3.72
CA SER A 2 -15.09 -4.77 4.21
C SER A 2 -15.86 -5.94 3.60
N ASP A 3 -17.19 -5.83 3.63
CA ASP A 3 -18.05 -6.87 3.08
C ASP A 3 -18.01 -6.88 1.56
N HIS A 4 -18.06 -5.69 0.97
CA HIS A 4 -18.02 -5.55 -0.48
C HIS A 4 -16.60 -5.34 -0.97
N MET A 5 -16.42 -5.39 -2.28
CA MET A 5 -15.10 -5.20 -2.88
C MET A 5 -15.16 -4.20 -4.03
N THR A 6 -16.05 -3.23 -3.91
CA THR A 6 -16.21 -2.20 -4.93
C THR A 6 -14.87 -1.83 -5.56
N MET A 7 -14.92 -1.36 -6.80
CA MET A 7 -13.70 -0.98 -7.51
C MET A 7 -13.19 0.37 -7.02
N SER A 8 -12.58 0.37 -5.83
CA SER A 8 -12.04 1.61 -5.25
C SER A 8 -10.65 1.38 -4.69
N LEU A 9 -9.76 2.34 -4.93
CA LEU A 9 -8.39 2.25 -4.44
C LEU A 9 -8.26 2.86 -3.05
N GLN A 10 -9.28 2.65 -2.23
CA GLN A 10 -9.28 3.18 -0.87
C GLN A 10 -8.77 2.14 0.12
N MET A 11 -9.46 1.01 0.20
CA MET A 11 -9.07 -0.07 1.11
C MET A 11 -7.61 -0.45 0.89
N ILE A 12 -7.05 -0.02 -0.23
CA ILE A 12 -5.66 -0.32 -0.55
C ILE A 12 -4.72 0.68 0.10
N VAL A 13 -4.81 1.94 -0.34
CA VAL A 13 -3.96 2.99 0.20
C VAL A 13 -4.23 3.21 1.69
N GLU A 14 -5.51 3.13 2.07
CA GLU A 14 -5.90 3.32 3.46
C GLU A 14 -5.09 2.40 4.38
N ASN A 15 -4.81 1.19 3.89
CA ASN A 15 -4.04 0.22 4.68
C ASN A 15 -2.72 0.83 5.16
N VAL A 16 -2.16 1.71 4.35
CA VAL A 16 -0.89 2.36 4.69
C VAL A 16 -1.00 3.09 6.03
N LYS A 17 -2.05 3.90 6.16
CA LYS A 17 -2.27 4.65 7.39
C LYS A 17 -2.35 3.73 8.60
N LEU A 18 -3.00 2.59 8.42
CA LEU A 18 -3.14 1.62 9.51
C LEU A 18 -1.80 0.94 9.80
N ALA A 19 -1.08 0.56 8.74
CA ALA A 19 0.21 -0.09 8.89
C ALA A 19 1.21 0.83 9.60
N ARG A 20 1.29 2.06 9.12
CA ARG A 20 2.22 3.03 9.70
C ARG A 20 1.94 3.23 11.19
N GLU A 21 0.65 3.32 11.54
CA GLU A 21 0.25 3.51 12.93
C GLU A 21 0.80 2.39 13.81
N TYR A 22 0.89 1.19 13.24
CA TYR A 22 1.39 0.04 13.97
C TYR A 22 2.90 0.13 14.18
N ALA A 23 3.60 0.67 13.18
CA ALA A 23 5.05 0.82 13.27
C ALA A 23 5.44 1.78 14.38
N LEU A 24 4.69 2.87 14.50
CA LEU A 24 4.96 3.87 15.53
C LEU A 24 4.63 3.33 16.92
N LEU A 25 3.46 2.71 17.04
CA LEU A 25 3.02 2.14 18.31
C LEU A 25 4.06 1.16 18.85
N GLY A 26 4.65 0.38 17.97
CA GLY A 26 5.66 -0.59 18.37
C GLY A 26 5.59 -1.87 17.57
N ASN A 27 4.52 -2.02 16.79
CA ASN A 27 4.34 -3.22 15.98
C ASN A 27 4.68 -2.94 14.51
N TYR A 28 5.88 -3.33 14.10
CA TYR A 28 6.32 -3.12 12.74
C TYR A 28 5.96 -4.31 11.85
N ASP A 29 6.09 -5.51 12.41
CA ASP A 29 5.78 -6.73 11.68
C ASP A 29 4.40 -6.66 11.05
N SER A 30 3.44 -6.10 11.79
CA SER A 30 2.08 -5.97 11.31
C SER A 30 2.01 -5.01 10.13
N ALA A 31 2.86 -3.99 10.15
CA ALA A 31 2.90 -3.00 9.07
C ALA A 31 3.30 -3.64 7.75
N MET A 32 4.28 -4.54 7.81
CA MET A 32 4.76 -5.22 6.61
C MET A 32 3.65 -6.07 6.00
N VAL A 33 2.81 -6.63 6.84
CA VAL A 33 1.70 -7.47 6.38
C VAL A 33 0.75 -6.68 5.51
N TYR A 34 0.38 -5.48 5.96
CA TYR A 34 -0.53 -4.63 5.22
C TYR A 34 0.14 -4.04 3.98
N TYR A 35 1.37 -3.55 4.17
CA TYR A 35 2.13 -2.97 3.07
C TYR A 35 2.24 -3.94 1.90
N GLN A 36 2.75 -5.14 2.18
CA GLN A 36 2.90 -6.16 1.15
C GLN A 36 1.59 -6.38 0.39
N GLY A 37 0.48 -6.38 1.12
CA GLY A 37 -0.81 -6.59 0.51
C GLY A 37 -1.24 -5.40 -0.34
N VAL A 38 -0.91 -4.20 0.11
CA VAL A 38 -1.26 -2.99 -0.62
C VAL A 38 -0.59 -2.96 -1.99
N LEU A 39 0.70 -3.27 -2.03
CA LEU A 39 1.45 -3.27 -3.28
C LEU A 39 0.88 -4.30 -4.25
N ASP A 40 0.48 -5.45 -3.72
CA ASP A 40 -0.09 -6.52 -4.54
C ASP A 40 -1.48 -6.12 -5.05
N GLN A 41 -2.30 -5.57 -4.16
CA GLN A 41 -3.65 -5.15 -4.52
C GLN A 41 -3.61 -3.92 -5.43
N MET A 42 -2.60 -3.08 -5.23
CA MET A 42 -2.46 -1.87 -6.04
C MET A 42 -2.32 -2.22 -7.52
N ASN A 43 -1.40 -3.12 -7.83
CA ASN A 43 -1.17 -3.53 -9.21
C ASN A 43 -2.47 -4.02 -9.86
N LYS A 44 -3.18 -4.91 -9.16
CA LYS A 44 -4.43 -5.45 -9.66
C LYS A 44 -5.38 -4.32 -10.08
N TYR A 45 -5.31 -3.20 -9.36
CA TYR A 45 -6.17 -2.06 -9.65
C TYR A 45 -5.73 -1.37 -10.94
N LEU A 46 -4.45 -1.04 -11.03
CA LEU A 46 -3.91 -0.38 -12.22
C LEU A 46 -4.15 -1.23 -13.46
N TYR A 47 -4.13 -2.53 -13.29
CA TYR A 47 -4.34 -3.46 -14.40
C TYR A 47 -5.76 -3.36 -14.94
N SER A 48 -6.71 -3.11 -14.03
CA SER A 48 -8.11 -3.00 -14.41
C SER A 48 -8.39 -1.65 -15.07
N VAL A 49 -7.40 -0.76 -15.02
CA VAL A 49 -7.53 0.56 -15.62
C VAL A 49 -7.46 0.48 -17.13
N LYS A 50 -8.24 1.34 -17.80
CA LYS A 50 -8.27 1.36 -19.26
C LYS A 50 -7.48 2.57 -19.79
N ASP A 51 -7.47 3.64 -19.02
CA ASP A 51 -6.75 4.86 -19.42
C ASP A 51 -5.33 4.84 -18.88
N THR A 52 -4.37 4.60 -19.77
CA THR A 52 -2.97 4.55 -19.40
C THR A 52 -2.57 5.79 -18.59
N HIS A 53 -3.23 6.91 -18.87
CA HIS A 53 -2.95 8.16 -18.17
C HIS A 53 -3.31 8.04 -16.69
N LEU A 54 -4.40 7.33 -16.41
CA LEU A 54 -4.86 7.15 -15.04
C LEU A 54 -3.94 6.20 -14.28
N ARG A 55 -3.71 5.02 -14.86
CA ARG A 55 -2.86 4.01 -14.24
C ARG A 55 -1.41 4.49 -14.20
N GLN A 56 -1.03 5.32 -15.17
CA GLN A 56 0.33 5.84 -15.24
C GLN A 56 0.63 6.71 -14.02
N LYS A 57 -0.37 7.41 -13.53
CA LYS A 57 -0.21 8.28 -12.37
C LYS A 57 0.00 7.47 -11.10
N TRP A 58 -0.70 6.35 -11.00
CA TRP A 58 -0.59 5.47 -9.84
C TRP A 58 0.77 4.79 -9.80
N GLN A 59 1.31 4.48 -10.97
CA GLN A 59 2.61 3.84 -11.06
C GLN A 59 3.68 4.65 -10.33
N GLN A 60 3.54 5.97 -10.37
CA GLN A 60 4.49 6.86 -9.71
C GLN A 60 4.40 6.72 -8.19
N VAL A 61 3.18 6.61 -7.68
CA VAL A 61 2.96 6.47 -6.25
C VAL A 61 3.33 5.07 -5.77
N TRP A 62 2.99 4.06 -6.55
CA TRP A 62 3.29 2.68 -6.20
C TRP A 62 4.78 2.51 -5.89
N GLN A 63 5.61 3.33 -6.54
CA GLN A 63 7.05 3.26 -6.33
C GLN A 63 7.41 3.64 -4.90
N GLU A 64 6.88 4.77 -4.43
CA GLU A 64 7.15 5.23 -3.08
C GLU A 64 6.49 4.32 -2.05
N ILE A 65 5.32 3.79 -2.40
CA ILE A 65 4.59 2.91 -1.51
C ILE A 65 5.44 1.71 -1.10
N ASN A 66 6.23 1.21 -2.03
CA ASN A 66 7.10 0.06 -1.77
C ASN A 66 8.29 0.47 -0.90
N VAL A 67 8.86 1.63 -1.21
CA VAL A 67 10.01 2.14 -0.46
C VAL A 67 9.62 2.43 0.99
N GLU A 68 8.45 3.03 1.18
CA GLU A 68 7.98 3.36 2.52
C GLU A 68 8.04 2.14 3.44
N ALA A 69 7.56 1.01 2.94
CA ALA A 69 7.57 -0.22 3.72
C ALA A 69 8.99 -0.66 4.05
N LYS A 70 9.92 -0.33 3.16
CA LYS A 70 11.32 -0.70 3.36
C LYS A 70 11.91 0.07 4.54
N GLN A 71 11.55 1.35 4.65
CA GLN A 71 12.05 2.19 5.73
C GLN A 71 11.74 1.57 7.09
N VAL A 72 10.50 1.16 7.29
CA VAL A 72 10.08 0.55 8.54
C VAL A 72 10.99 -0.61 8.91
N LYS A 73 11.46 -1.34 7.91
CA LYS A 73 12.34 -2.47 8.13
C LYS A 73 13.55 -2.07 8.97
N ASP A 74 13.99 -0.83 8.80
CA ASP A 74 15.13 -0.33 9.55
C ASP A 74 14.74 0.03 10.98
N ILE A 75 13.79 0.95 11.11
CA ILE A 75 13.31 1.38 12.43
C ILE A 75 12.89 0.18 13.27
N MET A 76 12.37 -0.85 12.62
CA MET A 76 11.92 -2.05 13.31
C MET A 76 13.10 -2.98 13.59
N LYS A 77 13.09 -3.59 14.77
CA LYS A 77 14.15 -4.52 15.16
C LYS A 77 13.60 -5.67 15.98
N THR A 78 14.27 -6.83 15.89
CA THR A 78 13.84 -8.01 16.63
C THR A 78 14.99 -8.59 17.45
N SER A 2 -23.23 4.37 -6.89
CA SER A 2 -22.37 5.54 -6.85
C SER A 2 -20.91 5.13 -6.72
N ASP A 3 -20.09 5.54 -7.69
CA ASP A 3 -18.67 5.22 -7.67
C ASP A 3 -18.00 5.74 -6.41
N HIS A 4 -18.10 7.05 -6.19
CA HIS A 4 -17.51 7.68 -5.01
C HIS A 4 -17.94 6.96 -3.73
N MET A 5 -19.25 6.91 -3.51
CA MET A 5 -19.80 6.25 -2.33
C MET A 5 -18.97 5.02 -1.96
N THR A 6 -18.79 4.13 -2.93
CA THR A 6 -18.02 2.91 -2.72
C THR A 6 -16.55 3.12 -3.03
N MET A 7 -15.70 3.00 -2.01
CA MET A 7 -14.26 3.17 -2.19
C MET A 7 -13.70 2.10 -3.13
N SER A 8 -12.99 2.55 -4.16
CA SER A 8 -12.40 1.63 -5.13
C SER A 8 -10.95 1.33 -4.78
N LEU A 9 -10.11 2.37 -4.82
CA LEU A 9 -8.69 2.22 -4.50
C LEU A 9 -8.41 2.63 -3.06
N GLN A 10 -9.24 3.53 -2.53
CA GLN A 10 -9.08 3.99 -1.16
C GLN A 10 -8.98 2.83 -0.19
N MET A 11 -9.87 1.86 -0.35
CA MET A 11 -9.89 0.68 0.51
C MET A 11 -8.52 0.00 0.52
N ILE A 12 -7.69 0.32 -0.46
CA ILE A 12 -6.36 -0.27 -0.56
C ILE A 12 -5.31 0.65 0.07
N VAL A 13 -5.17 1.85 -0.49
CA VAL A 13 -4.21 2.81 0.02
C VAL A 13 -4.45 3.12 1.49
N GLU A 14 -5.72 3.05 1.90
CA GLU A 14 -6.09 3.32 3.28
C GLU A 14 -5.45 2.29 4.21
N ASN A 15 -5.42 1.04 3.78
CA ASN A 15 -4.83 -0.04 4.58
C ASN A 15 -3.42 0.31 5.01
N VAL A 16 -2.75 1.16 4.24
CA VAL A 16 -1.39 1.58 4.55
C VAL A 16 -1.36 2.49 5.77
N LYS A 17 -2.42 3.25 5.95
CA LYS A 17 -2.53 4.17 7.09
C LYS A 17 -2.48 3.39 8.41
N LEU A 18 -3.14 2.24 8.44
CA LEU A 18 -3.18 1.41 9.63
C LEU A 18 -1.82 0.78 9.90
N ALA A 19 -1.13 0.41 8.83
CA ALA A 19 0.19 -0.22 8.95
C ALA A 19 1.22 0.78 9.47
N ARG A 20 1.28 1.95 8.86
CA ARG A 20 2.22 2.98 9.27
C ARG A 20 2.06 3.30 10.76
N GLU A 21 0.84 3.18 11.25
CA GLU A 21 0.56 3.45 12.65
C GLU A 21 1.22 2.42 13.56
N TYR A 22 1.12 1.15 13.17
CA TYR A 22 1.70 0.06 13.94
C TYR A 22 3.20 0.27 14.11
N ALA A 23 3.86 0.69 13.04
CA ALA A 23 5.30 0.92 13.07
C ALA A 23 5.68 1.87 14.20
N LEU A 24 4.86 2.89 14.41
CA LEU A 24 5.11 3.88 15.46
C LEU A 24 4.80 3.29 16.84
N LEU A 25 3.60 2.76 17.00
CA LEU A 25 3.18 2.16 18.26
C LEU A 25 4.28 1.27 18.83
N GLY A 26 4.97 0.56 17.94
CA GLY A 26 6.05 -0.32 18.37
C GLY A 26 6.08 -1.62 17.58
N ASN A 27 5.01 -1.90 16.85
CA ASN A 27 4.92 -3.11 16.05
C ASN A 27 5.14 -2.80 14.57
N TYR A 28 6.30 -3.20 14.05
CA TYR A 28 6.63 -2.96 12.65
C TYR A 28 6.29 -4.19 11.79
N ASP A 29 6.60 -5.36 12.33
CA ASP A 29 6.34 -6.61 11.62
C ASP A 29 4.89 -6.66 11.13
N SER A 30 3.97 -6.18 11.97
CA SER A 30 2.55 -6.18 11.62
C SER A 30 2.29 -5.25 10.44
N ALA A 31 3.12 -4.23 10.29
CA ALA A 31 2.98 -3.27 9.21
C ALA A 31 3.40 -3.88 7.88
N MET A 32 4.47 -4.68 7.92
CA MET A 32 4.98 -5.33 6.71
C MET A 32 3.88 -6.13 6.02
N VAL A 33 3.28 -7.06 6.76
CA VAL A 33 2.22 -7.90 6.23
C VAL A 33 1.13 -7.07 5.57
N TYR A 34 0.83 -5.92 6.17
CA TYR A 34 -0.19 -5.02 5.65
C TYR A 34 0.28 -4.34 4.36
N TYR A 35 1.48 -3.77 4.41
CA TYR A 35 2.04 -3.09 3.25
C TYR A 35 2.07 -4.02 2.04
N GLN A 36 2.70 -5.18 2.21
CA GLN A 36 2.80 -6.15 1.13
C GLN A 36 1.43 -6.42 0.51
N GLY A 37 0.39 -6.37 1.34
CA GLY A 37 -0.95 -6.62 0.86
C GLY A 37 -1.49 -5.47 0.03
N VAL A 38 -1.22 -4.24 0.46
CA VAL A 38 -1.68 -3.06 -0.25
C VAL A 38 -1.03 -2.96 -1.63
N LEU A 39 0.26 -3.27 -1.69
CA LEU A 39 1.00 -3.22 -2.95
C LEU A 39 0.49 -4.28 -3.93
N ASP A 40 0.11 -5.43 -3.39
CA ASP A 40 -0.39 -6.52 -4.22
C ASP A 40 -1.77 -6.18 -4.79
N GLN A 41 -2.62 -5.59 -3.96
CA GLN A 41 -3.96 -5.22 -4.38
C GLN A 41 -3.92 -3.98 -5.28
N MET A 42 -2.95 -3.11 -5.04
CA MET A 42 -2.80 -1.89 -5.82
C MET A 42 -2.54 -2.22 -7.29
N ASN A 43 -1.62 -3.14 -7.52
CA ASN A 43 -1.28 -3.54 -8.89
C ASN A 43 -2.52 -3.99 -9.65
N LYS A 44 -3.33 -4.82 -9.03
CA LYS A 44 -4.55 -5.32 -9.64
C LYS A 44 -5.40 -4.17 -10.16
N TYR A 45 -5.42 -3.07 -9.41
CA TYR A 45 -6.20 -1.90 -9.80
C TYR A 45 -5.61 -1.24 -11.04
N LEU A 46 -4.31 -0.95 -10.99
CA LEU A 46 -3.63 -0.32 -12.11
C LEU A 46 -3.76 -1.16 -13.37
N TYR A 47 -3.80 -2.48 -13.21
CA TYR A 47 -3.93 -3.39 -14.33
C TYR A 47 -5.36 -3.38 -14.89
N SER A 48 -6.30 -2.90 -14.07
CA SER A 48 -7.70 -2.84 -14.47
C SER A 48 -8.03 -1.48 -15.06
N VAL A 49 -7.03 -0.61 -15.15
CA VAL A 49 -7.21 0.72 -15.69
C VAL A 49 -7.32 0.69 -17.21
N LYS A 50 -8.19 1.53 -17.76
CA LYS A 50 -8.38 1.59 -19.20
C LYS A 50 -7.52 2.70 -19.81
N ASP A 51 -7.36 3.79 -19.08
CA ASP A 51 -6.56 4.92 -19.56
C ASP A 51 -5.11 4.78 -19.09
N THR A 52 -4.19 4.69 -20.05
CA THR A 52 -2.77 4.56 -19.74
C THR A 52 -2.31 5.67 -18.81
N HIS A 53 -2.69 6.91 -19.12
CA HIS A 53 -2.31 8.06 -18.31
C HIS A 53 -2.82 7.90 -16.88
N LEU A 54 -3.97 7.23 -16.73
CA LEU A 54 -4.56 7.01 -15.43
C LEU A 54 -3.69 6.08 -14.58
N ARG A 55 -3.36 4.92 -15.13
CA ARG A 55 -2.53 3.96 -14.43
C ARG A 55 -1.10 4.46 -14.28
N GLN A 56 -0.61 5.18 -15.29
CA GLN A 56 0.74 5.72 -15.27
C GLN A 56 0.97 6.53 -14.00
N LYS A 57 -0.04 7.30 -13.60
CA LYS A 57 0.05 8.13 -12.41
C LYS A 57 0.22 7.28 -11.16
N TRP A 58 -0.67 6.30 -11.00
CA TRP A 58 -0.61 5.39 -9.85
C TRP A 58 0.76 4.75 -9.73
N GLN A 59 1.38 4.47 -10.87
CA GLN A 59 2.70 3.84 -10.89
C GLN A 59 3.70 4.66 -10.08
N GLN A 60 3.56 5.97 -10.13
CA GLN A 60 4.45 6.87 -9.41
C GLN A 60 4.24 6.75 -7.90
N VAL A 61 2.98 6.67 -7.49
CA VAL A 61 2.65 6.55 -6.08
C VAL A 61 2.98 5.16 -5.54
N TRP A 62 2.81 4.15 -6.40
CA TRP A 62 3.10 2.77 -6.02
C TRP A 62 4.53 2.62 -5.53
N GLN A 63 5.45 3.34 -6.18
CA GLN A 63 6.86 3.29 -5.82
C GLN A 63 7.08 3.83 -4.41
N GLU A 64 6.35 4.90 -4.08
CA GLU A 64 6.47 5.51 -2.76
C GLU A 64 5.95 4.57 -1.68
N ILE A 65 4.77 4.01 -1.90
CA ILE A 65 4.16 3.10 -0.93
C ILE A 65 5.05 1.88 -0.69
N ASN A 66 5.73 1.42 -1.74
CA ASN A 66 6.62 0.27 -1.65
C ASN A 66 7.91 0.65 -0.92
N VAL A 67 8.50 1.76 -1.31
CA VAL A 67 9.74 2.23 -0.70
C VAL A 67 9.54 2.54 0.78
N GLU A 68 8.36 3.03 1.12
CA GLU A 68 8.03 3.36 2.51
C GLU A 68 8.08 2.11 3.39
N ALA A 69 7.42 1.05 2.93
CA ALA A 69 7.38 -0.21 3.67
C ALA A 69 8.79 -0.70 3.97
N LYS A 70 9.72 -0.45 3.05
CA LYS A 70 11.10 -0.87 3.22
C LYS A 70 11.78 -0.09 4.33
N GLN A 71 11.48 1.21 4.41
CA GLN A 71 12.07 2.06 5.43
C GLN A 71 11.77 1.52 6.83
N VAL A 72 10.54 1.07 7.05
CA VAL A 72 10.14 0.53 8.33
C VAL A 72 11.08 -0.58 8.79
N LYS A 73 11.58 -1.35 7.82
CA LYS A 73 12.50 -2.44 8.12
C LYS A 73 13.72 -1.93 8.87
N ASP A 74 14.13 -0.72 8.57
CA ASP A 74 15.29 -0.11 9.22
C ASP A 74 14.92 0.43 10.60
N ILE A 75 13.89 1.28 10.64
CA ILE A 75 13.44 1.87 11.89
C ILE A 75 13.08 0.79 12.90
N MET A 76 12.78 -0.41 12.40
CA MET A 76 12.41 -1.53 13.27
C MET A 76 13.62 -2.39 13.57
N LYS A 77 14.66 -2.27 12.76
CA LYS A 77 15.88 -3.04 12.94
C LYS A 77 16.57 -2.67 14.26
N THR A 78 17.21 -3.64 14.88
CA THR A 78 17.91 -3.42 16.13
C THR A 78 19.15 -2.55 15.94
N SER A 2 -14.88 -7.20 8.67
CA SER A 2 -14.71 -7.46 7.25
C SER A 2 -13.68 -8.56 7.01
N ASP A 3 -13.70 -9.12 5.81
CA ASP A 3 -12.77 -10.19 5.44
C ASP A 3 -12.44 -10.14 3.95
N HIS A 4 -11.20 -9.81 3.64
CA HIS A 4 -10.75 -9.74 2.25
C HIS A 4 -11.88 -9.23 1.35
N MET A 5 -12.57 -8.20 1.80
CA MET A 5 -13.67 -7.61 1.04
C MET A 5 -13.26 -6.29 0.42
N THR A 6 -12.72 -6.34 -0.80
CA THR A 6 -12.29 -5.15 -1.50
C THR A 6 -13.44 -4.52 -2.26
N MET A 7 -13.61 -3.21 -2.08
CA MET A 7 -14.68 -2.48 -2.75
C MET A 7 -14.11 -1.41 -3.68
N SER A 8 -12.92 -0.91 -3.34
CA SER A 8 -12.27 0.11 -4.14
C SER A 8 -10.86 0.38 -3.63
N LEU A 9 -10.03 0.97 -4.48
CA LEU A 9 -8.64 1.28 -4.12
C LEU A 9 -8.57 1.87 -2.72
N GLN A 10 -9.67 2.48 -2.28
CA GLN A 10 -9.73 3.08 -0.95
C GLN A 10 -9.21 2.11 0.11
N MET A 11 -9.76 0.90 0.11
CA MET A 11 -9.36 -0.11 1.07
C MET A 11 -7.88 -0.45 0.93
N ILE A 12 -7.31 -0.15 -0.24
CA ILE A 12 -5.91 -0.42 -0.50
C ILE A 12 -5.03 0.68 0.07
N VAL A 13 -5.17 1.89 -0.48
CA VAL A 13 -4.38 3.04 -0.03
C VAL A 13 -4.63 3.31 1.45
N GLU A 14 -5.86 3.08 1.89
CA GLU A 14 -6.23 3.31 3.29
C GLU A 14 -5.45 2.38 4.22
N ASN A 15 -5.22 1.15 3.76
CA ASN A 15 -4.48 0.17 4.55
C ASN A 15 -3.11 0.70 4.92
N VAL A 16 -2.49 1.43 4.01
CA VAL A 16 -1.16 2.00 4.25
C VAL A 16 -1.14 2.84 5.52
N LYS A 17 -2.15 3.69 5.68
CA LYS A 17 -2.25 4.55 6.86
C LYS A 17 -2.26 3.71 8.14
N LEU A 18 -2.88 2.54 8.07
CA LEU A 18 -2.96 1.65 9.22
C LEU A 18 -1.59 1.06 9.54
N ALA A 19 -0.88 0.63 8.50
CA ALA A 19 0.45 0.04 8.67
C ALA A 19 1.48 1.11 9.03
N ARG A 20 1.23 2.34 8.59
CA ARG A 20 2.13 3.45 8.86
C ARG A 20 2.12 3.81 10.34
N GLU A 21 0.94 3.74 10.95
CA GLU A 21 0.80 4.07 12.36
C GLU A 21 1.38 2.97 13.24
N TYR A 22 1.10 1.72 12.88
CA TYR A 22 1.59 0.57 13.63
C TYR A 22 3.12 0.59 13.72
N ALA A 23 3.76 0.92 12.60
CA ALA A 23 5.21 0.98 12.55
C ALA A 23 5.77 1.88 13.65
N LEU A 24 5.12 3.03 13.84
CA LEU A 24 5.55 3.98 14.86
C LEU A 24 5.19 3.48 16.26
N LEU A 25 3.93 3.10 16.45
CA LEU A 25 3.47 2.61 17.74
C LEU A 25 4.45 1.59 18.31
N GLY A 26 5.25 0.99 17.43
CA GLY A 26 6.22 0.01 17.88
C GLY A 26 6.04 -1.34 17.19
N ASN A 27 4.94 -1.49 16.47
CA ASN A 27 4.66 -2.73 15.75
C ASN A 27 4.89 -2.57 14.26
N TYR A 28 6.00 -3.13 13.78
CA TYR A 28 6.34 -3.03 12.36
C TYR A 28 5.93 -4.30 11.62
N ASP A 29 6.13 -5.44 12.26
CA ASP A 29 5.79 -6.73 11.66
C ASP A 29 4.33 -6.72 11.19
N SER A 30 3.46 -6.11 11.98
CA SER A 30 2.04 -6.04 11.63
C SER A 30 1.82 -5.14 10.43
N ALA A 31 2.69 -4.16 10.25
CA ALA A 31 2.59 -3.23 9.13
C ALA A 31 3.00 -3.90 7.82
N MET A 32 3.97 -4.81 7.91
CA MET A 32 4.46 -5.52 6.74
C MET A 32 3.32 -6.24 6.03
N VAL A 33 2.54 -7.00 6.78
CA VAL A 33 1.42 -7.74 6.22
C VAL A 33 0.50 -6.83 5.42
N TYR A 34 0.24 -5.64 5.96
CA TYR A 34 -0.62 -4.67 5.30
C TYR A 34 0.06 -4.08 4.07
N TYR A 35 1.31 -3.65 4.25
CA TYR A 35 2.08 -3.06 3.14
C TYR A 35 2.13 -4.01 1.96
N GLN A 36 2.52 -5.25 2.22
CA GLN A 36 2.61 -6.26 1.16
C GLN A 36 1.29 -6.40 0.42
N GLY A 37 0.19 -6.38 1.18
CA GLY A 37 -1.13 -6.50 0.57
C GLY A 37 -1.50 -5.30 -0.26
N VAL A 38 -1.25 -4.11 0.26
CA VAL A 38 -1.56 -2.87 -0.45
C VAL A 38 -0.79 -2.79 -1.76
N LEU A 39 0.49 -3.12 -1.71
CA LEU A 39 1.33 -3.08 -2.91
C LEU A 39 0.85 -4.08 -3.95
N ASP A 40 0.39 -5.24 -3.48
CA ASP A 40 -0.10 -6.28 -4.37
C ASP A 40 -1.45 -5.89 -4.97
N GLN A 41 -2.35 -5.41 -4.13
CA GLN A 41 -3.68 -5.00 -4.57
C GLN A 41 -3.60 -3.76 -5.46
N MET A 42 -2.70 -2.85 -5.10
CA MET A 42 -2.53 -1.61 -5.86
C MET A 42 -2.21 -1.92 -7.33
N ASN A 43 -1.21 -2.77 -7.54
CA ASN A 43 -0.80 -3.15 -8.89
C ASN A 43 -1.99 -3.69 -9.68
N LYS A 44 -2.72 -4.61 -9.08
CA LYS A 44 -3.89 -5.21 -9.72
C LYS A 44 -4.83 -4.14 -10.24
N TYR A 45 -4.99 -3.07 -9.46
CA TYR A 45 -5.88 -1.97 -9.84
C TYR A 45 -5.35 -1.25 -11.07
N LEU A 46 -4.04 -1.01 -11.10
CA LEU A 46 -3.41 -0.33 -12.23
C LEU A 46 -3.41 -1.21 -13.47
N TYR A 47 -3.31 -2.52 -13.25
CA TYR A 47 -3.29 -3.48 -14.35
C TYR A 47 -4.70 -3.75 -14.85
N SER A 48 -5.69 -3.22 -14.14
CA SER A 48 -7.10 -3.42 -14.50
C SER A 48 -7.61 -2.23 -15.29
N VAL A 49 -7.10 -1.03 -14.98
CA VAL A 49 -7.52 0.19 -15.67
C VAL A 49 -6.80 0.33 -17.00
N LYS A 50 -7.57 0.61 -18.05
CA LYS A 50 -7.00 0.77 -19.39
C LYS A 50 -6.40 2.16 -19.55
N ASP A 51 -7.05 3.16 -18.99
CA ASP A 51 -6.57 4.54 -19.06
C ASP A 51 -5.14 4.64 -18.57
N THR A 52 -4.18 4.54 -19.50
CA THR A 52 -2.77 4.62 -19.16
C THR A 52 -2.49 5.80 -18.23
N HIS A 53 -3.16 6.92 -18.49
CA HIS A 53 -2.98 8.12 -17.68
C HIS A 53 -3.48 7.90 -16.26
N LEU A 54 -4.48 7.03 -16.12
CA LEU A 54 -5.06 6.72 -14.82
C LEU A 54 -4.09 5.89 -13.98
N ARG A 55 -3.62 4.78 -14.55
CA ARG A 55 -2.69 3.90 -13.86
C ARG A 55 -1.33 4.57 -13.69
N GLN A 56 -0.99 5.44 -14.62
CA GLN A 56 0.29 6.15 -14.58
C GLN A 56 0.38 7.02 -13.33
N LYS A 57 -0.75 7.51 -12.86
CA LYS A 57 -0.80 8.35 -11.66
C LYS A 57 -0.59 7.52 -10.40
N TRP A 58 -1.21 6.34 -10.37
CA TRP A 58 -1.09 5.45 -9.22
C TRP A 58 0.28 4.79 -9.19
N GLN A 59 0.75 4.35 -10.35
CA GLN A 59 2.06 3.70 -10.45
C GLN A 59 3.16 4.59 -9.87
N GLN A 60 2.95 5.89 -9.96
CA GLN A 60 3.92 6.85 -9.45
C GLN A 60 3.95 6.86 -7.92
N VAL A 61 2.78 6.72 -7.32
CA VAL A 61 2.66 6.69 -5.87
C VAL A 61 3.15 5.37 -5.30
N TRP A 62 2.94 4.29 -6.04
CA TRP A 62 3.37 2.96 -5.61
C TRP A 62 4.84 2.96 -5.23
N GLN A 63 5.62 3.80 -5.90
CA GLN A 63 7.05 3.90 -5.63
C GLN A 63 7.31 4.34 -4.19
N GLU A 64 6.59 5.38 -3.77
CA GLU A 64 6.74 5.91 -2.42
C GLU A 64 6.25 4.90 -1.39
N ILE A 65 5.08 4.33 -1.63
CA ILE A 65 4.49 3.35 -0.73
C ILE A 65 5.39 2.12 -0.58
N ASN A 66 5.98 1.71 -1.70
CA ASN A 66 6.87 0.55 -1.71
C ASN A 66 8.12 0.82 -0.89
N VAL A 67 8.80 1.92 -1.20
CA VAL A 67 10.02 2.29 -0.49
C VAL A 67 9.78 2.39 1.01
N GLU A 68 8.59 2.87 1.39
CA GLU A 68 8.24 3.02 2.80
C GLU A 68 8.31 1.66 3.51
N ALA A 69 7.67 0.65 2.92
CA ALA A 69 7.66 -0.68 3.50
C ALA A 69 9.08 -1.16 3.78
N LYS A 70 10.01 -0.77 2.92
CA LYS A 70 11.40 -1.17 3.08
C LYS A 70 12.05 -0.43 4.25
N GLN A 71 11.57 0.78 4.51
CA GLN A 71 12.10 1.58 5.61
C GLN A 71 11.61 1.06 6.97
N VAL A 72 10.36 0.63 7.01
CA VAL A 72 9.77 0.11 8.24
C VAL A 72 10.43 -1.20 8.64
N LYS A 73 10.80 -2.00 7.65
CA LYS A 73 11.44 -3.29 7.91
C LYS A 73 12.86 -3.09 8.43
N ASP A 74 13.50 -2.01 7.99
CA ASP A 74 14.86 -1.71 8.42
C ASP A 74 14.88 -1.15 9.84
N ILE A 75 14.04 -0.15 10.08
CA ILE A 75 13.95 0.48 11.39
C ILE A 75 13.60 -0.54 12.47
N MET A 76 12.72 -1.48 12.12
CA MET A 76 12.31 -2.51 13.06
C MET A 76 13.45 -3.49 13.34
N LYS A 77 13.32 -4.25 14.41
CA LYS A 77 14.34 -5.22 14.79
C LYS A 77 13.71 -6.47 15.39
N THR A 78 14.15 -7.64 14.90
CA THR A 78 13.62 -8.91 15.40
C THR A 78 14.50 -9.48 16.50
N SER A 2 -24.60 4.51 0.90
CA SER A 2 -23.60 3.69 0.24
C SER A 2 -23.79 3.73 -1.28
N ASP A 3 -22.73 4.11 -1.98
CA ASP A 3 -22.78 4.19 -3.44
C ASP A 3 -22.53 2.82 -4.07
N HIS A 4 -21.38 2.23 -3.75
CA HIS A 4 -21.03 0.91 -4.28
C HIS A 4 -19.98 0.24 -3.41
N MET A 5 -19.66 -1.01 -3.74
CA MET A 5 -18.66 -1.76 -2.99
C MET A 5 -17.25 -1.33 -3.37
N THR A 6 -17.01 -1.18 -4.67
CA THR A 6 -15.70 -0.77 -5.16
C THR A 6 -15.54 0.75 -5.09
N MET A 7 -14.38 1.19 -4.61
CA MET A 7 -14.10 2.61 -4.49
C MET A 7 -12.88 3.00 -5.33
N SER A 8 -12.62 4.30 -5.42
CA SER A 8 -11.48 4.80 -6.19
C SER A 8 -10.17 4.47 -5.49
N LEU A 9 -9.67 3.26 -5.71
CA LEU A 9 -8.42 2.83 -5.10
C LEU A 9 -8.27 3.40 -3.70
N GLN A 10 -9.39 3.49 -2.98
CA GLN A 10 -9.38 4.02 -1.62
C GLN A 10 -9.29 2.89 -0.59
N MET A 11 -10.10 1.86 -0.79
CA MET A 11 -10.11 0.71 0.11
C MET A 11 -8.72 0.12 0.25
N ILE A 12 -7.83 0.47 -0.67
CA ILE A 12 -6.46 -0.04 -0.65
C ILE A 12 -5.54 0.93 0.08
N VAL A 13 -5.37 2.12 -0.49
CA VAL A 13 -4.52 3.15 0.11
C VAL A 13 -4.81 3.32 1.59
N GLU A 14 -6.07 3.10 1.96
CA GLU A 14 -6.49 3.23 3.35
C GLU A 14 -5.76 2.24 4.24
N ASN A 15 -5.47 1.06 3.68
CA ASN A 15 -4.77 0.02 4.42
C ASN A 15 -3.35 0.46 4.78
N VAL A 16 -2.73 1.23 3.89
CA VAL A 16 -1.38 1.72 4.12
C VAL A 16 -1.29 2.51 5.42
N LYS A 17 -2.20 3.45 5.61
CA LYS A 17 -2.24 4.27 6.82
C LYS A 17 -2.29 3.40 8.07
N LEU A 18 -2.95 2.25 7.95
CA LEU A 18 -3.07 1.32 9.06
C LEU A 18 -1.71 0.72 9.43
N ALA A 19 -0.91 0.42 8.41
CA ALA A 19 0.41 -0.14 8.63
C ALA A 19 1.40 0.91 9.09
N ARG A 20 1.26 2.12 8.56
CA ARG A 20 2.14 3.23 8.91
C ARG A 20 1.99 3.59 10.38
N GLU A 21 0.78 3.44 10.91
CA GLU A 21 0.51 3.75 12.31
C GLU A 21 1.09 2.69 13.22
N TYR A 22 0.94 1.42 12.85
CA TYR A 22 1.45 0.31 13.63
C TYR A 22 2.96 0.39 13.77
N ALA A 23 3.63 0.84 12.71
CA ALA A 23 5.08 0.96 12.71
C ALA A 23 5.55 1.91 13.81
N LEU A 24 4.84 3.02 13.97
CA LEU A 24 5.19 4.01 14.99
C LEU A 24 4.81 3.50 16.38
N LEU A 25 3.55 3.11 16.53
CA LEU A 25 3.05 2.61 17.81
C LEU A 25 4.04 1.62 18.43
N GLY A 26 4.76 0.90 17.58
CA GLY A 26 5.73 -0.07 18.06
C GLY A 26 5.69 -1.36 17.28
N ASN A 27 4.57 -1.62 16.62
CA ASN A 27 4.40 -2.85 15.84
C ASN A 27 4.76 -2.61 14.38
N TYR A 28 5.91 -3.12 13.96
CA TYR A 28 6.37 -2.97 12.59
C TYR A 28 6.07 -4.23 11.77
N ASP A 29 6.30 -5.38 12.38
CA ASP A 29 6.06 -6.65 11.71
C ASP A 29 4.66 -6.70 11.12
N SER A 30 3.69 -6.13 11.84
CA SER A 30 2.31 -6.11 11.38
C SER A 30 2.14 -5.17 10.18
N ALA A 31 3.00 -4.17 10.11
CA ALA A 31 2.95 -3.20 9.01
C ALA A 31 3.49 -3.81 7.73
N MET A 32 4.50 -4.67 7.86
CA MET A 32 5.11 -5.32 6.71
C MET A 32 4.07 -6.13 5.93
N VAL A 33 3.41 -7.06 6.62
CA VAL A 33 2.39 -7.90 5.98
C VAL A 33 1.31 -7.05 5.32
N TYR A 34 0.99 -5.92 5.94
CA TYR A 34 -0.02 -5.01 5.42
C TYR A 34 0.47 -4.31 4.16
N TYR A 35 1.67 -3.74 4.24
CA TYR A 35 2.25 -3.03 3.11
C TYR A 35 2.31 -3.92 1.88
N GLN A 36 2.83 -5.14 2.07
CA GLN A 36 2.94 -6.10 0.96
C GLN A 36 1.59 -6.35 0.32
N GLY A 37 0.55 -6.47 1.15
CA GLY A 37 -0.78 -6.71 0.64
C GLY A 37 -1.32 -5.55 -0.17
N VAL A 38 -1.24 -4.35 0.39
CA VAL A 38 -1.71 -3.15 -0.29
C VAL A 38 -1.07 -3.01 -1.66
N LEU A 39 0.25 -3.15 -1.71
CA LEU A 39 0.99 -3.04 -2.97
C LEU A 39 0.48 -4.05 -3.99
N ASP A 40 0.21 -5.27 -3.53
CA ASP A 40 -0.29 -6.32 -4.41
C ASP A 40 -1.66 -5.96 -4.98
N GLN A 41 -2.54 -5.46 -4.11
CA GLN A 41 -3.88 -5.07 -4.53
C GLN A 41 -3.85 -3.82 -5.39
N MET A 42 -2.89 -2.94 -5.11
CA MET A 42 -2.73 -1.70 -5.87
C MET A 42 -2.47 -1.99 -7.34
N ASN A 43 -1.48 -2.84 -7.60
CA ASN A 43 -1.12 -3.20 -8.96
C ASN A 43 -2.34 -3.71 -9.74
N LYS A 44 -3.08 -4.63 -9.10
CA LYS A 44 -4.27 -5.20 -9.73
C LYS A 44 -5.20 -4.10 -10.22
N TYR A 45 -5.34 -3.04 -9.43
CA TYR A 45 -6.21 -1.93 -9.80
C TYR A 45 -5.70 -1.23 -11.05
N LEU A 46 -4.40 -0.97 -11.09
CA LEU A 46 -3.78 -0.30 -12.24
C LEU A 46 -3.81 -1.20 -13.46
N TYR A 47 -3.69 -2.51 -13.24
CA TYR A 47 -3.71 -3.47 -14.33
C TYR A 47 -5.13 -3.75 -14.81
N SER A 48 -6.11 -3.26 -14.04
CA SER A 48 -7.51 -3.45 -14.38
C SER A 48 -8.04 -2.25 -15.17
N VAL A 49 -7.47 -1.08 -14.91
CA VAL A 49 -7.89 0.14 -15.59
C VAL A 49 -7.20 0.27 -16.94
N LYS A 50 -7.90 0.88 -17.90
CA LYS A 50 -7.37 1.08 -19.24
C LYS A 50 -6.70 2.43 -19.36
N ASP A 51 -7.31 3.45 -18.74
CA ASP A 51 -6.76 4.80 -18.79
C ASP A 51 -5.30 4.81 -18.34
N THR A 52 -4.39 4.74 -19.30
CA THR A 52 -2.96 4.74 -19.00
C THR A 52 -2.58 5.93 -18.12
N HIS A 53 -3.28 7.05 -18.33
CA HIS A 53 -3.01 8.26 -17.55
C HIS A 53 -3.41 8.07 -16.09
N LEU A 54 -4.48 7.31 -15.88
CA LEU A 54 -4.98 7.05 -14.53
C LEU A 54 -4.01 6.14 -13.77
N ARG A 55 -3.68 5.01 -14.37
CA ARG A 55 -2.78 4.05 -13.75
C ARG A 55 -1.36 4.61 -13.67
N GLN A 56 -1.01 5.45 -14.64
CA GLN A 56 0.32 6.06 -14.68
C GLN A 56 0.59 6.86 -13.42
N LYS A 57 -0.44 7.55 -12.92
CA LYS A 57 -0.32 8.35 -11.71
C LYS A 57 -0.08 7.47 -10.49
N TRP A 58 -0.92 6.46 -10.33
CA TRP A 58 -0.82 5.54 -9.20
C TRP A 58 0.50 4.77 -9.25
N GLN A 59 0.95 4.47 -10.47
CA GLN A 59 2.19 3.72 -10.66
C GLN A 59 3.36 4.44 -9.97
N GLN A 60 3.48 5.73 -10.22
CA GLN A 60 4.55 6.52 -9.63
C GLN A 60 4.47 6.50 -8.10
N VAL A 61 3.24 6.51 -7.58
CA VAL A 61 3.02 6.49 -6.14
C VAL A 61 3.35 5.12 -5.56
N TRP A 62 3.08 4.08 -6.33
CA TRP A 62 3.34 2.71 -5.88
C TRP A 62 4.79 2.56 -5.45
N GLN A 63 5.69 3.31 -6.08
CA GLN A 63 7.11 3.26 -5.76
C GLN A 63 7.37 3.77 -4.35
N GLU A 64 6.61 4.78 -3.95
CA GLU A 64 6.75 5.37 -2.62
C GLU A 64 6.21 4.43 -1.54
N ILE A 65 5.18 3.65 -1.90
CA ILE A 65 4.58 2.70 -0.97
C ILE A 65 5.52 1.55 -0.67
N ASN A 66 6.15 1.01 -1.71
CA ASN A 66 7.08 -0.10 -1.56
C ASN A 66 8.33 0.33 -0.79
N VAL A 67 9.01 1.35 -1.31
CA VAL A 67 10.21 1.86 -0.68
C VAL A 67 9.96 2.19 0.79
N GLU A 68 8.79 2.75 1.06
CA GLU A 68 8.43 3.12 2.43
C GLU A 68 8.46 1.91 3.35
N ALA A 69 7.83 0.82 2.91
CA ALA A 69 7.78 -0.41 3.69
C ALA A 69 9.19 -0.88 4.06
N LYS A 70 10.16 -0.59 3.19
CA LYS A 70 11.54 -0.98 3.43
C LYS A 70 12.11 -0.24 4.63
N GLN A 71 11.87 1.07 4.69
CA GLN A 71 12.36 1.88 5.78
C GLN A 71 11.92 1.32 7.13
N VAL A 72 10.63 1.02 7.25
CA VAL A 72 10.08 0.47 8.48
C VAL A 72 10.92 -0.71 8.98
N LYS A 73 11.45 -1.48 8.05
CA LYS A 73 12.27 -2.64 8.39
C LYS A 73 13.53 -2.20 9.13
N ASP A 74 14.05 -1.03 8.80
CA ASP A 74 15.24 -0.50 9.44
C ASP A 74 14.93 0.01 10.84
N ILE A 75 14.00 0.97 10.92
CA ILE A 75 13.62 1.54 12.21
C ILE A 75 13.24 0.45 13.21
N MET A 76 12.53 -0.57 12.72
CA MET A 76 12.10 -1.67 13.57
C MET A 76 13.29 -2.54 13.97
N LYS A 77 14.37 -2.46 13.20
CA LYS A 77 15.58 -3.23 13.47
C LYS A 77 16.47 -2.51 14.46
N THR A 78 16.84 -3.20 15.54
CA THR A 78 17.69 -2.62 16.56
C THR A 78 18.92 -1.94 15.95
N SER A 2 -24.57 15.89 -6.12
CA SER A 2 -24.79 14.47 -6.37
C SER A 2 -23.47 13.77 -6.70
N ASP A 3 -22.92 13.08 -5.72
CA ASP A 3 -21.66 12.37 -5.90
C ASP A 3 -21.92 10.92 -6.31
N HIS A 4 -20.85 10.21 -6.69
CA HIS A 4 -20.97 8.82 -7.11
C HIS A 4 -20.93 7.90 -5.89
N MET A 5 -20.02 8.18 -4.96
CA MET A 5 -19.89 7.37 -3.75
C MET A 5 -19.37 5.98 -4.09
N THR A 6 -18.32 5.93 -4.89
CA THR A 6 -17.73 4.65 -5.29
C THR A 6 -16.21 4.70 -5.21
N MET A 7 -15.61 3.66 -4.63
CA MET A 7 -14.17 3.58 -4.49
C MET A 7 -13.70 2.14 -4.32
N SER A 8 -12.53 1.83 -4.86
CA SER A 8 -11.98 0.48 -4.77
C SER A 8 -10.52 0.51 -4.34
N LEU A 9 -9.72 1.25 -5.09
CA LEU A 9 -8.29 1.38 -4.79
C LEU A 9 -8.07 2.02 -3.42
N GLN A 10 -9.16 2.49 -2.82
CA GLN A 10 -9.09 3.13 -1.50
C GLN A 10 -8.61 2.15 -0.45
N MET A 11 -9.22 0.96 -0.43
CA MET A 11 -8.85 -0.06 0.54
C MET A 11 -7.35 -0.35 0.48
N ILE A 12 -6.71 0.09 -0.60
CA ILE A 12 -5.28 -0.12 -0.77
C ILE A 12 -4.48 1.02 -0.18
N VAL A 13 -4.61 2.20 -0.79
CA VAL A 13 -3.89 3.39 -0.32
C VAL A 13 -4.25 3.71 1.13
N GLU A 14 -5.50 3.44 1.49
CA GLU A 14 -5.98 3.70 2.85
C GLU A 14 -5.38 2.70 3.84
N ASN A 15 -5.13 1.49 3.36
CA ASN A 15 -4.55 0.44 4.20
C ASN A 15 -3.17 0.84 4.70
N VAL A 16 -2.49 1.68 3.95
CA VAL A 16 -1.16 2.15 4.32
C VAL A 16 -1.20 2.97 5.61
N LYS A 17 -2.12 3.92 5.66
CA LYS A 17 -2.26 4.78 6.83
C LYS A 17 -2.34 3.94 8.11
N LEU A 18 -2.94 2.75 7.99
CA LEU A 18 -3.08 1.86 9.13
C LEU A 18 -1.73 1.26 9.53
N ALA A 19 -1.00 0.75 8.55
CA ALA A 19 0.30 0.16 8.79
C ALA A 19 1.26 1.16 9.44
N ARG A 20 1.23 2.40 8.94
CA ARG A 20 2.09 3.45 9.46
C ARG A 20 1.90 3.59 10.98
N GLU A 21 0.65 3.63 11.41
CA GLU A 21 0.34 3.78 12.83
C GLU A 21 0.92 2.61 13.63
N TYR A 22 0.83 1.41 13.07
CA TYR A 22 1.33 0.22 13.73
C TYR A 22 2.85 0.29 13.88
N ALA A 23 3.52 0.75 12.83
CA ALA A 23 4.98 0.87 12.85
C ALA A 23 5.44 1.84 13.94
N LEU A 24 4.65 2.88 14.16
CA LEU A 24 4.97 3.89 15.17
C LEU A 24 4.73 3.35 16.56
N LEU A 25 3.53 2.83 16.81
CA LEU A 25 3.16 2.29 18.11
C LEU A 25 4.21 1.28 18.58
N GLY A 26 4.78 0.55 17.63
CA GLY A 26 5.80 -0.44 17.98
C GLY A 26 5.64 -1.73 17.20
N ASN A 27 4.46 -1.93 16.62
CA ASN A 27 4.18 -3.14 15.84
C ASN A 27 4.52 -2.92 14.37
N TYR A 28 5.77 -3.21 14.01
CA TYR A 28 6.22 -3.04 12.63
C TYR A 28 5.86 -4.28 11.80
N ASP A 29 6.13 -5.45 12.34
CA ASP A 29 5.83 -6.70 11.65
C ASP A 29 4.39 -6.71 11.14
N SER A 30 3.48 -6.17 11.96
CA SER A 30 2.07 -6.13 11.59
C SER A 30 1.84 -5.22 10.39
N ALA A 31 2.71 -4.22 10.23
CA ALA A 31 2.61 -3.29 9.11
C ALA A 31 3.04 -3.94 7.81
N MET A 32 4.14 -4.69 7.85
CA MET A 32 4.64 -5.37 6.66
C MET A 32 3.51 -6.06 5.90
N VAL A 33 2.73 -6.87 6.62
CA VAL A 33 1.62 -7.59 6.01
C VAL A 33 0.70 -6.63 5.25
N TYR A 34 0.46 -5.46 5.84
CA TYR A 34 -0.40 -4.46 5.22
C TYR A 34 0.28 -3.83 4.00
N TYR A 35 1.52 -3.39 4.19
CA TYR A 35 2.28 -2.77 3.11
C TYR A 35 2.34 -3.69 1.89
N GLN A 36 2.82 -4.92 2.10
CA GLN A 36 2.92 -5.89 1.01
C GLN A 36 1.59 -6.03 0.28
N GLY A 37 0.50 -6.05 1.04
CA GLY A 37 -0.81 -6.20 0.44
C GLY A 37 -1.19 -5.00 -0.41
N VAL A 38 -0.81 -3.80 0.04
CA VAL A 38 -1.12 -2.58 -0.68
C VAL A 38 -0.47 -2.58 -2.06
N LEU A 39 0.84 -2.85 -2.10
CA LEU A 39 1.57 -2.88 -3.35
C LEU A 39 1.01 -3.95 -4.29
N ASP A 40 0.74 -5.13 -3.74
CA ASP A 40 0.19 -6.23 -4.53
C ASP A 40 -1.18 -5.87 -5.08
N GLN A 41 -2.05 -5.38 -4.19
CA GLN A 41 -3.40 -5.00 -4.59
C GLN A 41 -3.38 -3.83 -5.56
N MET A 42 -2.46 -2.90 -5.34
CA MET A 42 -2.33 -1.73 -6.19
C MET A 42 -2.20 -2.14 -7.66
N ASN A 43 -1.26 -3.03 -7.93
CA ASN A 43 -1.04 -3.50 -9.30
C ASN A 43 -2.33 -4.05 -9.91
N LYS A 44 -3.01 -4.90 -9.16
CA LYS A 44 -4.27 -5.49 -9.62
C LYS A 44 -5.23 -4.41 -10.09
N TYR A 45 -5.25 -3.29 -9.39
CA TYR A 45 -6.13 -2.18 -9.76
C TYR A 45 -5.72 -1.56 -11.09
N LEU A 46 -4.43 -1.25 -11.21
CA LEU A 46 -3.91 -0.66 -12.44
C LEU A 46 -4.08 -1.60 -13.62
N TYR A 47 -3.97 -2.90 -13.35
CA TYR A 47 -4.11 -3.91 -14.39
C TYR A 47 -5.57 -4.11 -14.76
N SER A 48 -6.45 -3.37 -14.10
CA SER A 48 -7.89 -3.46 -14.36
C SER A 48 -8.39 -2.21 -15.08
N VAL A 49 -7.61 -1.14 -15.01
CA VAL A 49 -7.97 0.11 -15.65
C VAL A 49 -7.21 0.31 -16.97
N LYS A 50 -7.93 0.75 -18.00
CA LYS A 50 -7.33 0.98 -19.31
C LYS A 50 -6.75 2.39 -19.41
N ASP A 51 -7.36 3.33 -18.70
CA ASP A 51 -6.91 4.71 -18.69
C ASP A 51 -5.47 4.81 -18.21
N THR A 52 -4.52 4.75 -19.15
CA THR A 52 -3.11 4.83 -18.82
C THR A 52 -2.83 6.01 -17.91
N HIS A 53 -3.62 7.06 -18.04
CA HIS A 53 -3.45 8.26 -17.24
C HIS A 53 -3.77 7.98 -15.78
N LEU A 54 -4.81 7.18 -15.54
CA LEU A 54 -5.22 6.82 -14.18
C LEU A 54 -4.17 5.94 -13.52
N ARG A 55 -3.77 4.88 -14.20
CA ARG A 55 -2.77 3.96 -13.67
C ARG A 55 -1.40 4.62 -13.61
N GLN A 56 -1.13 5.50 -14.56
CA GLN A 56 0.15 6.21 -14.60
C GLN A 56 0.39 6.97 -13.31
N LYS A 57 -0.67 7.56 -12.76
CA LYS A 57 -0.57 8.33 -11.53
C LYS A 57 -0.32 7.40 -10.34
N TRP A 58 -1.08 6.33 -10.25
CA TRP A 58 -0.94 5.37 -9.17
C TRP A 58 0.42 4.68 -9.22
N GLN A 59 0.92 4.46 -10.43
CA GLN A 59 2.22 3.81 -10.60
C GLN A 59 3.32 4.58 -9.86
N GLN A 60 3.18 5.90 -9.83
CA GLN A 60 4.16 6.74 -9.16
C GLN A 60 4.13 6.51 -7.65
N VAL A 61 2.93 6.40 -7.10
CA VAL A 61 2.76 6.17 -5.66
C VAL A 61 3.24 4.79 -5.26
N TRP A 62 3.03 3.81 -6.15
CA TRP A 62 3.43 2.44 -5.90
C TRP A 62 4.94 2.36 -5.63
N GLN A 63 5.70 3.26 -6.25
CA GLN A 63 7.15 3.28 -6.08
C GLN A 63 7.52 3.81 -4.69
N GLU A 64 6.95 4.96 -4.33
CA GLU A 64 7.23 5.56 -3.03
C GLU A 64 6.71 4.68 -1.90
N ILE A 65 5.56 4.05 -2.13
CA ILE A 65 4.96 3.18 -1.13
C ILE A 65 5.78 1.90 -0.94
N ASN A 66 6.17 1.30 -2.06
CA ASN A 66 6.96 0.07 -2.02
C ASN A 66 8.24 0.27 -1.21
N VAL A 67 8.90 1.41 -1.42
CA VAL A 67 10.14 1.72 -0.71
C VAL A 67 9.86 2.09 0.74
N GLU A 68 8.75 2.80 0.96
CA GLU A 68 8.37 3.22 2.30
C GLU A 68 8.33 2.03 3.26
N ALA A 69 7.68 0.95 2.82
CA ALA A 69 7.58 -0.26 3.64
C ALA A 69 8.96 -0.78 4.03
N LYS A 70 9.90 -0.68 3.11
CA LYS A 70 11.27 -1.14 3.36
C LYS A 70 11.89 -0.38 4.52
N GLN A 71 11.55 0.90 4.63
CA GLN A 71 12.08 1.74 5.71
C GLN A 71 11.70 1.18 7.07
N VAL A 72 10.45 0.77 7.22
CA VAL A 72 9.97 0.22 8.48
C VAL A 72 10.83 -0.95 8.93
N LYS A 73 11.32 -1.73 7.96
CA LYS A 73 12.16 -2.87 8.26
C LYS A 73 13.40 -2.45 9.06
N ASP A 74 13.88 -1.25 8.79
CA ASP A 74 15.05 -0.73 9.48
C ASP A 74 14.69 -0.18 10.85
N ILE A 75 13.70 0.72 10.87
CA ILE A 75 13.25 1.32 12.11
C ILE A 75 12.78 0.27 13.10
N MET A 76 12.34 -0.87 12.57
CA MET A 76 11.87 -1.97 13.42
C MET A 76 13.01 -2.90 13.78
N LYS A 77 12.87 -3.60 14.90
CA LYS A 77 13.89 -4.54 15.37
C LYS A 77 13.30 -5.54 16.34
N THR A 78 13.75 -6.78 16.25
CA THR A 78 13.28 -7.84 17.13
C THR A 78 13.49 -7.49 18.60
N SER A 2 -15.52 -7.86 6.17
CA SER A 2 -15.75 -9.24 6.59
C SER A 2 -15.95 -10.15 5.38
N ASP A 3 -14.86 -10.80 4.97
CA ASP A 3 -14.91 -11.70 3.83
C ASP A 3 -15.57 -11.03 2.63
N HIS A 4 -15.21 -9.78 2.37
CA HIS A 4 -15.78 -9.02 1.26
C HIS A 4 -14.80 -7.96 0.77
N MET A 5 -15.11 -7.34 -0.36
CA MET A 5 -14.26 -6.30 -0.94
C MET A 5 -15.08 -5.36 -1.82
N THR A 6 -14.41 -4.35 -2.36
CA THR A 6 -15.07 -3.38 -3.22
C THR A 6 -14.14 -2.94 -4.35
N MET A 7 -14.62 -1.98 -5.15
CA MET A 7 -13.83 -1.47 -6.27
C MET A 7 -13.43 -0.01 -6.04
N SER A 8 -12.35 0.19 -5.28
CA SER A 8 -11.88 1.53 -4.97
C SER A 8 -10.44 1.49 -4.46
N LEU A 9 -9.59 2.34 -5.02
CA LEU A 9 -8.19 2.41 -4.63
C LEU A 9 -8.05 2.87 -3.18
N GLN A 10 -8.99 3.70 -2.74
CA GLN A 10 -8.97 4.22 -1.38
C GLN A 10 -8.87 3.07 -0.37
N MET A 11 -9.76 2.09 -0.49
CA MET A 11 -9.76 0.94 0.40
C MET A 11 -8.38 0.31 0.48
N ILE A 12 -7.54 0.61 -0.51
CA ILE A 12 -6.19 0.07 -0.56
C ILE A 12 -5.20 1.00 0.11
N VAL A 13 -5.02 2.18 -0.48
CA VAL A 13 -4.09 3.18 0.05
C VAL A 13 -4.39 3.47 1.51
N GLU A 14 -5.67 3.40 1.88
CA GLU A 14 -6.08 3.65 3.25
C GLU A 14 -5.46 2.65 4.21
N ASN A 15 -5.40 1.39 3.79
CA ASN A 15 -4.83 0.34 4.61
C ASN A 15 -3.41 0.70 5.05
N VAL A 16 -2.72 1.47 4.22
CA VAL A 16 -1.36 1.89 4.53
C VAL A 16 -1.30 2.64 5.85
N LYS A 17 -2.25 3.55 6.06
CA LYS A 17 -2.31 4.33 7.28
C LYS A 17 -2.30 3.42 8.51
N LEU A 18 -2.90 2.24 8.37
CA LEU A 18 -2.97 1.28 9.47
C LEU A 18 -1.59 0.69 9.76
N ALA A 19 -0.86 0.34 8.71
CA ALA A 19 0.47 -0.22 8.84
C ALA A 19 1.46 0.82 9.34
N ARG A 20 1.27 2.07 8.91
CA ARG A 20 2.16 3.16 9.30
C ARG A 20 2.04 3.44 10.80
N GLU A 21 0.84 3.24 11.33
CA GLU A 21 0.58 3.47 12.76
C GLU A 21 1.21 2.37 13.61
N TYR A 22 1.05 1.13 13.17
CA TYR A 22 1.60 -0.01 13.89
C TYR A 22 3.10 0.12 14.06
N ALA A 23 3.76 0.60 13.01
CA ALA A 23 5.21 0.78 13.04
C ALA A 23 5.64 1.68 14.19
N LEU A 24 4.83 2.70 14.46
CA LEU A 24 5.11 3.64 15.54
C LEU A 24 4.85 3.01 16.90
N LEU A 25 3.65 2.45 17.07
CA LEU A 25 3.28 1.81 18.32
C LEU A 25 4.37 0.85 18.79
N GLY A 26 5.03 0.20 17.84
CA GLY A 26 6.08 -0.74 18.18
C GLY A 26 5.97 -2.04 17.42
N ASN A 27 4.86 -2.22 16.71
CA ASN A 27 4.63 -3.43 15.94
C ASN A 27 4.90 -3.19 14.46
N TYR A 28 6.15 -3.35 14.06
CA TYR A 28 6.55 -3.16 12.67
C TYR A 28 6.23 -4.39 11.83
N ASP A 29 6.42 -5.56 12.42
CA ASP A 29 6.14 -6.82 11.73
C ASP A 29 4.74 -6.81 11.12
N SER A 30 3.79 -6.23 11.84
CA SER A 30 2.41 -6.16 11.37
C SER A 30 2.27 -5.15 10.25
N ALA A 31 3.09 -4.10 10.28
CA ALA A 31 3.06 -3.06 9.26
C ALA A 31 3.39 -3.64 7.89
N MET A 32 4.43 -4.46 7.83
CA MET A 32 4.85 -5.08 6.58
C MET A 32 3.73 -5.93 5.99
N VAL A 33 2.95 -6.57 6.87
CA VAL A 33 1.84 -7.40 6.43
C VAL A 33 0.84 -6.60 5.60
N TYR A 34 0.46 -5.44 6.11
CA TYR A 34 -0.50 -4.59 5.43
C TYR A 34 0.12 -3.96 4.18
N TYR A 35 1.32 -3.43 4.34
CA TYR A 35 2.03 -2.79 3.23
C TYR A 35 2.16 -3.76 2.04
N GLN A 36 2.72 -4.93 2.31
CA GLN A 36 2.90 -5.94 1.26
C GLN A 36 1.59 -6.20 0.52
N GLY A 37 0.48 -6.15 1.27
CA GLY A 37 -0.82 -6.39 0.66
C GLY A 37 -1.28 -5.22 -0.18
N VAL A 38 -1.15 -4.01 0.36
CA VAL A 38 -1.57 -2.81 -0.36
C VAL A 38 -0.89 -2.71 -1.72
N LEU A 39 0.42 -2.92 -1.74
CA LEU A 39 1.19 -2.87 -2.97
C LEU A 39 0.68 -3.89 -3.98
N ASP A 40 0.44 -5.10 -3.51
CA ASP A 40 -0.06 -6.18 -4.37
C ASP A 40 -1.44 -5.84 -4.92
N GLN A 41 -2.35 -5.48 -4.03
CA GLN A 41 -3.72 -5.13 -4.43
C GLN A 41 -3.71 -3.92 -5.36
N MET A 42 -2.75 -3.02 -5.16
CA MET A 42 -2.64 -1.83 -5.98
C MET A 42 -2.39 -2.20 -7.45
N ASN A 43 -1.37 -3.03 -7.67
CA ASN A 43 -1.02 -3.46 -9.02
C ASN A 43 -2.23 -4.05 -9.74
N LYS A 44 -2.91 -4.99 -9.08
CA LYS A 44 -4.09 -5.64 -9.64
C LYS A 44 -5.10 -4.60 -10.11
N TYR A 45 -5.15 -3.48 -9.42
CA TYR A 45 -6.08 -2.40 -9.77
C TYR A 45 -5.62 -1.67 -11.03
N LEU A 46 -4.32 -1.37 -11.09
CA LEU A 46 -3.76 -0.68 -12.24
C LEU A 46 -3.85 -1.53 -13.50
N TYR A 47 -3.71 -2.84 -13.32
CA TYR A 47 -3.77 -3.77 -14.44
C TYR A 47 -5.18 -3.83 -15.03
N SER A 48 -6.14 -3.33 -14.26
CA SER A 48 -7.54 -3.32 -14.69
C SER A 48 -7.91 -1.98 -15.31
N VAL A 49 -6.97 -1.03 -15.26
CA VAL A 49 -7.21 0.30 -15.82
C VAL A 49 -7.12 0.28 -17.34
N LYS A 50 -7.90 1.15 -17.98
CA LYS A 50 -7.91 1.24 -19.44
C LYS A 50 -7.20 2.51 -19.91
N ASP A 51 -7.17 3.51 -19.05
CA ASP A 51 -6.52 4.78 -19.38
C ASP A 51 -5.10 4.83 -18.81
N THR A 52 -4.11 4.62 -19.68
CA THR A 52 -2.72 4.64 -19.27
C THR A 52 -2.43 5.84 -18.36
N HIS A 53 -3.06 6.97 -18.66
CA HIS A 53 -2.87 8.19 -17.87
C HIS A 53 -3.34 7.97 -16.44
N LEU A 54 -4.39 7.18 -16.27
CA LEU A 54 -4.94 6.90 -14.95
C LEU A 54 -4.02 5.98 -14.15
N ARG A 55 -3.65 4.85 -14.77
CA ARG A 55 -2.76 3.89 -14.12
C ARG A 55 -1.37 4.48 -13.92
N GLN A 56 -0.97 5.37 -14.83
CA GLN A 56 0.34 6.00 -14.75
C GLN A 56 0.48 6.80 -13.46
N LYS A 57 -0.63 7.34 -12.98
CA LYS A 57 -0.62 8.12 -11.74
C LYS A 57 -0.41 7.22 -10.53
N TRP A 58 -1.07 6.07 -10.53
CA TRP A 58 -0.96 5.13 -9.42
C TRP A 58 0.39 4.41 -9.47
N GLN A 59 0.88 4.16 -10.67
CA GLN A 59 2.17 3.48 -10.84
C GLN A 59 3.29 4.26 -10.17
N GLN A 60 3.39 5.54 -10.52
CA GLN A 60 4.43 6.40 -9.95
C GLN A 60 4.35 6.43 -8.43
N VAL A 61 3.15 6.72 -7.91
CA VAL A 61 2.93 6.79 -6.47
C VAL A 61 3.15 5.41 -5.83
N TRP A 62 2.78 4.37 -6.55
CA TRP A 62 2.93 3.00 -6.06
C TRP A 62 4.36 2.75 -5.59
N GLN A 63 5.33 3.14 -6.41
CA GLN A 63 6.73 2.96 -6.08
C GLN A 63 7.05 3.54 -4.70
N GLU A 64 6.56 4.74 -4.44
CA GLU A 64 6.79 5.40 -3.16
C GLU A 64 6.28 4.54 -2.00
N ILE A 65 5.10 3.97 -2.18
CA ILE A 65 4.51 3.13 -1.14
C ILE A 65 5.41 1.93 -0.82
N ASN A 66 6.06 1.40 -1.84
CA ASN A 66 6.95 0.26 -1.68
C ASN A 66 8.25 0.68 -1.00
N VAL A 67 8.66 1.92 -1.24
CA VAL A 67 9.89 2.45 -0.65
C VAL A 67 9.71 2.71 0.85
N GLU A 68 8.64 3.43 1.19
CA GLU A 68 8.35 3.75 2.59
C GLU A 68 8.27 2.48 3.43
N ALA A 69 7.66 1.44 2.87
CA ALA A 69 7.53 0.17 3.57
C ALA A 69 8.88 -0.41 3.93
N LYS A 70 9.88 -0.13 3.10
CA LYS A 70 11.23 -0.63 3.33
C LYS A 70 11.83 -0.01 4.59
N GLN A 71 11.61 1.30 4.76
CA GLN A 71 12.13 2.01 5.93
C GLN A 71 11.69 1.32 7.22
N VAL A 72 10.38 1.16 7.39
CA VAL A 72 9.83 0.53 8.59
C VAL A 72 10.58 -0.76 8.91
N LYS A 73 11.00 -1.47 7.86
CA LYS A 73 11.73 -2.72 8.04
C LYS A 73 13.09 -2.48 8.68
N ASP A 74 13.69 -1.33 8.38
CA ASP A 74 14.99 -0.97 8.93
C ASP A 74 14.86 -0.54 10.39
N ILE A 75 14.04 0.49 10.63
CA ILE A 75 13.84 1.00 11.97
C ILE A 75 13.48 -0.12 12.94
N MET A 76 12.65 -1.05 12.47
CA MET A 76 12.23 -2.18 13.29
C MET A 76 13.40 -3.14 13.53
N LYS A 77 14.40 -3.07 12.68
CA LYS A 77 15.58 -3.93 12.80
C LYS A 77 16.58 -3.33 13.79
N THR A 78 17.19 -4.20 14.60
CA THR A 78 18.16 -3.77 15.60
C THR A 78 19.30 -2.99 14.94
N SER A 2 -13.21 -8.75 6.25
CA SER A 2 -14.62 -8.71 5.86
C SER A 2 -14.76 -8.59 4.34
N ASP A 3 -15.94 -8.89 3.84
CA ASP A 3 -16.21 -8.81 2.41
C ASP A 3 -17.15 -7.64 2.11
N HIS A 4 -16.57 -6.50 1.78
CA HIS A 4 -17.34 -5.30 1.46
C HIS A 4 -17.56 -5.18 -0.05
N MET A 5 -18.51 -4.33 -0.43
CA MET A 5 -18.82 -4.12 -1.84
C MET A 5 -17.83 -3.15 -2.48
N THR A 6 -17.74 -1.96 -1.91
CA THR A 6 -16.84 -0.92 -2.42
C THR A 6 -15.56 -1.53 -2.97
N MET A 7 -15.17 -1.12 -4.17
CA MET A 7 -13.97 -1.63 -4.80
C MET A 7 -13.12 -0.49 -5.35
N SER A 8 -12.97 0.57 -4.55
CA SER A 8 -12.19 1.72 -4.96
C SER A 8 -10.71 1.54 -4.60
N LEU A 9 -9.86 2.35 -5.21
CA LEU A 9 -8.42 2.28 -4.95
C LEU A 9 -8.08 2.82 -3.57
N GLN A 10 -8.93 3.73 -3.07
CA GLN A 10 -8.72 4.33 -1.76
C GLN A 10 -8.71 3.27 -0.67
N MET A 11 -9.69 2.37 -0.72
CA MET A 11 -9.80 1.29 0.27
C MET A 11 -8.48 0.54 0.39
N ILE A 12 -7.62 0.69 -0.61
CA ILE A 12 -6.32 0.02 -0.62
C ILE A 12 -5.24 0.91 -0.01
N VAL A 13 -4.97 2.03 -0.67
CA VAL A 13 -3.95 2.97 -0.21
C VAL A 13 -4.20 3.35 1.25
N GLU A 14 -5.47 3.40 1.64
CA GLU A 14 -5.84 3.76 3.00
C GLU A 14 -5.20 2.81 4.01
N ASN A 15 -5.16 1.53 3.66
CA ASN A 15 -4.57 0.52 4.53
C ASN A 15 -3.13 0.90 4.91
N VAL A 16 -2.42 1.51 3.96
CA VAL A 16 -1.05 1.93 4.20
C VAL A 16 -0.94 2.84 5.41
N LYS A 17 -1.78 3.88 5.45
CA LYS A 17 -1.79 4.82 6.55
C LYS A 17 -1.86 4.09 7.89
N LEU A 18 -2.65 3.01 7.93
CA LEU A 18 -2.81 2.23 9.15
C LEU A 18 -1.53 1.46 9.48
N ALA A 19 -0.91 0.88 8.46
CA ALA A 19 0.32 0.12 8.64
C ALA A 19 1.45 1.03 9.11
N ARG A 20 1.56 2.20 8.49
CA ARG A 20 2.60 3.15 8.85
C ARG A 20 2.51 3.53 10.33
N GLU A 21 1.30 3.69 10.81
CA GLU A 21 1.08 4.05 12.21
C GLU A 21 1.58 2.95 13.14
N TYR A 22 1.33 1.70 12.77
CA TYR A 22 1.75 0.57 13.56
C TYR A 22 3.27 0.50 13.66
N ALA A 23 3.95 0.77 12.54
CA ALA A 23 5.41 0.74 12.51
C ALA A 23 5.99 1.69 13.54
N LEU A 24 5.34 2.83 13.73
CA LEU A 24 5.81 3.82 14.69
C LEU A 24 5.55 3.36 16.12
N LEU A 25 4.31 2.98 16.40
CA LEU A 25 3.92 2.53 17.72
C LEU A 25 4.89 1.45 18.23
N GLY A 26 5.43 0.67 17.31
CA GLY A 26 6.38 -0.37 17.67
C GLY A 26 6.08 -1.68 16.97
N ASN A 27 4.88 -1.81 16.44
CA ASN A 27 4.48 -3.03 15.74
C ASN A 27 4.79 -2.92 14.25
N TYR A 28 5.99 -3.31 13.87
CA TYR A 28 6.42 -3.26 12.48
C TYR A 28 5.97 -4.52 11.73
N ASP A 29 6.12 -5.67 12.38
CA ASP A 29 5.73 -6.94 11.78
C ASP A 29 4.30 -6.87 11.24
N SER A 30 3.42 -6.24 12.00
CA SER A 30 2.02 -6.10 11.61
C SER A 30 1.88 -5.20 10.38
N ALA A 31 2.82 -4.27 10.24
CA ALA A 31 2.81 -3.34 9.12
C ALA A 31 3.25 -4.04 7.83
N MET A 32 4.18 -4.98 7.97
CA MET A 32 4.69 -5.71 6.82
C MET A 32 3.55 -6.41 6.07
N VAL A 33 2.81 -7.25 6.78
CA VAL A 33 1.70 -7.98 6.19
C VAL A 33 0.71 -7.03 5.53
N TYR A 34 0.54 -5.86 6.13
CA TYR A 34 -0.38 -4.85 5.61
C TYR A 34 0.14 -4.25 4.31
N TYR A 35 1.37 -3.73 4.37
CA TYR A 35 1.99 -3.13 3.19
C TYR A 35 2.01 -4.09 2.01
N GLN A 36 2.43 -5.33 2.27
CA GLN A 36 2.49 -6.34 1.24
C GLN A 36 1.13 -6.55 0.60
N GLY A 37 0.08 -6.39 1.39
CA GLY A 37 -1.27 -6.57 0.88
C GLY A 37 -1.71 -5.40 0.00
N VAL A 38 -1.39 -4.19 0.42
CA VAL A 38 -1.75 -2.99 -0.33
C VAL A 38 -1.02 -2.94 -1.66
N LEU A 39 0.26 -3.27 -1.64
CA LEU A 39 1.08 -3.26 -2.85
C LEU A 39 0.62 -4.35 -3.82
N ASP A 40 0.21 -5.49 -3.27
CA ASP A 40 -0.25 -6.60 -4.09
C ASP A 40 -1.60 -6.29 -4.72
N GLN A 41 -2.55 -5.84 -3.90
CA GLN A 41 -3.88 -5.51 -4.39
C GLN A 41 -3.83 -4.32 -5.36
N MET A 42 -3.06 -3.31 -5.00
CA MET A 42 -2.92 -2.13 -5.84
C MET A 42 -2.50 -2.50 -7.25
N ASN A 43 -1.47 -3.33 -7.36
CA ASN A 43 -0.97 -3.77 -8.66
C ASN A 43 -2.09 -4.37 -9.49
N LYS A 44 -2.85 -5.27 -8.87
CA LYS A 44 -3.96 -5.93 -9.56
C LYS A 44 -4.88 -4.90 -10.22
N TYR A 45 -5.05 -3.76 -9.56
CA TYR A 45 -5.91 -2.70 -10.09
C TYR A 45 -5.25 -2.01 -11.27
N LEU A 46 -4.02 -1.54 -11.08
CA LEU A 46 -3.28 -0.86 -12.13
C LEU A 46 -3.25 -1.69 -13.40
N TYR A 47 -3.13 -3.00 -13.24
CA TYR A 47 -3.09 -3.91 -14.38
C TYR A 47 -4.44 -3.96 -15.09
N SER A 48 -5.51 -3.84 -14.32
CA SER A 48 -6.87 -3.87 -14.86
C SER A 48 -7.26 -2.50 -15.42
N VAL A 49 -6.27 -1.63 -15.56
CA VAL A 49 -6.51 -0.28 -16.07
C VAL A 49 -6.33 -0.24 -17.59
N LYS A 50 -6.89 0.78 -18.22
CA LYS A 50 -6.79 0.95 -19.67
C LYS A 50 -6.22 2.32 -20.02
N ASP A 51 -6.54 3.32 -19.20
CA ASP A 51 -6.05 4.67 -19.43
C ASP A 51 -4.68 4.87 -18.79
N THR A 52 -3.66 5.08 -19.64
CA THR A 52 -2.30 5.28 -19.16
C THR A 52 -2.25 6.35 -18.08
N HIS A 53 -3.07 7.39 -18.25
CA HIS A 53 -3.11 8.49 -17.28
C HIS A 53 -3.69 8.01 -15.96
N LEU A 54 -4.63 7.08 -16.02
CA LEU A 54 -5.26 6.54 -14.82
C LEU A 54 -4.27 5.73 -13.99
N ARG A 55 -3.59 4.79 -14.66
CA ARG A 55 -2.61 3.94 -13.99
C ARG A 55 -1.34 4.73 -13.67
N GLN A 56 -1.05 5.73 -14.50
CA GLN A 56 0.15 6.55 -14.31
C GLN A 56 0.09 7.28 -12.97
N LYS A 57 -1.12 7.64 -12.55
CA LYS A 57 -1.31 8.35 -11.29
C LYS A 57 -0.99 7.44 -10.10
N TRP A 58 -1.61 6.25 -10.09
CA TRP A 58 -1.39 5.29 -9.01
C TRP A 58 0.06 4.82 -9.00
N GLN A 59 0.66 4.71 -10.18
CA GLN A 59 2.04 4.26 -10.30
C GLN A 59 2.97 5.15 -9.47
N GLN A 60 2.71 6.44 -9.47
CA GLN A 60 3.52 7.40 -8.73
C GLN A 60 3.40 7.15 -7.23
N VAL A 61 2.20 6.81 -6.78
CA VAL A 61 1.95 6.55 -5.37
C VAL A 61 2.55 5.21 -4.94
N TRP A 62 2.35 4.19 -5.77
CA TRP A 62 2.87 2.86 -5.48
C TRP A 62 4.37 2.91 -5.19
N GLN A 63 5.05 3.87 -5.79
CA GLN A 63 6.48 4.03 -5.60
C GLN A 63 6.80 4.46 -4.16
N GLU A 64 6.07 5.45 -3.68
CA GLU A 64 6.26 5.95 -2.32
C GLU A 64 5.76 4.94 -1.30
N ILE A 65 4.60 4.36 -1.56
CA ILE A 65 4.01 3.38 -0.66
C ILE A 65 4.93 2.17 -0.48
N ASN A 66 5.63 1.81 -1.55
CA ASN A 66 6.55 0.68 -1.51
C ASN A 66 7.82 1.03 -0.73
N VAL A 67 8.45 2.12 -1.12
CA VAL A 67 9.68 2.58 -0.45
C VAL A 67 9.49 2.64 1.06
N GLU A 68 8.32 3.12 1.49
CA GLU A 68 8.02 3.22 2.91
C GLU A 68 8.02 1.85 3.58
N ALA A 69 7.42 0.87 2.91
CA ALA A 69 7.36 -0.48 3.44
C ALA A 69 8.76 -1.05 3.65
N LYS A 70 9.69 -0.63 2.82
CA LYS A 70 11.07 -1.09 2.91
C LYS A 70 11.78 -0.47 4.11
N GLN A 71 11.50 0.81 4.35
CA GLN A 71 12.11 1.53 5.47
C GLN A 71 11.73 0.89 6.80
N VAL A 72 10.43 0.68 6.99
CA VAL A 72 9.92 0.09 8.22
C VAL A 72 10.72 -1.16 8.59
N LYS A 73 11.15 -1.90 7.57
CA LYS A 73 11.93 -3.12 7.79
C LYS A 73 13.27 -2.81 8.44
N ASP A 74 13.82 -1.64 8.10
CA ASP A 74 15.10 -1.22 8.66
C ASP A 74 14.93 -0.69 10.08
N ILE A 75 14.01 0.25 10.24
CA ILE A 75 13.74 0.85 11.54
C ILE A 75 13.38 -0.22 12.57
N MET A 76 12.58 -1.20 12.15
CA MET A 76 12.17 -2.28 13.03
C MET A 76 13.34 -3.18 13.39
N LYS A 77 13.35 -3.69 14.61
CA LYS A 77 14.42 -4.57 15.07
C LYS A 77 14.05 -6.04 14.86
N THR A 78 14.91 -6.94 15.34
CA THR A 78 14.67 -8.36 15.20
C THR A 78 13.64 -8.85 16.22
N SER A 2 -16.63 -9.87 4.16
CA SER A 2 -17.82 -10.43 4.80
C SER A 2 -19.06 -9.60 4.46
N ASP A 3 -18.92 -8.28 4.55
CA ASP A 3 -20.03 -7.38 4.26
C ASP A 3 -19.87 -6.75 2.87
N HIS A 4 -20.95 -6.19 2.36
CA HIS A 4 -20.94 -5.56 1.04
C HIS A 4 -19.91 -4.43 1.00
N MET A 5 -19.20 -4.33 -0.11
CA MET A 5 -18.19 -3.30 -0.28
C MET A 5 -17.68 -3.25 -1.72
N THR A 6 -17.03 -2.15 -2.08
CA THR A 6 -16.50 -1.98 -3.43
C THR A 6 -15.00 -1.73 -3.41
N MET A 7 -14.28 -2.40 -4.30
CA MET A 7 -12.82 -2.24 -4.38
C MET A 7 -12.46 -1.06 -5.29
N SER A 8 -12.58 0.15 -4.76
CA SER A 8 -12.26 1.34 -5.52
C SER A 8 -10.94 1.95 -5.06
N LEU A 9 -9.90 1.12 -5.01
CA LEU A 9 -8.59 1.59 -4.58
C LEU A 9 -8.68 2.38 -3.28
N GLN A 10 -9.42 1.84 -2.32
CA GLN A 10 -9.59 2.50 -1.04
C GLN A 10 -8.82 1.76 0.06
N MET A 11 -9.21 0.52 0.31
CA MET A 11 -8.56 -0.29 1.33
C MET A 11 -7.05 -0.34 1.11
N ILE A 12 -6.64 -0.28 -0.15
CA ILE A 12 -5.22 -0.31 -0.49
C ILE A 12 -4.49 0.89 0.09
N VAL A 13 -4.83 2.08 -0.40
CA VAL A 13 -4.21 3.31 0.07
C VAL A 13 -4.52 3.55 1.54
N GLU A 14 -5.70 3.11 1.97
CA GLU A 14 -6.11 3.28 3.37
C GLU A 14 -5.28 2.39 4.29
N ASN A 15 -5.07 1.15 3.87
CA ASN A 15 -4.30 0.19 4.67
C ASN A 15 -2.93 0.77 5.03
N VAL A 16 -2.36 1.53 4.10
CA VAL A 16 -1.05 2.14 4.32
C VAL A 16 -1.04 2.99 5.59
N LYS A 17 -2.07 3.81 5.74
CA LYS A 17 -2.19 4.68 6.91
C LYS A 17 -2.27 3.85 8.19
N LEU A 18 -2.96 2.72 8.11
CA LEU A 18 -3.12 1.85 9.27
C LEU A 18 -1.80 1.14 9.60
N ALA A 19 -1.09 0.72 8.57
CA ALA A 19 0.19 0.04 8.75
C ALA A 19 1.24 0.99 9.31
N ARG A 20 1.37 2.15 8.68
CA ARG A 20 2.35 3.15 9.11
C ARG A 20 2.15 3.50 10.59
N GLU A 21 0.89 3.48 11.03
CA GLU A 21 0.58 3.79 12.42
C GLU A 21 1.06 2.70 13.35
N TYR A 22 0.98 1.45 12.88
CA TYR A 22 1.41 0.31 13.68
C TYR A 22 2.93 0.28 13.81
N ALA A 23 3.62 0.78 12.79
CA ALA A 23 5.08 0.82 12.80
C ALA A 23 5.60 1.75 13.89
N LEU A 24 4.89 2.85 14.09
CA LEU A 24 5.29 3.83 15.11
C LEU A 24 5.00 3.30 16.51
N LEU A 25 3.76 2.89 16.74
CA LEU A 25 3.35 2.37 18.04
C LEU A 25 4.35 1.33 18.55
N GLY A 26 4.91 0.56 17.62
CA GLY A 26 5.88 -0.46 17.99
C GLY A 26 5.67 -1.76 17.24
N ASN A 27 4.50 -1.92 16.63
CA ASN A 27 4.18 -3.12 15.89
C ASN A 27 4.53 -2.95 14.41
N TYR A 28 5.77 -3.29 14.07
CA TYR A 28 6.24 -3.17 12.70
C TYR A 28 5.82 -4.39 11.87
N ASP A 29 5.94 -5.57 12.47
CA ASP A 29 5.59 -6.81 11.80
C ASP A 29 4.17 -6.72 11.22
N SER A 30 3.29 -6.04 11.94
CA SER A 30 1.91 -5.89 11.49
C SER A 30 1.83 -4.95 10.28
N ALA A 31 2.78 -4.04 10.19
CA ALA A 31 2.82 -3.10 9.07
C ALA A 31 3.27 -3.78 7.79
N MET A 32 4.17 -4.75 7.92
CA MET A 32 4.68 -5.47 6.77
C MET A 32 3.56 -6.22 6.05
N VAL A 33 2.82 -7.04 6.80
CA VAL A 33 1.72 -7.81 6.24
C VAL A 33 0.75 -6.90 5.48
N TYR A 34 0.47 -5.74 6.04
CA TYR A 34 -0.44 -4.78 5.41
C TYR A 34 0.21 -4.16 4.16
N TYR A 35 1.44 -3.69 4.33
CA TYR A 35 2.16 -3.06 3.23
C TYR A 35 2.23 -3.99 2.02
N GLN A 36 2.72 -5.21 2.23
CA GLN A 36 2.84 -6.19 1.17
C GLN A 36 1.52 -6.34 0.42
N GLY A 37 0.41 -6.21 1.15
CA GLY A 37 -0.90 -6.32 0.55
C GLY A 37 -1.26 -5.12 -0.31
N VAL A 38 -1.02 -3.93 0.22
CA VAL A 38 -1.32 -2.70 -0.51
C VAL A 38 -0.73 -2.74 -1.91
N LEU A 39 0.60 -2.89 -1.99
CA LEU A 39 1.28 -2.94 -3.27
C LEU A 39 0.64 -3.96 -4.20
N ASP A 40 0.25 -5.10 -3.64
CA ASP A 40 -0.39 -6.16 -4.42
C ASP A 40 -1.75 -5.72 -4.93
N GLN A 41 -2.54 -5.12 -4.05
CA GLN A 41 -3.87 -4.64 -4.42
C GLN A 41 -3.78 -3.51 -5.43
N MET A 42 -2.78 -2.66 -5.27
CA MET A 42 -2.59 -1.53 -6.18
C MET A 42 -2.44 -2.01 -7.63
N ASN A 43 -1.54 -2.96 -7.84
CA ASN A 43 -1.31 -3.51 -9.18
C ASN A 43 -2.61 -4.02 -9.78
N LYS A 44 -3.36 -4.78 -9.00
CA LYS A 44 -4.63 -5.34 -9.46
C LYS A 44 -5.52 -4.24 -10.05
N TYR A 45 -5.51 -3.08 -9.41
CA TYR A 45 -6.33 -1.96 -9.88
C TYR A 45 -5.84 -1.46 -11.24
N LEU A 46 -4.55 -1.21 -11.34
CA LEU A 46 -3.96 -0.73 -12.58
C LEU A 46 -4.15 -1.74 -13.70
N TYR A 47 -4.14 -3.03 -13.34
CA TYR A 47 -4.31 -4.10 -14.32
C TYR A 47 -5.76 -4.19 -14.76
N SER A 48 -6.64 -3.50 -14.06
CA SER A 48 -8.07 -3.51 -14.38
C SER A 48 -8.45 -2.28 -15.18
N VAL A 49 -7.63 -1.23 -15.06
CA VAL A 49 -7.89 0.02 -15.77
C VAL A 49 -6.96 0.15 -16.98
N LYS A 50 -7.49 0.68 -18.07
CA LYS A 50 -6.71 0.87 -19.29
C LYS A 50 -6.28 2.33 -19.43
N ASP A 51 -6.97 3.22 -18.73
CA ASP A 51 -6.66 4.64 -18.79
C ASP A 51 -5.18 4.89 -18.46
N THR A 52 -4.35 4.83 -19.49
CA THR A 52 -2.91 5.03 -19.32
C THR A 52 -2.64 6.14 -18.30
N HIS A 53 -3.21 7.31 -18.53
CA HIS A 53 -3.03 8.44 -17.61
C HIS A 53 -3.42 8.06 -16.19
N LEU A 54 -4.43 7.21 -16.07
CA LEU A 54 -4.90 6.76 -14.76
C LEU A 54 -3.90 5.82 -14.12
N ARG A 55 -3.28 4.97 -14.93
CA ARG A 55 -2.30 4.01 -14.44
C ARG A 55 -0.99 4.71 -14.06
N GLN A 56 -0.48 5.51 -14.99
CA GLN A 56 0.77 6.23 -14.75
C GLN A 56 0.68 7.05 -13.47
N LYS A 57 -0.51 7.55 -13.15
CA LYS A 57 -0.72 8.34 -11.96
C LYS A 57 -0.43 7.53 -10.70
N TRP A 58 -1.04 6.35 -10.61
CA TRP A 58 -0.84 5.48 -9.46
C TRP A 58 0.55 4.84 -9.49
N GLN A 59 1.05 4.56 -10.69
CA GLN A 59 2.36 3.97 -10.85
C GLN A 59 3.44 4.82 -10.20
N GLN A 60 3.22 6.14 -10.19
CA GLN A 60 4.17 7.06 -9.59
C GLN A 60 4.18 6.93 -8.07
N VAL A 61 2.98 6.80 -7.49
CA VAL A 61 2.84 6.67 -6.04
C VAL A 61 3.30 5.29 -5.57
N TRP A 62 3.06 4.28 -6.39
CA TRP A 62 3.44 2.91 -6.06
C TRP A 62 4.92 2.84 -5.67
N GLN A 63 5.73 3.68 -6.29
CA GLN A 63 7.16 3.71 -6.01
C GLN A 63 7.42 4.10 -4.56
N GLU A 64 6.62 5.03 -4.05
CA GLU A 64 6.76 5.51 -2.68
C GLU A 64 6.24 4.45 -1.68
N ILE A 65 5.24 3.69 -2.12
CA ILE A 65 4.66 2.65 -1.28
C ILE A 65 5.69 1.58 -0.94
N ASN A 66 6.50 1.21 -1.91
CA ASN A 66 7.54 0.20 -1.72
C ASN A 66 8.60 0.69 -0.74
N VAL A 67 9.20 1.83 -1.04
CA VAL A 67 10.23 2.40 -0.18
C VAL A 67 9.70 2.65 1.23
N GLU A 68 8.44 3.07 1.31
CA GLU A 68 7.81 3.34 2.60
C GLU A 68 7.83 2.09 3.49
N ALA A 69 7.47 0.95 2.91
CA ALA A 69 7.44 -0.30 3.65
C ALA A 69 8.86 -0.77 3.98
N LYS A 70 9.80 -0.45 3.10
CA LYS A 70 11.19 -0.83 3.30
C LYS A 70 11.80 -0.10 4.48
N GLN A 71 11.46 1.18 4.62
CA GLN A 71 11.97 1.99 5.72
C GLN A 71 11.67 1.33 7.07
N VAL A 72 10.44 0.84 7.21
CA VAL A 72 10.04 0.19 8.45
C VAL A 72 10.93 -1.00 8.77
N LYS A 73 11.38 -1.69 7.73
CA LYS A 73 12.25 -2.86 7.91
C LYS A 73 13.49 -2.49 8.71
N ASP A 74 13.96 -1.26 8.54
CA ASP A 74 15.14 -0.78 9.24
C ASP A 74 14.79 -0.37 10.67
N ILE A 75 13.84 0.56 10.79
CA ILE A 75 13.41 1.04 12.10
C ILE A 75 12.99 -0.13 13.01
N MET A 76 12.47 -1.18 12.40
CA MET A 76 12.03 -2.35 13.15
C MET A 76 13.16 -3.35 13.30
N LYS A 77 14.19 -3.20 12.47
CA LYS A 77 15.35 -4.10 12.51
C LYS A 77 16.53 -3.42 13.22
N THR A 78 17.30 -4.22 13.97
CA THR A 78 18.45 -3.70 14.68
C THR A 78 19.57 -3.32 13.73
N SER A 2 -18.99 13.57 4.25
CA SER A 2 -19.13 12.71 3.08
C SER A 2 -18.31 11.43 3.25
N ASP A 3 -18.81 10.34 2.66
CA ASP A 3 -18.13 9.05 2.74
C ASP A 3 -17.82 8.52 1.35
N HIS A 4 -16.85 7.61 1.27
CA HIS A 4 -16.46 7.02 0.00
C HIS A 4 -17.31 5.79 -0.31
N MET A 5 -18.33 5.98 -1.15
CA MET A 5 -19.21 4.89 -1.53
C MET A 5 -18.54 3.96 -2.54
N THR A 6 -17.67 4.53 -3.36
CA THR A 6 -16.96 3.76 -4.37
C THR A 6 -15.80 2.98 -3.75
N MET A 7 -14.84 3.72 -3.21
CA MET A 7 -13.67 3.10 -2.59
C MET A 7 -12.88 2.29 -3.61
N SER A 8 -12.67 2.87 -4.79
CA SER A 8 -11.94 2.20 -5.85
C SER A 8 -10.54 1.79 -5.36
N LEU A 9 -9.75 2.78 -4.94
CA LEU A 9 -8.40 2.52 -4.46
C LEU A 9 -8.20 3.13 -3.07
N GLN A 10 -9.26 3.13 -2.28
CA GLN A 10 -9.19 3.68 -0.92
C GLN A 10 -8.79 2.60 0.09
N MET A 11 -9.65 1.59 0.24
CA MET A 11 -9.38 0.51 1.18
C MET A 11 -7.96 -0.02 1.00
N ILE A 12 -7.36 0.28 -0.15
CA ILE A 12 -6.01 -0.17 -0.44
C ILE A 12 -4.97 0.76 0.18
N VAL A 13 -4.93 2.00 -0.31
CA VAL A 13 -3.99 2.99 0.20
C VAL A 13 -4.23 3.28 1.68
N GLU A 14 -5.50 3.32 2.06
CA GLU A 14 -5.88 3.59 3.45
C GLU A 14 -5.15 2.64 4.40
N ASN A 15 -5.06 1.37 4.01
CA ASN A 15 -4.39 0.37 4.83
C ASN A 15 -2.98 0.82 5.18
N VAL A 16 -2.34 1.54 4.27
CA VAL A 16 -0.98 2.03 4.49
C VAL A 16 -0.90 2.86 5.77
N LYS A 17 -1.91 3.71 5.98
CA LYS A 17 -1.95 4.57 7.16
C LYS A 17 -2.03 3.72 8.44
N LEU A 18 -2.71 2.59 8.35
CA LEU A 18 -2.86 1.70 9.49
C LEU A 18 -1.54 0.99 9.82
N ALA A 19 -0.81 0.62 8.77
CA ALA A 19 0.47 -0.05 8.94
C ALA A 19 1.55 0.93 9.39
N ARG A 20 1.61 2.07 8.72
CA ARG A 20 2.60 3.10 9.05
C ARG A 20 2.54 3.45 10.54
N GLU A 21 1.33 3.48 11.08
CA GLU A 21 1.14 3.81 12.50
C GLU A 21 1.69 2.70 13.39
N TYR A 22 1.35 1.46 13.05
CA TYR A 22 1.81 0.31 13.83
C TYR A 22 3.34 0.29 13.92
N ALA A 23 3.99 0.72 12.85
CA ALA A 23 5.45 0.75 12.81
C ALA A 23 6.02 1.68 13.88
N LEU A 24 5.30 2.78 14.13
CA LEU A 24 5.72 3.75 15.12
C LEU A 24 5.49 3.23 16.54
N LEU A 25 4.26 2.78 16.80
CA LEU A 25 3.91 2.24 18.11
C LEU A 25 4.93 1.20 18.57
N GLY A 26 5.35 0.35 17.64
CA GLY A 26 6.32 -0.69 17.96
C GLY A 26 6.07 -1.98 17.21
N ASN A 27 4.88 -2.09 16.63
CA ASN A 27 4.51 -3.29 15.87
C ASN A 27 4.77 -3.09 14.38
N TYR A 28 5.99 -3.44 13.96
CA TYR A 28 6.36 -3.30 12.55
C TYR A 28 5.92 -4.51 11.74
N ASP A 29 6.06 -5.69 12.34
CA ASP A 29 5.66 -6.93 11.67
C ASP A 29 4.23 -6.82 11.12
N SER A 30 3.36 -6.20 11.89
CA SER A 30 1.96 -6.03 11.49
C SER A 30 1.85 -5.09 10.30
N ALA A 31 2.81 -4.18 10.19
CA ALA A 31 2.82 -3.21 9.09
C ALA A 31 3.26 -3.86 7.79
N MET A 32 4.17 -4.83 7.90
CA MET A 32 4.68 -5.54 6.73
C MET A 32 3.55 -6.24 5.98
N VAL A 33 2.84 -7.11 6.70
CA VAL A 33 1.73 -7.86 6.11
C VAL A 33 0.73 -6.92 5.44
N TYR A 34 0.51 -5.76 6.07
CA TYR A 34 -0.43 -4.78 5.54
C TYR A 34 0.13 -4.12 4.28
N TYR A 35 1.36 -3.61 4.38
CA TYR A 35 2.01 -2.95 3.26
C TYR A 35 2.03 -3.86 2.04
N GLN A 36 2.58 -5.05 2.19
CA GLN A 36 2.66 -6.01 1.10
C GLN A 36 1.31 -6.20 0.44
N GLY A 37 0.25 -6.22 1.25
CA GLY A 37 -1.09 -6.39 0.72
C GLY A 37 -1.54 -5.21 -0.12
N VAL A 38 -1.21 -4.00 0.33
CA VAL A 38 -1.59 -2.80 -0.39
C VAL A 38 -0.96 -2.76 -1.77
N LEU A 39 0.33 -3.08 -1.84
CA LEU A 39 1.05 -3.09 -3.10
C LEU A 39 0.46 -4.12 -4.06
N ASP A 40 0.15 -5.30 -3.54
CA ASP A 40 -0.42 -6.37 -4.35
C ASP A 40 -1.80 -5.97 -4.88
N GLN A 41 -2.64 -5.46 -3.99
CA GLN A 41 -3.99 -5.04 -4.37
C GLN A 41 -3.94 -3.87 -5.35
N MET A 42 -2.99 -2.96 -5.12
CA MET A 42 -2.84 -1.80 -5.98
C MET A 42 -2.58 -2.22 -7.43
N ASN A 43 -1.62 -3.11 -7.62
CA ASN A 43 -1.27 -3.60 -8.95
C ASN A 43 -2.51 -4.15 -9.65
N LYS A 44 -3.26 -4.98 -8.95
CA LYS A 44 -4.46 -5.58 -9.52
C LYS A 44 -5.39 -4.50 -10.11
N TYR A 45 -5.42 -3.35 -9.45
CA TYR A 45 -6.26 -2.24 -9.91
C TYR A 45 -5.69 -1.62 -11.19
N LEU A 46 -4.38 -1.46 -11.21
CA LEU A 46 -3.69 -0.87 -12.36
C LEU A 46 -3.78 -1.79 -13.57
N TYR A 47 -3.69 -3.10 -13.31
CA TYR A 47 -3.75 -4.09 -14.38
C TYR A 47 -5.16 -4.16 -14.98
N SER A 48 -6.15 -3.75 -14.20
CA SER A 48 -7.53 -3.78 -14.64
C SER A 48 -7.82 -2.59 -15.56
N VAL A 49 -7.22 -1.44 -15.26
CA VAL A 49 -7.41 -0.24 -16.06
C VAL A 49 -6.46 -0.21 -17.25
N LYS A 50 -6.88 0.43 -18.33
CA LYS A 50 -6.07 0.53 -19.54
C LYS A 50 -5.53 1.95 -19.70
N ASP A 51 -6.37 2.94 -19.43
CA ASP A 51 -5.97 4.34 -19.55
C ASP A 51 -4.58 4.56 -18.96
N THR A 52 -3.60 4.74 -19.84
CA THR A 52 -2.22 4.95 -19.41
C THR A 52 -2.14 6.07 -18.38
N HIS A 53 -2.91 7.13 -18.59
CA HIS A 53 -2.94 8.27 -17.68
C HIS A 53 -3.31 7.82 -16.27
N LEU A 54 -4.25 6.89 -16.18
CA LEU A 54 -4.70 6.38 -14.88
C LEU A 54 -3.61 5.56 -14.22
N ARG A 55 -3.03 4.62 -14.95
CA ARG A 55 -1.97 3.77 -14.43
C ARG A 55 -0.77 4.61 -14.01
N GLN A 56 -0.32 5.48 -14.90
CA GLN A 56 0.83 6.35 -14.63
C GLN A 56 0.63 7.11 -13.33
N LYS A 57 -0.54 7.70 -13.16
CA LYS A 57 -0.86 8.46 -11.95
C LYS A 57 -0.62 7.62 -10.70
N TRP A 58 -1.22 6.43 -10.67
CA TRP A 58 -1.07 5.54 -9.54
C TRP A 58 0.36 5.03 -9.42
N GLN A 59 1.02 4.85 -10.57
CA GLN A 59 2.40 4.37 -10.60
C GLN A 59 3.29 5.25 -9.75
N GLN A 60 3.10 6.56 -9.85
CA GLN A 60 3.91 7.52 -9.10
C GLN A 60 3.74 7.29 -7.60
N VAL A 61 2.51 7.03 -7.17
CA VAL A 61 2.22 6.80 -5.77
C VAL A 61 2.71 5.42 -5.32
N TRP A 62 2.55 4.43 -6.20
CA TRP A 62 2.98 3.07 -5.90
C TRP A 62 4.44 3.04 -5.50
N GLN A 63 5.26 3.83 -6.20
CA GLN A 63 6.69 3.89 -5.91
C GLN A 63 6.94 4.36 -4.49
N GLU A 64 6.18 5.36 -4.06
CA GLU A 64 6.32 5.91 -2.72
C GLU A 64 5.91 4.89 -1.66
N ILE A 65 4.73 4.32 -1.83
CA ILE A 65 4.22 3.32 -0.89
C ILE A 65 5.18 2.16 -0.75
N ASN A 66 5.64 1.63 -1.88
CA ASN A 66 6.58 0.51 -1.87
C ASN A 66 7.83 0.85 -1.08
N VAL A 67 8.33 2.07 -1.28
CA VAL A 67 9.52 2.52 -0.58
C VAL A 67 9.25 2.73 0.92
N GLU A 68 8.11 3.33 1.22
CA GLU A 68 7.73 3.57 2.60
C GLU A 68 7.84 2.30 3.44
N ALA A 69 7.23 1.23 2.95
CA ALA A 69 7.27 -0.05 3.65
C ALA A 69 8.71 -0.50 3.91
N LYS A 70 9.57 -0.30 2.92
CA LYS A 70 10.96 -0.69 3.04
C LYS A 70 11.58 -0.10 4.31
N GLN A 71 11.32 1.18 4.54
CA GLN A 71 11.85 1.87 5.72
C GLN A 71 11.41 1.16 7.00
N VAL A 72 10.11 1.01 7.16
CA VAL A 72 9.56 0.35 8.35
C VAL A 72 10.26 -0.97 8.62
N LYS A 73 10.66 -1.65 7.55
CA LYS A 73 11.35 -2.94 7.67
C LYS A 73 12.76 -2.74 8.23
N ASP A 74 13.37 -1.60 7.89
CA ASP A 74 14.72 -1.30 8.36
C ASP A 74 14.70 -0.83 9.80
N ILE A 75 13.81 0.10 10.11
CA ILE A 75 13.69 0.64 11.46
C ILE A 75 13.38 -0.47 12.46
N MET A 76 12.58 -1.44 12.04
CA MET A 76 12.21 -2.56 12.90
C MET A 76 13.40 -3.48 13.13
N LYS A 77 13.47 -4.07 14.32
CA LYS A 77 14.56 -4.97 14.67
C LYS A 77 14.02 -6.33 15.12
N THR A 78 14.61 -7.39 14.60
CA THR A 78 14.19 -8.75 14.96
C THR A 78 15.27 -9.47 15.74
N SER A 2 -17.88 -12.79 -5.76
CA SER A 2 -17.15 -11.60 -6.17
C SER A 2 -15.76 -11.97 -6.71
N ASP A 3 -15.63 -11.97 -8.03
CA ASP A 3 -14.37 -12.30 -8.68
C ASP A 3 -13.25 -11.41 -8.15
N HIS A 4 -13.41 -10.09 -8.32
CA HIS A 4 -12.40 -9.14 -7.86
C HIS A 4 -12.65 -8.74 -6.41
N MET A 5 -13.91 -8.45 -6.09
CA MET A 5 -14.27 -8.05 -4.73
C MET A 5 -13.69 -6.68 -4.39
N THR A 6 -13.74 -5.77 -5.35
CA THR A 6 -13.22 -4.43 -5.15
C THR A 6 -14.20 -3.37 -5.65
N MET A 7 -14.20 -2.21 -5.01
CA MET A 7 -15.10 -1.13 -5.38
C MET A 7 -14.31 0.14 -5.68
N SER A 8 -13.08 0.21 -5.18
CA SER A 8 -12.23 1.38 -5.39
C SER A 8 -10.82 1.13 -4.86
N LEU A 9 -9.90 2.01 -5.20
CA LEU A 9 -8.51 1.89 -4.76
C LEU A 9 -8.33 2.50 -3.38
N GLN A 10 -9.27 3.36 -2.99
CA GLN A 10 -9.21 4.02 -1.69
C GLN A 10 -9.15 2.99 -0.56
N MET A 11 -10.01 1.99 -0.63
CA MET A 11 -10.06 0.94 0.38
C MET A 11 -8.70 0.25 0.51
N ILE A 12 -7.85 0.43 -0.49
CA ILE A 12 -6.53 -0.16 -0.49
C ILE A 12 -5.49 0.79 0.08
N VAL A 13 -5.29 1.91 -0.60
CA VAL A 13 -4.33 2.92 -0.16
C VAL A 13 -4.56 3.31 1.29
N GLU A 14 -5.82 3.27 1.71
CA GLU A 14 -6.17 3.62 3.09
C GLU A 14 -5.55 2.62 4.07
N ASN A 15 -5.46 1.37 3.66
CA ASN A 15 -4.87 0.33 4.50
C ASN A 15 -3.45 0.70 4.91
N VAL A 16 -2.74 1.37 4.03
CA VAL A 16 -1.36 1.78 4.30
C VAL A 16 -1.28 2.62 5.57
N LYS A 17 -2.16 3.61 5.67
CA LYS A 17 -2.18 4.49 6.83
C LYS A 17 -2.23 3.68 8.12
N LEU A 18 -2.94 2.56 8.09
CA LEU A 18 -3.07 1.69 9.25
C LEU A 18 -1.74 1.01 9.58
N ALA A 19 -1.07 0.53 8.55
CA ALA A 19 0.22 -0.13 8.71
C ALA A 19 1.26 0.82 9.28
N ARG A 20 1.38 2.00 8.68
CA ARG A 20 2.34 3.00 9.13
C ARG A 20 2.16 3.29 10.61
N GLU A 21 0.92 3.35 11.06
CA GLU A 21 0.62 3.62 12.47
C GLU A 21 1.17 2.52 13.36
N TYR A 22 1.14 1.29 12.87
CA TYR A 22 1.63 0.15 13.63
C TYR A 22 3.16 0.22 13.79
N ALA A 23 3.82 0.78 12.78
CA ALA A 23 5.28 0.91 12.82
C ALA A 23 5.70 1.91 13.90
N LEU A 24 4.96 3.01 14.03
CA LEU A 24 5.26 4.03 15.01
C LEU A 24 5.09 3.49 16.43
N LEU A 25 3.91 2.94 16.70
CA LEU A 25 3.60 2.38 18.02
C LEU A 25 4.70 1.41 18.45
N GLY A 26 5.14 0.56 17.54
CA GLY A 26 6.17 -0.41 17.84
C GLY A 26 6.00 -1.70 17.08
N ASN A 27 4.83 -1.88 16.46
CA ASN A 27 4.55 -3.08 15.69
C ASN A 27 4.87 -2.87 14.21
N TYR A 28 6.10 -3.19 13.82
CA TYR A 28 6.52 -3.02 12.43
C TYR A 28 6.17 -4.26 11.61
N ASP A 29 6.37 -5.43 12.21
CA ASP A 29 6.08 -6.69 11.53
C ASP A 29 4.67 -6.68 10.94
N SER A 30 3.72 -6.12 11.69
CA SER A 30 2.34 -6.04 11.24
C SER A 30 2.19 -5.05 10.09
N ALA A 31 2.93 -3.95 10.17
CA ALA A 31 2.88 -2.93 9.13
C ALA A 31 3.24 -3.51 7.77
N MET A 32 4.29 -4.32 7.73
CA MET A 32 4.74 -4.94 6.49
C MET A 32 3.63 -5.81 5.90
N VAL A 33 2.85 -6.45 6.77
CA VAL A 33 1.76 -7.31 6.33
C VAL A 33 0.75 -6.54 5.49
N TYR A 34 0.35 -5.37 5.99
CA TYR A 34 -0.62 -4.54 5.28
C TYR A 34 0.00 -3.92 4.04
N TYR A 35 1.22 -3.40 4.18
CA TYR A 35 1.92 -2.77 3.07
C TYR A 35 2.02 -3.73 1.89
N GLN A 36 2.57 -4.92 2.13
CA GLN A 36 2.72 -5.92 1.08
C GLN A 36 1.41 -6.16 0.36
N GLY A 37 0.31 -6.10 1.11
CA GLY A 37 -1.01 -6.31 0.51
C GLY A 37 -1.46 -5.14 -0.33
N VAL A 38 -1.27 -3.93 0.19
CA VAL A 38 -1.65 -2.71 -0.52
C VAL A 38 -0.94 -2.61 -1.87
N LEU A 39 0.36 -2.90 -1.86
CA LEU A 39 1.16 -2.84 -3.07
C LEU A 39 0.69 -3.89 -4.09
N ASP A 40 0.48 -5.10 -3.61
CA ASP A 40 0.04 -6.20 -4.46
C ASP A 40 -1.34 -5.90 -5.07
N GLN A 41 -2.28 -5.53 -4.20
CA GLN A 41 -3.64 -5.21 -4.66
C GLN A 41 -3.63 -3.98 -5.55
N MET A 42 -2.83 -2.99 -5.18
CA MET A 42 -2.74 -1.76 -5.95
C MET A 42 -2.37 -2.05 -7.41
N ASN A 43 -1.32 -2.84 -7.60
CA ASN A 43 -0.87 -3.20 -8.94
C ASN A 43 -2.00 -3.80 -9.76
N LYS A 44 -2.67 -4.79 -9.18
CA LYS A 44 -3.79 -5.46 -9.84
C LYS A 44 -4.81 -4.44 -10.34
N TYR A 45 -4.94 -3.34 -9.61
CA TYR A 45 -5.89 -2.29 -9.98
C TYR A 45 -5.40 -1.51 -11.20
N LEU A 46 -4.13 -1.12 -11.18
CA LEU A 46 -3.54 -0.37 -12.29
C LEU A 46 -3.47 -1.24 -13.54
N TYR A 47 -3.25 -2.53 -13.36
CA TYR A 47 -3.16 -3.46 -14.48
C TYR A 47 -4.54 -3.75 -15.05
N SER A 48 -5.57 -3.44 -14.28
CA SER A 48 -6.95 -3.68 -14.71
C SER A 48 -7.51 -2.46 -15.43
N VAL A 49 -7.17 -1.27 -14.93
CA VAL A 49 -7.63 -0.03 -15.53
C VAL A 49 -6.92 0.25 -16.85
N LYS A 50 -7.70 0.51 -17.89
CA LYS A 50 -7.15 0.79 -19.21
C LYS A 50 -6.56 2.20 -19.26
N ASP A 51 -7.28 3.16 -18.68
CA ASP A 51 -6.84 4.55 -18.65
C ASP A 51 -5.37 4.65 -18.23
N THR A 52 -4.47 4.61 -19.22
CA THR A 52 -3.05 4.69 -18.94
C THR A 52 -2.73 5.84 -17.99
N HIS A 53 -3.51 6.90 -18.08
CA HIS A 53 -3.31 8.07 -17.22
C HIS A 53 -3.69 7.76 -15.79
N LEU A 54 -4.72 6.94 -15.61
CA LEU A 54 -5.17 6.55 -14.28
C LEU A 54 -4.19 5.59 -13.62
N ARG A 55 -3.72 4.61 -14.38
CA ARG A 55 -2.77 3.63 -13.88
C ARG A 55 -1.39 4.25 -13.70
N GLN A 56 -0.91 4.93 -14.73
CA GLN A 56 0.39 5.57 -14.68
C GLN A 56 0.50 6.52 -13.49
N LYS A 57 -0.59 7.23 -13.21
CA LYS A 57 -0.63 8.17 -12.10
C LYS A 57 -0.38 7.45 -10.78
N TRP A 58 -1.12 6.38 -10.56
CA TRP A 58 -0.99 5.61 -9.33
C TRP A 58 0.36 4.89 -9.27
N GLN A 59 0.85 4.47 -10.43
CA GLN A 59 2.13 3.78 -10.52
C GLN A 59 3.24 4.61 -9.90
N GLN A 60 3.10 5.93 -9.96
CA GLN A 60 4.09 6.84 -9.40
C GLN A 60 4.09 6.78 -7.88
N VAL A 61 2.90 6.67 -7.30
CA VAL A 61 2.76 6.59 -5.85
C VAL A 61 3.20 5.24 -5.31
N TRP A 62 2.88 4.18 -6.07
CA TRP A 62 3.25 2.83 -5.68
C TRP A 62 4.75 2.73 -5.39
N GLN A 63 5.53 3.54 -6.09
CA GLN A 63 6.98 3.54 -5.91
C GLN A 63 7.36 3.93 -4.49
N GLU A 64 6.82 5.07 -4.03
CA GLU A 64 7.10 5.56 -2.70
C GLU A 64 6.49 4.65 -1.64
N ILE A 65 5.28 4.17 -1.92
CA ILE A 65 4.58 3.29 -0.99
C ILE A 65 5.43 2.07 -0.64
N ASN A 66 6.19 1.58 -1.61
CA ASN A 66 7.05 0.42 -1.40
C ASN A 66 8.27 0.80 -0.57
N VAL A 67 8.70 2.05 -0.69
CA VAL A 67 9.85 2.54 0.05
C VAL A 67 9.53 2.65 1.54
N GLU A 68 8.41 3.28 1.85
CA GLU A 68 7.99 3.45 3.24
C GLU A 68 8.04 2.12 4.00
N ALA A 69 7.37 1.11 3.44
CA ALA A 69 7.32 -0.21 4.04
C ALA A 69 8.72 -0.84 4.10
N LYS A 70 9.55 -0.51 3.11
CA LYS A 70 10.90 -1.03 3.04
C LYS A 70 11.75 -0.52 4.20
N GLN A 71 11.68 0.78 4.45
CA GLN A 71 12.45 1.39 5.53
C GLN A 71 12.03 0.83 6.88
N VAL A 72 10.73 0.55 7.03
CA VAL A 72 10.21 -0.01 8.27
C VAL A 72 10.93 -1.29 8.65
N LYS A 73 11.28 -2.09 7.65
CA LYS A 73 11.98 -3.35 7.87
C LYS A 73 13.28 -3.12 8.63
N ASP A 74 13.91 -1.97 8.38
CA ASP A 74 15.16 -1.62 9.05
C ASP A 74 14.90 -1.08 10.44
N ILE A 75 14.15 0.02 10.51
CA ILE A 75 13.83 0.64 11.79
C ILE A 75 13.33 -0.39 12.80
N MET A 76 12.79 -1.49 12.30
CA MET A 76 12.29 -2.56 13.15
C MET A 76 13.36 -3.59 13.43
N LYS A 77 13.12 -4.45 14.42
CA LYS A 77 14.07 -5.49 14.79
C LYS A 77 13.39 -6.59 15.59
N THR A 78 13.45 -7.81 15.07
CA THR A 78 12.84 -8.96 15.73
C THR A 78 13.28 -9.06 17.18
#